data_2UX7
# 
_entry.id   2UX7 
# 
_audit_conform.dict_name       mmcif_pdbx.dic 
_audit_conform.dict_version    5.382 
_audit_conform.dict_location   http://mmcif.pdb.org/dictionaries/ascii/mmcif_pdbx.dic 
# 
loop_
_database_2.database_id 
_database_2.database_code 
_database_2.pdbx_database_accession 
_database_2.pdbx_DOI 
PDB   2UX7         pdb_00002ux7 10.2210/pdb2ux7/pdb 
PDBE  EBI-32082    ?            ?                   
WWPDB D_1290032082 ?            ?                   
# 
loop_
_pdbx_database_related.db_name 
_pdbx_database_related.db_id 
_pdbx_database_related.content_type 
_pdbx_database_related.details 
PDB 1BQK unspecified 'OXIDIZED PSEUDOAZURIN'                                                     
PDB 1BQR unspecified 'REDUCED PSEUDOAZURIN'                                                      
PDB 1ZIA unspecified 'OXIDIZED PSEUDOAZURIN'                                                     
PDB 1ZIB unspecified 'REDUCED PSEUDOAZURIN'                                                      
PDB 2UX6 unspecified 'PSEUDOAZURIN WITH ENGINEERED AMICYANIN LIGAND LOOP, OXIDIZED FORM, PH 7.5' 
# 
_pdbx_database_status.status_code                     REL 
_pdbx_database_status.entry_id                        2UX7 
_pdbx_database_status.deposit_site                    PDBE 
_pdbx_database_status.process_site                    PDBE 
_pdbx_database_status.SG_entry                        . 
_pdbx_database_status.recvd_initial_deposition_date   2007-03-27 
_pdbx_database_status.pdb_format_compatible           Y 
_pdbx_database_status.status_code_sf                  REL 
_pdbx_database_status.status_code_mr                  ? 
_pdbx_database_status.status_code_cs                  ? 
_pdbx_database_status.methods_development_category    ? 
_pdbx_database_status.status_code_nmr_data            ? 
# 
loop_
_audit_author.name 
_audit_author.pdbx_ordinal 
'Velarde, M.'       1 
'Huber, R.'         2 
'Yanagisawa, S.'    3 
'Dennison, C.'      4 
'Messerschmidt, A.' 5 
# 
_citation.id                        primary 
_citation.title                     'Influence of loop shortening on the metal binding site of cupredoxin pseudoazurin.' 
_citation.journal_abbrev            Biochemistry 
_citation.journal_volume            46 
_citation.page_first                9981 
_citation.page_last                 9991 
_citation.year                      2007 
_citation.journal_id_ASTM           BICHAW 
_citation.country                   US 
_citation.journal_id_ISSN           0006-2960 
_citation.journal_id_CSD            0033 
_citation.book_publisher            ? 
_citation.pdbx_database_id_PubMed   17685636 
_citation.pdbx_database_id_DOI      10.1021/bi701113w 
# 
loop_
_citation_author.citation_id 
_citation_author.name 
_citation_author.ordinal 
_citation_author.identifier_ORCID 
primary 'Velarde, M.'       1 ? 
primary 'Huber, R.'         2 ? 
primary 'Yanagisawa, S.'    3 ? 
primary 'Dennison, C.'      4 ? 
primary 'Messerschmidt, A.' 5 ? 
# 
_cell.entry_id           2UX7 
_cell.length_a           105.756 
_cell.length_b           105.756 
_cell.length_c           57.280 
_cell.angle_alpha        90.00 
_cell.angle_beta         90.00 
_cell.angle_gamma        120.00 
_cell.Z_PDB              18 
_cell.pdbx_unique_axis   ? 
# 
_symmetry.entry_id                         2UX7 
_symmetry.space_group_name_H-M             'H 3 2' 
_symmetry.pdbx_full_space_group_name_H-M   ? 
_symmetry.cell_setting                     ? 
_symmetry.Int_Tables_number                155 
# 
loop_
_entity.id 
_entity.type 
_entity.src_method 
_entity.pdbx_description 
_entity.formula_weight 
_entity.pdbx_number_of_molecules 
_entity.pdbx_ec 
_entity.pdbx_mutation 
_entity.pdbx_fragment 
_entity.details 
1 polymer     man PSEUDOAZURIN      12868.755 1   ? ? ? 
'THE C-TERMINAL LIGAND-BINDING LOOP BETWEEN H81 AND M86 HAS BEEN REPLACED BY THE RESPECTIVE SHORTER LOOP OF AMICYANIN' 
2 non-polymer syn 'COPPER (II) ION' 63.546    1   ? ? ? ? 
3 non-polymer syn GLYCEROL          92.094    1   ? ? ? ? 
4 non-polymer syn 'CHLORIDE ION'    35.453    1   ? ? ? ? 
5 water       nat water             18.015    118 ? ? ? ? 
# 
_entity_name_com.entity_id   1 
_entity_name_com.name        'BLUE COPPER PROTEIN' 
# 
_entity_poly.entity_id                      1 
_entity_poly.type                           'polypeptide(L)' 
_entity_poly.nstd_linkage                   no 
_entity_poly.nstd_monomer                   no 
_entity_poly.pdbx_seq_one_letter_code       
;ADFEVHMLNKGKDGAMVFEPASLKVAPGDTVTFIPTDKGHNVETIKGMIPDGAEAFKSKINENYKVTFTAPGVYGVKCTP
HPFMVGVVQVGDAPANLEAVKGAKNPKKAQERLDAALAALGN
;
_entity_poly.pdbx_seq_one_letter_code_can   
;ADFEVHMLNKGKDGAMVFEPASLKVAPGDTVTFIPTDKGHNVETIKGMIPDGAEAFKSKINENYKVTFTAPGVYGVKCTP
HPFMVGVVQVGDAPANLEAVKGAKNPKKAQERLDAALAALGN
;
_entity_poly.pdbx_strand_id                 A 
_entity_poly.pdbx_target_identifier         ? 
# 
loop_
_entity_poly_seq.entity_id 
_entity_poly_seq.num 
_entity_poly_seq.mon_id 
_entity_poly_seq.hetero 
1 1   ALA n 
1 2   ASP n 
1 3   PHE n 
1 4   GLU n 
1 5   VAL n 
1 6   HIS n 
1 7   MET n 
1 8   LEU n 
1 9   ASN n 
1 10  LYS n 
1 11  GLY n 
1 12  LYS n 
1 13  ASP n 
1 14  GLY n 
1 15  ALA n 
1 16  MET n 
1 17  VAL n 
1 18  PHE n 
1 19  GLU n 
1 20  PRO n 
1 21  ALA n 
1 22  SER n 
1 23  LEU n 
1 24  LYS n 
1 25  VAL n 
1 26  ALA n 
1 27  PRO n 
1 28  GLY n 
1 29  ASP n 
1 30  THR n 
1 31  VAL n 
1 32  THR n 
1 33  PHE n 
1 34  ILE n 
1 35  PRO n 
1 36  THR n 
1 37  ASP n 
1 38  LYS n 
1 39  GLY n 
1 40  HIS n 
1 41  ASN n 
1 42  VAL n 
1 43  GLU n 
1 44  THR n 
1 45  ILE n 
1 46  LYS n 
1 47  GLY n 
1 48  MET n 
1 49  ILE n 
1 50  PRO n 
1 51  ASP n 
1 52  GLY n 
1 53  ALA n 
1 54  GLU n 
1 55  ALA n 
1 56  PHE n 
1 57  LYS n 
1 58  SER n 
1 59  LYS n 
1 60  ILE n 
1 61  ASN n 
1 62  GLU n 
1 63  ASN n 
1 64  TYR n 
1 65  LYS n 
1 66  VAL n 
1 67  THR n 
1 68  PHE n 
1 69  THR n 
1 70  ALA n 
1 71  PRO n 
1 72  GLY n 
1 73  VAL n 
1 74  TYR n 
1 75  GLY n 
1 76  VAL n 
1 77  LYS n 
1 78  CYS n 
1 79  THR n 
1 80  PRO n 
1 81  HIS n 
1 82  PRO n 
1 83  PHE n 
1 84  MET n 
1 85  VAL n 
1 86  GLY n 
1 87  VAL n 
1 88  VAL n 
1 89  GLN n 
1 90  VAL n 
1 91  GLY n 
1 92  ASP n 
1 93  ALA n 
1 94  PRO n 
1 95  ALA n 
1 96  ASN n 
1 97  LEU n 
1 98  GLU n 
1 99  ALA n 
1 100 VAL n 
1 101 LYS n 
1 102 GLY n 
1 103 ALA n 
1 104 LYS n 
1 105 ASN n 
1 106 PRO n 
1 107 LYS n 
1 108 LYS n 
1 109 ALA n 
1 110 GLN n 
1 111 GLU n 
1 112 ARG n 
1 113 LEU n 
1 114 ASP n 
1 115 ALA n 
1 116 ALA n 
1 117 LEU n 
1 118 ALA n 
1 119 ALA n 
1 120 LEU n 
1 121 GLY n 
1 122 ASN n 
# 
_entity_src_gen.entity_id                          1 
_entity_src_gen.pdbx_src_id                        1 
_entity_src_gen.pdbx_alt_source_flag               sample 
_entity_src_gen.pdbx_seq_type                      ? 
_entity_src_gen.pdbx_beg_seq_num                   ? 
_entity_src_gen.pdbx_end_seq_num                   ? 
_entity_src_gen.gene_src_common_name               ? 
_entity_src_gen.gene_src_genus                     ? 
_entity_src_gen.pdbx_gene_src_gene                 ? 
_entity_src_gen.gene_src_species                   ? 
_entity_src_gen.gene_src_strain                    ? 
_entity_src_gen.gene_src_tissue                    ? 
_entity_src_gen.gene_src_tissue_fraction           ? 
_entity_src_gen.gene_src_details                   ? 
_entity_src_gen.pdbx_gene_src_fragment             ? 
_entity_src_gen.pdbx_gene_src_scientific_name      'ACHROMOBACTER CYCLOCLASTES' 
_entity_src_gen.pdbx_gene_src_ncbi_taxonomy_id     223 
_entity_src_gen.pdbx_gene_src_variant              ? 
_entity_src_gen.pdbx_gene_src_cell_line            ? 
_entity_src_gen.pdbx_gene_src_atcc                 ? 
_entity_src_gen.pdbx_gene_src_organ                PERIPLASM 
_entity_src_gen.pdbx_gene_src_organelle            ? 
_entity_src_gen.pdbx_gene_src_cell                 ? 
_entity_src_gen.pdbx_gene_src_cellular_location    ? 
_entity_src_gen.host_org_common_name               ? 
_entity_src_gen.pdbx_host_org_scientific_name      'ESCHERICHIA COLI' 
_entity_src_gen.pdbx_host_org_ncbi_taxonomy_id     511693 
_entity_src_gen.host_org_genus                     ? 
_entity_src_gen.pdbx_host_org_gene                 ? 
_entity_src_gen.pdbx_host_org_organ                ? 
_entity_src_gen.host_org_species                   ? 
_entity_src_gen.pdbx_host_org_tissue               ? 
_entity_src_gen.pdbx_host_org_tissue_fraction      ? 
_entity_src_gen.pdbx_host_org_strain               BL21 
_entity_src_gen.pdbx_host_org_variant              ? 
_entity_src_gen.pdbx_host_org_cell_line            ? 
_entity_src_gen.pdbx_host_org_atcc                 ? 
_entity_src_gen.pdbx_host_org_culture_collection   ? 
_entity_src_gen.pdbx_host_org_cell                 ? 
_entity_src_gen.pdbx_host_org_organelle            ? 
_entity_src_gen.pdbx_host_org_cellular_location    ? 
_entity_src_gen.pdbx_host_org_vector_type          PLASMID 
_entity_src_gen.pdbx_host_org_vector               ? 
_entity_src_gen.host_org_details                   ? 
_entity_src_gen.expression_system_id               ? 
_entity_src_gen.plasmid_name                       'PTRCPAZAMI, PTRC99A' 
_entity_src_gen.plasmid_details                    ? 
_entity_src_gen.pdbx_description                   ? 
# 
loop_
_struct_ref.id 
_struct_ref.db_name 
_struct_ref.db_code 
_struct_ref.entity_id 
_struct_ref.pdbx_seq_one_letter_code 
_struct_ref.pdbx_align_begin 
_struct_ref.pdbx_db_accession 
_struct_ref.pdbx_db_isoform 
1 UNP AZUP_ACHCY 1 ? ? P19567 ? 
2 PDB 2UX7       1 ? ? 2UX7   ? 
# 
loop_
_struct_ref_seq.align_id 
_struct_ref_seq.ref_id 
_struct_ref_seq.pdbx_PDB_id_code 
_struct_ref_seq.pdbx_strand_id 
_struct_ref_seq.seq_align_beg 
_struct_ref_seq.pdbx_seq_align_beg_ins_code 
_struct_ref_seq.seq_align_end 
_struct_ref_seq.pdbx_seq_align_end_ins_code 
_struct_ref_seq.pdbx_db_accession 
_struct_ref_seq.db_align_beg 
_struct_ref_seq.pdbx_db_align_beg_ins_code 
_struct_ref_seq.db_align_end 
_struct_ref_seq.pdbx_db_align_end_ins_code 
_struct_ref_seq.pdbx_auth_seq_align_beg 
_struct_ref_seq.pdbx_auth_seq_align_end 
1 1 2UX7 A 1  ? 81  ? P19567 29  ? 109 ? 1  81  
2 2 2UX7 A 82 ? 83  ? 2UX7   82  ? 83  ? 82 83  
3 1 2UX7 A 84 ? 122 ? P19567 114 ? 152 ? 84 122 
# 
loop_
_chem_comp.id 
_chem_comp.type 
_chem_comp.mon_nstd_flag 
_chem_comp.name 
_chem_comp.pdbx_synonyms 
_chem_comp.formula 
_chem_comp.formula_weight 
ALA 'L-peptide linking' y ALANINE           ?                               'C3 H7 N O2'     89.093  
ARG 'L-peptide linking' y ARGININE          ?                               'C6 H15 N4 O2 1' 175.209 
ASN 'L-peptide linking' y ASPARAGINE        ?                               'C4 H8 N2 O3'    132.118 
ASP 'L-peptide linking' y 'ASPARTIC ACID'   ?                               'C4 H7 N O4'     133.103 
CL  non-polymer         . 'CHLORIDE ION'    ?                               'Cl -1'          35.453  
CU  non-polymer         . 'COPPER (II) ION' ?                               'Cu 2'           63.546  
CYS 'L-peptide linking' y CYSTEINE          ?                               'C3 H7 N O2 S'   121.158 
GLN 'L-peptide linking' y GLUTAMINE         ?                               'C5 H10 N2 O3'   146.144 
GLU 'L-peptide linking' y 'GLUTAMIC ACID'   ?                               'C5 H9 N O4'     147.129 
GLY 'peptide linking'   y GLYCINE           ?                               'C2 H5 N O2'     75.067  
GOL non-polymer         . GLYCEROL          'GLYCERIN; PROPANE-1,2,3-TRIOL' 'C3 H8 O3'       92.094  
HIS 'L-peptide linking' y HISTIDINE         ?                               'C6 H10 N3 O2 1' 156.162 
HOH non-polymer         . WATER             ?                               'H2 O'           18.015  
ILE 'L-peptide linking' y ISOLEUCINE        ?                               'C6 H13 N O2'    131.173 
LEU 'L-peptide linking' y LEUCINE           ?                               'C6 H13 N O2'    131.173 
LYS 'L-peptide linking' y LYSINE            ?                               'C6 H15 N2 O2 1' 147.195 
MET 'L-peptide linking' y METHIONINE        ?                               'C5 H11 N O2 S'  149.211 
PHE 'L-peptide linking' y PHENYLALANINE     ?                               'C9 H11 N O2'    165.189 
PRO 'L-peptide linking' y PROLINE           ?                               'C5 H9 N O2'     115.130 
SER 'L-peptide linking' y SERINE            ?                               'C3 H7 N O3'     105.093 
THR 'L-peptide linking' y THREONINE         ?                               'C4 H9 N O3'     119.119 
TYR 'L-peptide linking' y TYROSINE          ?                               'C9 H11 N O3'    181.189 
VAL 'L-peptide linking' y VALINE            ?                               'C5 H11 N O2'    117.146 
# 
_exptl.entry_id          2UX7 
_exptl.method            'X-RAY DIFFRACTION' 
_exptl.crystals_number   1 
# 
_exptl_crystal.id                    1 
_exptl_crystal.density_meas          ? 
_exptl_crystal.density_Matthews      2.12 
_exptl_crystal.density_percent_sol   41.61 
_exptl_crystal.description           'THE CRYSTALS WERE REDUCED WITH MERCAPTOETHANOL' 
_exptl_crystal.preparation           ? 
# 
_exptl_crystal_grow.crystal_id      1 
_exptl_crystal_grow.method          'VAPOR DIFFUSION, HANGING DROP' 
_exptl_crystal_grow.temp            ? 
_exptl_crystal_grow.temp_details    ? 
_exptl_crystal_grow.pH              7.5 
_exptl_crystal_grow.pdbx_pH_range   ? 
_exptl_crystal_grow.pdbx_details    
;HANGING DROP VAPOR DIFFUSION METHOD, 1 MICRO-L OF PROTEIN (20MG/ML IN 50 MM TRIS/HCL PLUS 30 MM NACL) WERE MIXED WITH 1 MICRO-L RESORVOIR SOLUTION (10 MM TRIS/HCL PLUS 2 M AMMONIUM SULFATE AND 2 M NACL). THE CRYSTALS WERE REDUCED BY ADDING 50 MM MERCAPTOETHANOL TO THE RESERVOIR SOLUTION AND BECAME COLORLESS AFTER 3 HOURS., pH 7.5
;
# 
_diffrn.id                               1 
_diffrn.ambient_temp                     100 
_diffrn.ambient_temp_details             ? 
_diffrn.crystal_id                       1 
_diffrn.pdbx_serial_crystal_experiment   ? 
# 
_diffrn_detector.diffrn_id              1 
_diffrn_detector.detector               CCD 
_diffrn_detector.type                   MARRESEARCH 
_diffrn_detector.pdbx_collection_date   2006-10-25 
_diffrn_detector.details                MIRRORS 
# 
_diffrn_radiation.diffrn_id                        1 
_diffrn_radiation.wavelength_id                    1 
_diffrn_radiation.pdbx_monochromatic_or_laue_m_l   M 
_diffrn_radiation.monochromator                    ? 
_diffrn_radiation.pdbx_diffrn_protocol             'SINGLE WAVELENGTH' 
_diffrn_radiation.pdbx_scattering_type             x-ray 
# 
_diffrn_radiation_wavelength.id           1 
_diffrn_radiation_wavelength.wavelength   1.05 
_diffrn_radiation_wavelength.wt           1.0 
# 
_diffrn_source.diffrn_id                   1 
_diffrn_source.source                      SYNCHROTRON 
_diffrn_source.type                        'MPG/DESY, HAMBURG BEAMLINE BW6' 
_diffrn_source.pdbx_synchrotron_site       'MPG/DESY, HAMBURG' 
_diffrn_source.pdbx_synchrotron_beamline   BW6 
_diffrn_source.pdbx_wavelength             1.05 
_diffrn_source.pdbx_wavelength_list        ? 
# 
_reflns.pdbx_diffrn_id               1 
_reflns.pdbx_ordinal                 1 
_reflns.entry_id                     2UX7 
_reflns.observed_criterion_sigma_I   2.0 
_reflns.observed_criterion_sigma_F   ? 
_reflns.d_resolution_low             50.00 
_reflns.d_resolution_high            1.30 
_reflns.number_obs                   29429 
_reflns.number_all                   ? 
_reflns.percent_possible_obs         97.6 
_reflns.pdbx_Rmerge_I_obs            0.094 
_reflns.pdbx_Rsym_value              ? 
_reflns.pdbx_netI_over_sigmaI        15.70 
_reflns.B_iso_Wilson_estimate        ? 
_reflns.pdbx_redundancy              15.2 
_reflns.pdbx_CC_half                 ? 
_reflns.pdbx_Rpim_I_all              ? 
_reflns.pdbx_Rrim_I_all              ? 
# 
_reflns_shell.pdbx_diffrn_id         1 
_reflns_shell.pdbx_ordinal           1 
_reflns_shell.d_res_high             1.30 
_reflns_shell.d_res_low              1.35 
_reflns_shell.percent_possible_all   94.0 
_reflns_shell.Rmerge_I_obs           0.39 
_reflns_shell.pdbx_Rsym_value        ? 
_reflns_shell.meanI_over_sigI_obs    3.60 
_reflns_shell.pdbx_redundancy        11.7 
_reflns_shell.number_measured_obs    ? 
_reflns_shell.number_unique_all      ? 
_reflns_shell.number_unique_obs      ? 
_reflns_shell.pdbx_CC_half           ? 
_reflns_shell.pdbx_Rpim_I_all        ? 
_reflns_shell.pdbx_Rrim_I_all        ? 
# 
_refine.pdbx_refine_id                           'X-RAY DIFFRACTION' 
_refine.entry_id                                 2UX7 
_refine.pdbx_diffrn_id                           1 
_refine.pdbx_TLS_residual_ADP_flag               ? 
_refine.ls_number_reflns_obs                     27910 
_refine.ls_number_reflns_all                     ? 
_refine.pdbx_ls_sigma_I                          ? 
_refine.pdbx_ls_sigma_F                          ? 
_refine.pdbx_data_cutoff_high_absF               ? 
_refine.pdbx_data_cutoff_low_absF                ? 
_refine.pdbx_data_cutoff_high_rms_absF           ? 
_refine.ls_d_res_low                             30.00 
_refine.ls_d_res_high                            1.30 
_refine.ls_percent_reflns_obs                    97.6 
_refine.ls_R_factor_obs                          0.192 
_refine.ls_R_factor_all                          ? 
_refine.ls_R_factor_R_work                       0.192 
_refine.ls_R_factor_R_free                       0.201 
_refine.ls_R_factor_R_free_error                 ? 
_refine.ls_R_factor_R_free_error_details         ? 
_refine.ls_percent_reflns_R_free                 5.100 
_refine.ls_number_reflns_R_free                  1503 
_refine.ls_number_parameters                     ? 
_refine.ls_number_restraints                     ? 
_refine.occupancy_min                            ? 
_refine.occupancy_max                            ? 
_refine.correlation_coeff_Fo_to_Fc               0.963 
_refine.correlation_coeff_Fo_to_Fc_free          0.961 
_refine.B_iso_mean                               19.47 
_refine.aniso_B[1][1]                            -0.66000 
_refine.aniso_B[2][2]                            -0.66000 
_refine.aniso_B[3][3]                            0.99000 
_refine.aniso_B[1][2]                            -0.33000 
_refine.aniso_B[1][3]                            0.00000 
_refine.aniso_B[2][3]                            0.00000 
_refine.solvent_model_details                    'BABINET MODEL WITH MASK' 
_refine.solvent_model_param_ksol                 ? 
_refine.solvent_model_param_bsol                 ? 
_refine.pdbx_solvent_vdw_probe_radii             1.40 
_refine.pdbx_solvent_ion_probe_radii             0.80 
_refine.pdbx_solvent_shrinkage_radii             0.80 
_refine.pdbx_ls_cross_valid_method               THROUGHOUT 
_refine.details                                  
;HYDROGENS HAVE BEEN ADDED IN THE RIDING POSITIONS. SOME OF THE SIDE CHAINS WERE MODELED WITH TWO ALTERNATE CONFORMATIONS. THE COPPER AND SULFUR ATOMS WERE REFINED ANISOTROPICALLY.
;
_refine.pdbx_starting_model                      'PDB ENTRY 1BQK' 
_refine.pdbx_method_to_determine_struct          'MOLECULAR REPLACEMENT' 
_refine.pdbx_isotropic_thermal_model             ? 
_refine.pdbx_stereochemistry_target_values       'MAXIMUM LIKELIHOOD' 
_refine.pdbx_stereochem_target_val_spec_case     ? 
_refine.pdbx_R_Free_selection_details            RANDOM 
_refine.pdbx_overall_ESU_R                       0.053 
_refine.pdbx_overall_ESU_R_Free                  0.052 
_refine.overall_SU_ML                            0.032 
_refine.pdbx_overall_phase_error                 ? 
_refine.overall_SU_B                             1.473 
_refine.overall_SU_R_Cruickshank_DPI             ? 
_refine.pdbx_overall_SU_R_free_Cruickshank_DPI   ? 
_refine.pdbx_overall_SU_R_Blow_DPI               ? 
_refine.pdbx_overall_SU_R_free_Blow_DPI          ? 
# 
_refine_hist.pdbx_refine_id                   'X-RAY DIFFRACTION' 
_refine_hist.cycle_id                         LAST 
_refine_hist.pdbx_number_atoms_protein        903 
_refine_hist.pdbx_number_atoms_nucleic_acid   0 
_refine_hist.pdbx_number_atoms_ligand         8 
_refine_hist.number_atoms_solvent             118 
_refine_hist.number_atoms_total               1029 
_refine_hist.d_res_high                       1.30 
_refine_hist.d_res_low                        30.00 
# 
loop_
_refine_ls_restr.type 
_refine_ls_restr.dev_ideal 
_refine_ls_restr.dev_ideal_target 
_refine_ls_restr.weight 
_refine_ls_restr.number 
_refine_ls_restr.pdbx_refine_id 
_refine_ls_restr.pdbx_restraint_function 
r_bond_refined_d             0.008  0.022  ? 935  'X-RAY DIFFRACTION' ? 
r_bond_other_d               ?      ?      ? ?    'X-RAY DIFFRACTION' ? 
r_angle_refined_deg          1.184  1.978  ? 1264 'X-RAY DIFFRACTION' ? 
r_angle_other_deg            ?      ?      ? ?    'X-RAY DIFFRACTION' ? 
r_dihedral_angle_1_deg       6.096  5.000  ? 121  'X-RAY DIFFRACTION' ? 
r_dihedral_angle_2_deg       35.117 26.286 ? 35   'X-RAY DIFFRACTION' ? 
r_dihedral_angle_3_deg       13.190 15.000 ? 159  'X-RAY DIFFRACTION' ? 
r_dihedral_angle_4_deg       5.912  15.000 ? 1    'X-RAY DIFFRACTION' ? 
r_chiral_restr               0.077  0.200  ? 142  'X-RAY DIFFRACTION' ? 
r_gen_planes_refined         0.004  0.020  ? 697  'X-RAY DIFFRACTION' ? 
r_gen_planes_other           ?      ?      ? ?    'X-RAY DIFFRACTION' ? 
r_nbd_refined                0.199  0.200  ? 457  'X-RAY DIFFRACTION' ? 
r_nbd_other                  ?      ?      ? ?    'X-RAY DIFFRACTION' ? 
r_nbtor_refined              0.309  0.200  ? 630  'X-RAY DIFFRACTION' ? 
r_nbtor_other                ?      ?      ? ?    'X-RAY DIFFRACTION' ? 
r_xyhbond_nbd_refined        0.144  0.200  ? 64   'X-RAY DIFFRACTION' ? 
r_xyhbond_nbd_other          ?      ?      ? ?    'X-RAY DIFFRACTION' ? 
r_metal_ion_refined          ?      ?      ? ?    'X-RAY DIFFRACTION' ? 
r_metal_ion_other            ?      ?      ? ?    'X-RAY DIFFRACTION' ? 
r_symmetry_vdw_refined       0.243  0.200  ? 29   'X-RAY DIFFRACTION' ? 
r_symmetry_vdw_other         ?      ?      ? ?    'X-RAY DIFFRACTION' ? 
r_symmetry_hbond_refined     0.384  0.200  ? 23   'X-RAY DIFFRACTION' ? 
r_symmetry_hbond_other       ?      ?      ? ?    'X-RAY DIFFRACTION' ? 
r_symmetry_metal_ion_refined ?      ?      ? ?    'X-RAY DIFFRACTION' ? 
r_symmetry_metal_ion_other   ?      ?      ? ?    'X-RAY DIFFRACTION' ? 
r_mcbond_it                  0.756  1.500  ? 623  'X-RAY DIFFRACTION' ? 
r_mcbond_other               ?      ?      ? ?    'X-RAY DIFFRACTION' ? 
r_mcangle_it                 1.126  2.000  ? 980  'X-RAY DIFFRACTION' ? 
r_mcangle_other              ?      ?      ? ?    'X-RAY DIFFRACTION' ? 
r_scbond_it                  1.798  3.000  ? 343  'X-RAY DIFFRACTION' ? 
r_scbond_other               ?      ?      ? ?    'X-RAY DIFFRACTION' ? 
r_scangle_it                 2.793  4.500  ? 284  'X-RAY DIFFRACTION' ? 
r_scangle_other              ?      ?      ? ?    'X-RAY DIFFRACTION' ? 
r_long_range_B_refined       ?      ?      ? ?    'X-RAY DIFFRACTION' ? 
r_long_range_B_other         ?      ?      ? ?    'X-RAY DIFFRACTION' ? 
r_rigid_bond_restr           ?      ?      ? ?    'X-RAY DIFFRACTION' ? 
r_sphericity_free            ?      ?      ? ?    'X-RAY DIFFRACTION' ? 
r_sphericity_bonded          ?      ?      ? ?    'X-RAY DIFFRACTION' ? 
# 
_refine_ls_shell.pdbx_refine_id                   'X-RAY DIFFRACTION' 
_refine_ls_shell.pdbx_total_number_of_bins_used   20 
_refine_ls_shell.d_res_high                       1.30 
_refine_ls_shell.d_res_low                        1.33 
_refine_ls_shell.number_reflns_R_work             1962 
_refine_ls_shell.R_factor_R_work                  0.2360 
_refine_ls_shell.percent_reflns_obs               ? 
_refine_ls_shell.R_factor_R_free                  0.2180 
_refine_ls_shell.R_factor_R_free_error            ? 
_refine_ls_shell.percent_reflns_R_free            ? 
_refine_ls_shell.number_reflns_R_free             113 
_refine_ls_shell.number_reflns_all                ? 
_refine_ls_shell.R_factor_all                     ? 
_refine_ls_shell.R_factor_obs                     ? 
_refine_ls_shell.number_reflns_obs                ? 
# 
_struct.entry_id                  2UX7 
_struct.title                     'Pseudoazurin with engineered amicyanin ligand loop, reduced form, pH 7.5' 
_struct.pdbx_model_details        ? 
_struct.pdbx_CASP_flag            ? 
_struct.pdbx_model_type_details   ? 
# 
_struct_keywords.entry_id        2UX7 
_struct_keywords.pdbx_keywords   'ELECTRON TRANSPORT' 
_struct_keywords.text            
;TYPE-1 COPPER, METAL-BINDING, REDOX POTENTIAL, COPPER, TRANSPORT, CUPREDOXIN, PERIPLASMIC, ELECTRON TRANSPORT, SPECTROSCOPIC PROPERTIES, LOOP SHORTENING, PROTEIN SCAFFOLD, ELECTRON TRANSFER
;
# 
loop_
_struct_asym.id 
_struct_asym.pdbx_blank_PDB_chainid_flag 
_struct_asym.pdbx_modified 
_struct_asym.entity_id 
_struct_asym.details 
A N N 1 ? 
B N N 2 ? 
C N N 3 ? 
D N N 4 ? 
E N N 5 ? 
# 
loop_
_struct_conf.conf_type_id 
_struct_conf.id 
_struct_conf.pdbx_PDB_helix_id 
_struct_conf.beg_label_comp_id 
_struct_conf.beg_label_asym_id 
_struct_conf.beg_label_seq_id 
_struct_conf.pdbx_beg_PDB_ins_code 
_struct_conf.end_label_comp_id 
_struct_conf.end_label_asym_id 
_struct_conf.end_label_seq_id 
_struct_conf.pdbx_end_PDB_ins_code 
_struct_conf.beg_auth_comp_id 
_struct_conf.beg_auth_asym_id 
_struct_conf.beg_auth_seq_id 
_struct_conf.end_auth_comp_id 
_struct_conf.end_auth_asym_id 
_struct_conf.end_auth_seq_id 
_struct_conf.pdbx_PDB_helix_class 
_struct_conf.details 
_struct_conf.pdbx_PDB_helix_length 
HELX_P HELX_P1 1 ASN A 96  ? GLY A 102 ? ASN A 96  GLY A 102 1 ? 7  
HELX_P HELX_P2 2 PRO A 106 ? LEU A 120 ? PRO A 106 LEU A 120 1 ? 15 
# 
_struct_conf_type.id          HELX_P 
_struct_conf_type.criteria    ? 
_struct_conf_type.reference   ? 
# 
loop_
_struct_conn.id 
_struct_conn.conn_type_id 
_struct_conn.pdbx_leaving_atom_flag 
_struct_conn.pdbx_PDB_id 
_struct_conn.ptnr1_label_asym_id 
_struct_conn.ptnr1_label_comp_id 
_struct_conn.ptnr1_label_seq_id 
_struct_conn.ptnr1_label_atom_id 
_struct_conn.pdbx_ptnr1_label_alt_id 
_struct_conn.pdbx_ptnr1_PDB_ins_code 
_struct_conn.pdbx_ptnr1_standard_comp_id 
_struct_conn.ptnr1_symmetry 
_struct_conn.ptnr2_label_asym_id 
_struct_conn.ptnr2_label_comp_id 
_struct_conn.ptnr2_label_seq_id 
_struct_conn.ptnr2_label_atom_id 
_struct_conn.pdbx_ptnr2_label_alt_id 
_struct_conn.pdbx_ptnr2_PDB_ins_code 
_struct_conn.ptnr1_auth_asym_id 
_struct_conn.ptnr1_auth_comp_id 
_struct_conn.ptnr1_auth_seq_id 
_struct_conn.ptnr2_auth_asym_id 
_struct_conn.ptnr2_auth_comp_id 
_struct_conn.ptnr2_auth_seq_id 
_struct_conn.ptnr2_symmetry 
_struct_conn.pdbx_ptnr3_label_atom_id 
_struct_conn.pdbx_ptnr3_label_seq_id 
_struct_conn.pdbx_ptnr3_label_comp_id 
_struct_conn.pdbx_ptnr3_label_asym_id 
_struct_conn.pdbx_ptnr3_label_alt_id 
_struct_conn.pdbx_ptnr3_PDB_ins_code 
_struct_conn.details 
_struct_conn.pdbx_dist_value 
_struct_conn.pdbx_value_order 
_struct_conn.pdbx_role 
metalc1 metalc ? ? A HIS 40 ND1 ? ? ? 1_555 B CU . CU ? ? A HIS 40 A CU 1123 1_555 ? ? ? ? ? ? ? 2.050 ? ? 
metalc2 metalc ? ? A CYS 78 SG  ? ? ? 1_555 B CU . CU ? ? A CYS 78 A CU 1123 1_555 ? ? ? ? ? ? ? 2.099 ? ? 
metalc3 metalc ? ? A HIS 81 ND1 ? ? ? 1_555 B CU . CU ? ? A HIS 81 A CU 1123 1_555 ? ? ? ? ? ? ? 2.500 ? ? 
metalc4 metalc ? ? A MET 84 SD  ? ? ? 1_555 B CU . CU ? ? A MET 84 A CU 1123 1_555 ? ? ? ? ? ? ? 2.365 ? ? 
# 
_struct_conn_type.id          metalc 
_struct_conn_type.criteria    ? 
_struct_conn_type.reference   ? 
# 
_struct_mon_prot_cis.pdbx_id                1 
_struct_mon_prot_cis.label_comp_id          GLU 
_struct_mon_prot_cis.label_seq_id           19 
_struct_mon_prot_cis.label_asym_id          A 
_struct_mon_prot_cis.label_alt_id           . 
_struct_mon_prot_cis.pdbx_PDB_ins_code      ? 
_struct_mon_prot_cis.auth_comp_id           GLU 
_struct_mon_prot_cis.auth_seq_id            19 
_struct_mon_prot_cis.auth_asym_id           A 
_struct_mon_prot_cis.pdbx_label_comp_id_2   PRO 
_struct_mon_prot_cis.pdbx_label_seq_id_2    20 
_struct_mon_prot_cis.pdbx_label_asym_id_2   A 
_struct_mon_prot_cis.pdbx_PDB_ins_code_2    ? 
_struct_mon_prot_cis.pdbx_auth_comp_id_2    PRO 
_struct_mon_prot_cis.pdbx_auth_seq_id_2     20 
_struct_mon_prot_cis.pdbx_auth_asym_id_2    A 
_struct_mon_prot_cis.pdbx_PDB_model_num     1 
_struct_mon_prot_cis.pdbx_omega_angle       -4.11 
# 
loop_
_struct_sheet.id 
_struct_sheet.type 
_struct_sheet.number_strands 
_struct_sheet.details 
AA ? 4 ? 
AB ? 4 ? 
# 
loop_
_struct_sheet_order.sheet_id 
_struct_sheet_order.range_id_1 
_struct_sheet_order.range_id_2 
_struct_sheet_order.offset 
_struct_sheet_order.sense 
AA 1 2 ? anti-parallel 
AA 2 3 ? parallel      
AA 3 4 ? anti-parallel 
AB 1 2 ? parallel      
AB 2 3 ? anti-parallel 
AB 3 4 ? anti-parallel 
# 
loop_
_struct_sheet_range.sheet_id 
_struct_sheet_range.id 
_struct_sheet_range.beg_label_comp_id 
_struct_sheet_range.beg_label_asym_id 
_struct_sheet_range.beg_label_seq_id 
_struct_sheet_range.pdbx_beg_PDB_ins_code 
_struct_sheet_range.end_label_comp_id 
_struct_sheet_range.end_label_asym_id 
_struct_sheet_range.end_label_seq_id 
_struct_sheet_range.pdbx_end_PDB_ins_code 
_struct_sheet_range.beg_auth_comp_id 
_struct_sheet_range.beg_auth_asym_id 
_struct_sheet_range.beg_auth_seq_id 
_struct_sheet_range.end_auth_comp_id 
_struct_sheet_range.end_auth_asym_id 
_struct_sheet_range.end_auth_seq_id 
AA 1 GLY A 14 ? GLU A 19 ? GLY A 14 GLU A 19 
AA 2 ASP A 2  ? GLY A 11 ? ASP A 2  GLY A 11 
AA 3 ASP A 29 ? PRO A 35 ? ASP A 29 PRO A 35 
AA 4 TYR A 64 ? PHE A 68 ? TYR A 64 PHE A 68 
AB 1 SER A 22 ? VAL A 25 ? SER A 22 VAL A 25 
AB 2 HIS A 81 ? VAL A 90 ? HIS A 81 VAL A 90 
AB 3 GLY A 72 ? CYS A 78 ? GLY A 72 CYS A 78 
AB 4 GLU A 43 ? THR A 44 ? GLU A 43 THR A 44 
# 
loop_
_pdbx_struct_sheet_hbond.sheet_id 
_pdbx_struct_sheet_hbond.range_id_1 
_pdbx_struct_sheet_hbond.range_id_2 
_pdbx_struct_sheet_hbond.range_1_label_atom_id 
_pdbx_struct_sheet_hbond.range_1_label_comp_id 
_pdbx_struct_sheet_hbond.range_1_label_asym_id 
_pdbx_struct_sheet_hbond.range_1_label_seq_id 
_pdbx_struct_sheet_hbond.range_1_PDB_ins_code 
_pdbx_struct_sheet_hbond.range_1_auth_atom_id 
_pdbx_struct_sheet_hbond.range_1_auth_comp_id 
_pdbx_struct_sheet_hbond.range_1_auth_asym_id 
_pdbx_struct_sheet_hbond.range_1_auth_seq_id 
_pdbx_struct_sheet_hbond.range_2_label_atom_id 
_pdbx_struct_sheet_hbond.range_2_label_comp_id 
_pdbx_struct_sheet_hbond.range_2_label_asym_id 
_pdbx_struct_sheet_hbond.range_2_label_seq_id 
_pdbx_struct_sheet_hbond.range_2_PDB_ins_code 
_pdbx_struct_sheet_hbond.range_2_auth_atom_id 
_pdbx_struct_sheet_hbond.range_2_auth_comp_id 
_pdbx_struct_sheet_hbond.range_2_auth_asym_id 
_pdbx_struct_sheet_hbond.range_2_auth_seq_id 
AA 1 2 N GLU A 19 ? N GLU A 19 O HIS A 6  ? O HIS A 6  
AA 2 3 N PHE A 3  ? N PHE A 3  O THR A 30 ? O THR A 30 
AA 3 4 N PHE A 33 ? N PHE A 33 O TYR A 64 ? O TYR A 64 
AB 1 2 N LEU A 23 ? N LEU A 23 O VAL A 87 ? O VAL A 87 
AB 2 3 N VAL A 90 ? N VAL A 90 O GLY A 72 ? O GLY A 72 
AB 3 4 N LYS A 77 ? N LYS A 77 O GLU A 43 ? O GLU A 43 
# 
loop_
_struct_site.id 
_struct_site.pdbx_evidence_code 
_struct_site.pdbx_auth_asym_id 
_struct_site.pdbx_auth_comp_id 
_struct_site.pdbx_auth_seq_id 
_struct_site.pdbx_auth_ins_code 
_struct_site.pdbx_num_residues 
_struct_site.details 
AC1 Software ? ? ? ? 4 'BINDING SITE FOR RESIDUE CU A1123'  
AC2 Software ? ? ? ? 7 'BINDING SITE FOR RESIDUE GOL A1124' 
AC3 Software ? ? ? ? 4 'BINDING SITE FOR RESIDUE CL A1125'  
# 
loop_
_struct_site_gen.id 
_struct_site_gen.site_id 
_struct_site_gen.pdbx_num_res 
_struct_site_gen.label_comp_id 
_struct_site_gen.label_asym_id 
_struct_site_gen.label_seq_id 
_struct_site_gen.pdbx_auth_ins_code 
_struct_site_gen.auth_comp_id 
_struct_site_gen.auth_asym_id 
_struct_site_gen.auth_seq_id 
_struct_site_gen.label_atom_id 
_struct_site_gen.label_alt_id 
_struct_site_gen.symmetry 
_struct_site_gen.details 
1  AC1 4 HIS A 40 ? HIS A 40   . ? 1_555 ? 
2  AC1 4 CYS A 78 ? CYS A 78   . ? 1_555 ? 
3  AC1 4 HIS A 81 ? HIS A 81   . ? 1_555 ? 
4  AC1 4 MET A 84 ? MET A 84   . ? 1_555 ? 
5  AC2 7 ALA A 53 ? ALA A 53   . ? 1_555 ? 
6  AC2 7 GLU A 54 ? GLU A 54   . ? 1_555 ? 
7  AC2 7 THR A 67 ? THR A 67   . ? 1_555 ? 
8  AC2 7 THR A 69 ? THR A 69   . ? 1_555 ? 
9  AC2 7 ALA A 70 ? ALA A 70   . ? 1_555 ? 
10 AC2 7 TYR A 74 ? TYR A 74   . ? 1_555 ? 
11 AC2 7 HOH E .  ? HOH A 2063 . ? 1_555 ? 
12 AC3 4 ASN A 63 ? ASN A 63   . ? 1_555 ? 
13 AC3 4 PRO A 71 ? PRO A 71   . ? 1_555 ? 
14 AC3 4 HOH E .  ? HOH A 2062 . ? 1_555 ? 
15 AC3 4 HOH E .  ? HOH A 2086 . ? 1_555 ? 
# 
_atom_sites.entry_id                    2UX7 
_atom_sites.fract_transf_matrix[1][1]   -0.00358138 
_atom_sites.fract_transf_matrix[1][2]   -0.00895350 
_atom_sites.fract_transf_matrix[1][3]   0.00512105 
_atom_sites.fract_transf_matrix[2][1]   0.00555260 
_atom_sites.fract_transf_matrix[2][2]   -0.00936344 
_atom_sites.fract_transf_matrix[2][3]   -0.00084802 
_atom_sites.fract_transf_matrix[3][1]   0.00939153 
_atom_sites.fract_transf_matrix[3][2]   0.00429442 
_atom_sites.fract_transf_matrix[3][3]   0.01407618 
_atom_sites.fract_transf_vector[1]      0.531271 
_atom_sites.fract_transf_vector[2]      0.707387 
_atom_sites.fract_transf_vector[3]      0.450796 
# 
loop_
_atom_type.symbol 
C  
CL 
CU 
N  
O  
S  
# 
loop_
_atom_site.group_PDB 
_atom_site.id 
_atom_site.type_symbol 
_atom_site.label_atom_id 
_atom_site.label_alt_id 
_atom_site.label_comp_id 
_atom_site.label_asym_id 
_atom_site.label_entity_id 
_atom_site.label_seq_id 
_atom_site.pdbx_PDB_ins_code 
_atom_site.Cartn_x 
_atom_site.Cartn_y 
_atom_site.Cartn_z 
_atom_site.occupancy 
_atom_site.B_iso_or_equiv 
_atom_site.pdbx_formal_charge 
_atom_site.auth_seq_id 
_atom_site.auth_comp_id 
_atom_site.auth_asym_id 
_atom_site.auth_atom_id 
_atom_site.pdbx_PDB_model_num 
ATOM   1    N  N   . ALA A 1 1   ? 7.822   5.568   -14.819 1.00 17.50 ? 1    ALA A N   1 
ATOM   2    C  CA  . ALA A 1 1   ? 6.363   5.846   -14.892 1.00 18.06 ? 1    ALA A CA  1 
ATOM   3    C  C   . ALA A 1 1   ? 5.888   6.369   -13.551 1.00 18.11 ? 1    ALA A C   1 
ATOM   4    O  O   . ALA A 1 1   ? 6.445   6.017   -12.509 1.00 17.98 ? 1    ALA A O   1 
ATOM   5    C  CB  . ALA A 1 1   ? 5.592   4.583   -15.270 1.00 18.13 ? 1    ALA A CB  1 
ATOM   6    N  N   . ASP A 1 2   ? 4.862   7.211   -13.577 1.00 18.43 ? 2    ASP A N   1 
ATOM   7    C  CA  . ASP A 1 2   ? 4.275   7.781   -12.378 1.00 18.57 ? 2    ASP A CA  1 
ATOM   8    C  C   . ASP A 1 2   ? 2.827   7.305   -12.247 1.00 17.71 ? 2    ASP A C   1 
ATOM   9    O  O   . ASP A 1 2   ? 2.081   7.270   -13.234 1.00 18.46 ? 2    ASP A O   1 
ATOM   10   C  CB  . ASP A 1 2   ? 4.328   9.317   -12.423 1.00 19.25 ? 2    ASP A CB  1 
ATOM   11   C  CG  . ASP A 1 2   ? 5.743   9.865   -12.604 1.00 21.35 ? 2    ASP A CG  1 
ATOM   12   O  OD1 . ASP A 1 2   ? 6.696   9.266   -12.056 1.00 24.30 ? 2    ASP A OD1 1 
ATOM   13   O  OD2 . ASP A 1 2   ? 5.901   10.907  -13.286 1.00 24.71 ? 2    ASP A OD2 1 
ATOM   14   N  N   . PHE A 1 3   ? 2.442   6.945   -11.027 1.00 16.78 ? 3    PHE A N   1 
ATOM   15   C  CA  . PHE A 1 3   ? 1.102   6.477   -10.735 1.00 16.58 ? 3    PHE A CA  1 
ATOM   16   C  C   . PHE A 1 3   ? 0.507   7.307   -9.617  1.00 16.48 ? 3    PHE A C   1 
ATOM   17   O  O   . PHE A 1 3   ? 1.229   7.977   -8.858  1.00 16.59 ? 3    PHE A O   1 
ATOM   18   C  CB  . PHE A 1 3   ? 1.126   5.003   -10.318 1.00 16.76 ? 3    PHE A CB  1 
ATOM   19   C  CG  . PHE A 1 3   ? 1.705   4.091   -11.359 1.00 17.24 ? 3    PHE A CG  1 
ATOM   20   C  CD1 . PHE A 1 3   ? 3.071   3.816   -11.391 1.00 17.96 ? 3    PHE A CD1 1 
ATOM   21   C  CD2 . PHE A 1 3   ? 0.881   3.509   -12.316 1.00 18.21 ? 3    PHE A CD2 1 
ATOM   22   C  CE1 . PHE A 1 3   ? 3.605   2.980   -12.370 1.00 17.98 ? 3    PHE A CE1 1 
ATOM   23   C  CE2 . PHE A 1 3   ? 1.402   2.672   -13.288 1.00 19.06 ? 3    PHE A CE2 1 
ATOM   24   C  CZ  . PHE A 1 3   ? 2.766   2.406   -13.317 1.00 18.16 ? 3    PHE A CZ  1 
ATOM   25   N  N   . GLU A 1 4   ? -0.815  7.237   -9.514  1.00 15.86 ? 4    GLU A N   1 
ATOM   26   C  CA  . GLU A 1 4   ? -1.546  7.897   -8.439  1.00 16.29 ? 4    GLU A CA  1 
ATOM   27   C  C   . GLU A 1 4   ? -2.398  6.902   -7.685  1.00 16.06 ? 4    GLU A C   1 
ATOM   28   O  O   . GLU A 1 4   ? -3.007  6.005   -8.287  1.00 16.60 ? 4    GLU A O   1 
ATOM   29   C  CB  . GLU A 1 4   ? -2.453  8.988   -8.997  1.00 16.48 ? 4    GLU A CB  1 
ATOM   30   C  CG  . GLU A 1 4   ? -1.716  10.147  -9.631  1.00 19.00 ? 4    GLU A CG  1 
ATOM   31   C  CD  . GLU A 1 4   ? -2.656  11.149  -10.260 1.00 21.47 ? 4    GLU A CD  1 
ATOM   32   O  OE1 . GLU A 1 4   ? -3.888  10.991  -10.124 1.00 24.56 ? 4    GLU A OE1 1 
ATOM   33   O  OE2 . GLU A 1 4   ? -2.159  12.094  -10.903 1.00 23.65 ? 4    GLU A OE2 1 
ATOM   34   N  N   . VAL A 1 5   ? -2.452  7.070   -6.372  1.00 15.82 ? 5    VAL A N   1 
ATOM   35   C  CA  . VAL A 1 5   ? -3.351  6.306   -5.531  1.00 15.53 ? 5    VAL A CA  1 
ATOM   36   C  C   . VAL A 1 5   ? -4.147  7.326   -4.733  1.00 15.67 ? 5    VAL A C   1 
ATOM   37   O  O   . VAL A 1 5   ? -3.572  8.233   -4.150  1.00 16.03 ? 5    VAL A O   1 
ATOM   38   C  CB  . VAL A 1 5   ? -2.578  5.362   -4.576  1.00 15.65 ? 5    VAL A CB  1 
ATOM   39   C  CG1 . VAL A 1 5   ? -3.490  4.807   -3.485  1.00 17.00 ? 5    VAL A CG1 1 
ATOM   40   C  CG2 . VAL A 1 5   ? -1.931  4.226   -5.346  1.00 17.03 ? 5    VAL A CG2 1 
ATOM   41   N  N   . HIS A 1 6   ? -5.470  7.195   -4.717  1.00 15.36 ? 6    HIS A N   1 
ATOM   42   C  CA  . HIS A 1 6   ? -6.302  8.116   -3.950  1.00 15.88 ? 6    HIS A CA  1 
ATOM   43   C  C   . HIS A 1 6   ? -6.801  7.496   -2.654  1.00 16.13 ? 6    HIS A C   1 
ATOM   44   O  O   . HIS A 1 6   ? -7.009  6.282   -2.581  1.00 16.71 ? 6    HIS A O   1 
ATOM   45   C  CB  . HIS A 1 6   ? -7.469  8.617   -4.809  1.00 16.14 ? 6    HIS A CB  1 
ATOM   46   C  CG  . HIS A 1 6   ? -7.029  9.445   -5.976  1.00 17.82 ? 6    HIS A CG  1 
ATOM   47   N  ND1 . HIS A 1 6   ? -6.906  10.817  -5.915  1.00 20.44 ? 6    HIS A ND1 1 
ATOM   48   C  CD2 . HIS A 1 6   ? -6.648  9.089   -7.226  1.00 19.39 ? 6    HIS A CD2 1 
ATOM   49   C  CE1 . HIS A 1 6   ? -6.483  11.271  -7.083  1.00 19.51 ? 6    HIS A CE1 1 
ATOM   50   N  NE2 . HIS A 1 6   ? -6.315  10.243  -7.894  1.00 21.01 ? 6    HIS A NE2 1 
ATOM   51   N  N   . MET A 1 7   ? -6.986  8.340   -1.645  1.00 15.52 ? 7    MET A N   1 
ATOM   52   C  CA  . MET A 1 7   ? -7.513  7.930   -0.341  1.00 16.41 ? 7    MET A CA  1 
ATOM   53   C  C   . MET A 1 7   ? -8.959  8.368   -0.207  1.00 15.97 ? 7    MET A C   1 
ATOM   54   O  O   . MET A 1 7   ? -9.265  9.553   -0.333  1.00 15.78 ? 7    MET A O   1 
ATOM   55   C  CB  A MET A 1 7   ? -6.689  8.528   0.803   0.50 15.73 ? 7    MET A CB  1 
ATOM   56   C  CB  B MET A 1 7   ? -6.632  8.502   0.773   0.50 16.56 ? 7    MET A CB  1 
ATOM   57   C  CG  A MET A 1 7   ? -5.300  7.942   0.943   0.50 15.35 ? 7    MET A CG  1 
ATOM   58   C  CG  B MET A 1 7   ? -5.254  7.849   0.829   0.50 18.72 ? 7    MET A CG  1 
ATOM   59   S  SD  A MET A 1 7   ? -4.075  8.880   0.025   0.50 11.90 ? 7    MET A SD  1 
ATOM   60   S  SD  B MET A 1 7   ? -3.994  8.723   1.777   0.50 22.50 ? 7    MET A SD  1 
ATOM   61   C  CE  A MET A 1 7   ? -3.039  9.487   1.368   0.50 12.13 ? 7    MET A CE  1 
ATOM   62   C  CE  B MET A 1 7   ? -3.210  9.690   0.510   0.50 24.12 ? 7    MET A CE  1 
ATOM   63   N  N   . LEU A 1 8   ? -9.841  7.394   0.025   1.00 16.01 ? 8    LEU A N   1 
ATOM   64   C  CA  . LEU A 1 8   ? -11.293 7.608   -0.012  1.00 17.02 ? 8    LEU A CA  1 
ATOM   65   C  C   . LEU A 1 8   ? -11.984 7.103   1.245   1.00 16.49 ? 8    LEU A C   1 
ATOM   66   O  O   . LEU A 1 8   ? -11.610 6.075   1.814   1.00 15.97 ? 8    LEU A O   1 
ATOM   67   C  CB  . LEU A 1 8   ? -11.896 6.894   -1.232  1.00 17.97 ? 8    LEU A CB  1 
ATOM   68   C  CG  . LEU A 1 8   ? -11.661 7.438   -2.642  1.00 19.93 ? 8    LEU A CG  1 
ATOM   69   C  CD1 . LEU A 1 8   ? -11.974 6.358   -3.665  1.00 22.92 ? 8    LEU A CD1 1 
ATOM   70   C  CD2 . LEU A 1 8   ? -12.551 8.631   -2.905  1.00 22.43 ? 8    LEU A CD2 1 
ATOM   71   N  N   . ASN A 1 9   ? -13.030 7.810   1.652   1.00 16.79 ? 9    ASN A N   1 
ATOM   72   C  CA  . ASN A 1 9   ? -13.903 7.341   2.727   1.00 17.13 ? 9    ASN A CA  1 
ATOM   73   C  C   . ASN A 1 9   ? -14.703 6.082   2.398   1.00 17.84 ? 9    ASN A C   1 
ATOM   74   O  O   . ASN A 1 9   ? -15.012 5.279   3.281   1.00 17.23 ? 9    ASN A O   1 
ATOM   75   C  CB  . ASN A 1 9   ? -14.864 8.450   3.159   1.00 16.97 ? 9    ASN A CB  1 
ATOM   76   C  CG  . ASN A 1 9   ? -14.175 9.519   3.951   1.00 17.41 ? 9    ASN A CG  1 
ATOM   77   O  OD1 . ASN A 1 9   ? -13.050 9.328   4.409   1.00 17.13 ? 9    ASN A OD1 1 
ATOM   78   N  ND2 . ASN A 1 9   ? -14.845 10.651  4.137   1.00 16.20 ? 9    ASN A ND2 1 
ATOM   79   N  N   . LYS A 1 10  ? -15.029 5.917   1.121   1.00 18.56 ? 10   LYS A N   1 
ATOM   80   C  CA  . LYS A 1 10  ? -15.819 4.775   0.674   1.00 20.57 ? 10   LYS A CA  1 
ATOM   81   C  C   . LYS A 1 10  ? -15.467 4.388   -0.757  1.00 21.00 ? 10   LYS A C   1 
ATOM   82   O  O   . LYS A 1 10  ? -15.273 5.248   -1.617  1.00 21.53 ? 10   LYS A O   1 
ATOM   83   C  CB  . LYS A 1 10  ? -17.320 5.073   0.796   1.00 20.23 ? 10   LYS A CB  1 
ATOM   84   C  CG  . LYS A 1 10  ? -18.226 3.844   0.705   1.00 21.98 ? 10   LYS A CG  1 
ATOM   85   C  CD  . LYS A 1 10  ? -19.672 4.219   0.983   1.00 21.93 ? 10   LYS A CD  1 
ATOM   86   C  CE  . LYS A 1 10  ? -20.607 3.053   0.704   1.00 24.02 ? 10   LYS A CE  1 
ATOM   87   N  NZ  . LYS A 1 10  ? -22.023 3.376   1.046   1.00 25.22 ? 10   LYS A NZ  1 
ATOM   88   N  N   . GLY A 1 11  ? -15.378 3.083   -0.992  1.00 21.72 ? 11   GLY A N   1 
ATOM   89   C  CA  . GLY A 1 11  ? -15.198 2.549   -2.337  1.00 22.50 ? 11   GLY A CA  1 
ATOM   90   C  C   . GLY A 1 11  ? -15.887 1.208   -2.497  1.00 23.15 ? 11   GLY A C   1 
ATOM   91   O  O   . GLY A 1 11  ? -16.632 0.768   -1.617  1.00 22.99 ? 11   GLY A O   1 
ATOM   92   N  N   . LYS A 1 12  ? -15.633 0.554   -3.629  1.00 24.14 ? 12   LYS A N   1 
ATOM   93   C  CA  . LYS A 1 12  ? -16.206 -0.761  -3.919  1.00 24.81 ? 12   LYS A CA  1 
ATOM   94   C  C   . LYS A 1 12  ? -15.857 -1.773  -2.834  1.00 24.55 ? 12   LYS A C   1 
ATOM   95   O  O   . LYS A 1 12  ? -16.656 -2.662  -2.526  1.00 24.70 ? 12   LYS A O   1 
ATOM   96   C  CB  . LYS A 1 12  ? -15.735 -1.275  -5.286  1.00 25.26 ? 12   LYS A CB  1 
ATOM   97   C  CG  . LYS A 1 12  ? -16.517 -0.727  -6.486  1.00 26.96 ? 12   LYS A CG  1 
ATOM   98   C  CD  . LYS A 1 12  ? -16.231 0.754   -6.753  1.00 29.39 ? 12   LYS A CD  1 
ATOM   99   C  CE  . LYS A 1 12  ? -14.805 0.989   -7.220  1.00 30.97 ? 12   LYS A CE  1 
ATOM   100  N  NZ  . LYS A 1 12  ? -14.367 2.376   -6.910  1.00 32.52 ? 12   LYS A NZ  1 
ATOM   101  N  N   . ASP A 1 13  ? -14.672 -1.613  -2.245  1.00 24.17 ? 13   ASP A N   1 
ATOM   102  C  CA  . ASP A 1 13  ? -14.202 -2.526  -1.213  1.00 23.67 ? 13   ASP A CA  1 
ATOM   103  C  C   . ASP A 1 13  ? -14.678 -2.167  0.199   1.00 23.13 ? 13   ASP A C   1 
ATOM   104  O  O   . ASP A 1 13  ? -14.273 -2.802  1.179   1.00 23.57 ? 13   ASP A O   1 
ATOM   105  C  CB  . ASP A 1 13  ? -12.676 -2.640  -1.254  1.00 23.67 ? 13   ASP A CB  1 
ATOM   106  C  CG  . ASP A 1 13  ? -12.178 -3.926  -0.631  1.00 25.05 ? 13   ASP A CG  1 
ATOM   107  O  OD1 . ASP A 1 13  ? -12.912 -4.937  -0.669  1.00 26.28 ? 13   ASP A OD1 1 
ATOM   108  O  OD2 . ASP A 1 13  ? -11.060 -3.931  -0.095  1.00 26.69 ? 13   ASP A OD2 1 
ATOM   109  N  N   . GLY A 1 14  ? -15.557 -1.169  0.297   1.00 22.23 ? 14   GLY A N   1 
ATOM   110  C  CA  . GLY A 1 14  ? -16.141 -0.783  1.580   1.00 20.89 ? 14   GLY A CA  1 
ATOM   111  C  C   . GLY A 1 14  ? -15.600 0.530   2.116   1.00 19.77 ? 14   GLY A C   1 
ATOM   112  O  O   . GLY A 1 14  ? -15.222 1.410   1.351   1.00 20.24 ? 14   GLY A O   1 
ATOM   113  N  N   . ALA A 1 15  ? -15.585 0.653   3.440   1.00 19.16 ? 15   ALA A N   1 
ATOM   114  C  CA  . ALA A 1 15  ? -15.186 1.887   4.112   1.00 17.99 ? 15   ALA A CA  1 
ATOM   115  C  C   . ALA A 1 15  ? -13.674 2.005   4.179   1.00 17.31 ? 15   ALA A C   1 
ATOM   116  O  O   . ALA A 1 15  ? -12.981 1.011   4.407   1.00 17.14 ? 15   ALA A O   1 
ATOM   117  C  CB  . ALA A 1 15  ? -15.798 1.955   5.515   1.00 18.35 ? 15   ALA A CB  1 
ATOM   118  N  N   . MET A 1 16  ? -13.186 3.226   3.960   1.00 16.69 ? 16   MET A N   1 
ATOM   119  C  CA  . MET A 1 16  ? -11.785 3.604   4.150   1.00 16.16 ? 16   MET A CA  1 
ATOM   120  C  C   . MET A 1 16  ? -10.834 2.810   3.241   1.00 15.75 ? 16   MET A C   1 
ATOM   121  O  O   . MET A 1 16  ? -10.250 1.810   3.652   1.00 15.32 ? 16   MET A O   1 
ATOM   122  C  CB  . MET A 1 16  ? -11.386 3.510   5.636   1.00 16.35 ? 16   MET A CB  1 
ATOM   123  C  CG  . MET A 1 16  ? -12.409 4.152   6.585   1.00 17.32 ? 16   MET A CG  1 
ATOM   124  S  SD  . MET A 1 16  ? -12.615 5.915   6.279   1.00 16.85 ? 16   MET A SD  1 
ATOM   125  C  CE  . MET A 1 16  ? -14.335 6.188   6.697   1.00 17.77 ? 16   MET A CE  1 
ATOM   126  N  N   . VAL A 1 17  ? -10.681 3.274   2.001   1.00 15.83 ? 17   VAL A N   1 
ATOM   127  C  CA  . VAL A 1 17  ? -9.910  2.535   0.999   1.00 15.97 ? 17   VAL A CA  1 
ATOM   128  C  C   . VAL A 1 17  ? -8.878  3.372   0.257   1.00 15.67 ? 17   VAL A C   1 
ATOM   129  O  O   . VAL A 1 17  ? -9.053  4.581   0.064   1.00 15.69 ? 17   VAL A O   1 
ATOM   130  C  CB  . VAL A 1 17  ? -10.839 1.856   -0.055  1.00 16.43 ? 17   VAL A CB  1 
ATOM   131  C  CG1 . VAL A 1 17  ? -11.711 0.786   0.596   1.00 16.60 ? 17   VAL A CG1 1 
ATOM   132  C  CG2 . VAL A 1 17  ? -11.712 2.887   -0.789  1.00 18.10 ? 17   VAL A CG2 1 
ATOM   133  N  N   . PHE A 1 18  ? -7.791  2.703   -0.142  1.00 15.18 ? 18   PHE A N   1 
ATOM   134  C  CA  . PHE A 1 18  ? -6.873  3.204   -1.164  1.00 15.24 ? 18   PHE A CA  1 
ATOM   135  C  C   . PHE A 1 18  ? -7.419  2.742   -2.500  1.00 15.63 ? 18   PHE A C   1 
ATOM   136  O  O   . PHE A 1 18  ? -7.852  1.596   -2.621  1.00 15.72 ? 18   PHE A O   1 
ATOM   137  C  CB  . PHE A 1 18  ? -5.473  2.614   -0.978  1.00 15.23 ? 18   PHE A CB  1 
ATOM   138  C  CG  . PHE A 1 18  ? -4.731  3.172   0.211   1.00 14.58 ? 18   PHE A CG  1 
ATOM   139  C  CD1 . PHE A 1 18  ? -4.168  4.438   0.162   1.00 15.28 ? 18   PHE A CD1 1 
ATOM   140  C  CD2 . PHE A 1 18  ? -4.580  2.423   1.376   1.00 15.51 ? 18   PHE A CD2 1 
ATOM   141  C  CE1 . PHE A 1 18  ? -3.476  4.948   1.260   1.00 15.51 ? 18   PHE A CE1 1 
ATOM   142  C  CE2 . PHE A 1 18  ? -3.885  2.930   2.478   1.00 16.40 ? 18   PHE A CE2 1 
ATOM   143  C  CZ  . PHE A 1 18  ? -3.346  4.190   2.429   1.00 16.14 ? 18   PHE A CZ  1 
ATOM   144  N  N   . GLU A 1 19  ? -7.399  3.617   -3.501  1.00 15.73 ? 19   GLU A N   1 
ATOM   145  C  CA  . GLU A 1 19  ? -7.853  3.250   -4.834  1.00 16.85 ? 19   GLU A CA  1 
ATOM   146  C  C   . GLU A 1 19  ? -6.835  3.705   -5.862  1.00 16.41 ? 19   GLU A C   1 
ATOM   147  O  O   . GLU A 1 19  ? -6.575  4.909   -5.977  1.00 16.34 ? 19   GLU A O   1 
ATOM   148  C  CB  . GLU A 1 19  ? -9.217  3.870   -5.125  1.00 17.76 ? 19   GLU A CB  1 
ATOM   149  C  CG  . GLU A 1 19  ? -10.347 3.218   -4.357  1.00 21.09 ? 19   GLU A CG  1 
ATOM   150  C  CD  . GLU A 1 19  ? -11.672 3.256   -5.096  1.00 25.92 ? 19   GLU A CD  1 
ATOM   151  O  OE1 . GLU A 1 19  ? -11.788 4.003   -6.094  1.00 28.74 ? 19   GLU A OE1 1 
ATOM   152  O  OE2 . GLU A 1 19  ? -12.607 2.537   -4.673  1.00 28.12 ? 19   GLU A OE2 1 
ATOM   153  N  N   . PRO A 1 20  ? -6.193  2.749   -6.564  1.00 16.10 ? 20   PRO A N   1 
ATOM   154  C  CA  . PRO A 1 20  ? -6.292  1.289   -6.406  1.00 16.44 ? 20   PRO A CA  1 
ATOM   155  C  C   . PRO A 1 20  ? -5.599  0.837   -5.114  1.00 16.43 ? 20   PRO A C   1 
ATOM   156  O  O   . PRO A 1 20  ? -4.772  1.565   -4.585  1.00 16.91 ? 20   PRO A O   1 
ATOM   157  C  CB  . PRO A 1 20  ? -5.511  0.764   -7.614  1.00 16.89 ? 20   PRO A CB  1 
ATOM   158  C  CG  . PRO A 1 20  ? -4.489  1.848   -7.887  1.00 16.67 ? 20   PRO A CG  1 
ATOM   159  C  CD  . PRO A 1 20  ? -5.223  3.125   -7.611  1.00 16.25 ? 20   PRO A CD  1 
ATOM   160  N  N   . ALA A 1 21  ? -5.944  -0.346  -4.610  1.00 16.71 ? 21   ALA A N   1 
ATOM   161  C  CA  . ALA A 1 21  ? -5.319  -0.864  -3.392  1.00 17.18 ? 21   ALA A CA  1 
ATOM   162  C  C   . ALA A 1 21  ? -4.156  -1.772  -3.706  1.00 17.20 ? 21   ALA A C   1 
ATOM   163  O  O   . ALA A 1 21  ? -3.468  -2.238  -2.806  1.00 16.97 ? 21   ALA A O   1 
ATOM   164  C  CB  . ALA A 1 21  ? -6.328  -1.587  -2.519  1.00 18.40 ? 21   ALA A CB  1 
ATOM   165  N  N   . SER A 1 22  ? -3.923  -2.020  -4.990  1.00 16.80 ? 22   SER A N   1 
ATOM   166  C  CA  . SER A 1 22  ? -2.733  -2.741  -5.410  1.00 17.31 ? 22   SER A CA  1 
ATOM   167  C  C   . SER A 1 22  ? -2.179  -2.124  -6.676  1.00 16.91 ? 22   SER A C   1 
ATOM   168  O  O   . SER A 1 22  ? -2.942  -1.719  -7.558  1.00 16.86 ? 22   SER A O   1 
ATOM   169  C  CB  . SER A 1 22  ? -3.021  -4.223  -5.605  1.00 18.25 ? 22   SER A CB  1 
ATOM   170  O  OG  . SER A 1 22  ? -3.835  -4.421  -6.731  1.00 21.02 ? 22   SER A OG  1 
ATOM   171  N  N   . LEU A 1 23  ? -0.856  -2.057  -6.755  1.00 16.46 ? 23   LEU A N   1 
ATOM   172  C  CA  . LEU A 1 23  ? -0.194  -1.503  -7.918  1.00 17.05 ? 23   LEU A CA  1 
ATOM   173  C  C   . LEU A 1 23  ? 1.117   -2.221  -8.131  1.00 16.39 ? 23   LEU A C   1 
ATOM   174  O  O   . LEU A 1 23  ? 1.905   -2.351  -7.200  1.00 16.23 ? 23   LEU A O   1 
ATOM   175  C  CB  . LEU A 1 23  ? 0.063   -0.022  -7.666  1.00 18.32 ? 23   LEU A CB  1 
ATOM   176  C  CG  . LEU A 1 23  ? 0.362   0.973   -8.771  1.00 20.43 ? 23   LEU A CG  1 
ATOM   177  C  CD1 . LEU A 1 23  ? -0.766  1.032   -9.793  1.00 20.98 ? 23   LEU A CD1 1 
ATOM   178  C  CD2 . LEU A 1 23  ? 0.519   2.312   -8.097  1.00 22.26 ? 23   LEU A CD2 1 
ATOM   179  N  N   . LYS A 1 24  ? 1.341   -2.690  -9.354  1.00 16.28 ? 24   LYS A N   1 
ATOM   180  C  CA  . LYS A 1 24  ? 2.606   -3.286  -9.728  1.00 16.95 ? 24   LYS A CA  1 
ATOM   181  C  C   . LYS A 1 24  ? 3.381   -2.271  -10.536 1.00 17.11 ? 24   LYS A C   1 
ATOM   182  O  O   . LYS A 1 24  ? 2.891   -1.730  -11.521 1.00 17.56 ? 24   LYS A O   1 
ATOM   183  C  CB  . LYS A 1 24  ? 2.398   -4.560  -10.531 1.00 17.56 ? 24   LYS A CB  1 
ATOM   184  C  CG  . LYS A 1 24  ? 3.679   -5.374  -10.697 1.00 19.05 ? 24   LYS A CG  1 
ATOM   185  C  CD  . LYS A 1 24  ? 3.434   -6.608  -11.548 1.00 21.71 ? 24   LYS A CD  1 
ATOM   186  C  CE  . LYS A 1 24  ? 2.373   -7.502  -10.939 1.00 24.42 ? 24   LYS A CE  1 
ATOM   187  N  NZ  . LYS A 1 24  ? 2.178   -8.736  -11.740 1.00 25.84 ? 24   LYS A NZ  1 
ATOM   188  N  N   . VAL A 1 25  ? 4.601   -1.998  -10.101 1.00 16.21 ? 25   VAL A N   1 
ATOM   189  C  CA  . VAL A 1 25  ? 5.413   -0.978  -10.738 1.00 16.15 ? 25   VAL A CA  1 
ATOM   190  C  C   . VAL A 1 25  ? 6.803   -1.514  -11.071 1.00 15.48 ? 25   VAL A C   1 
ATOM   191  O  O   . VAL A 1 25  ? 7.212   -2.564  -10.558 1.00 16.30 ? 25   VAL A O   1 
ATOM   192  C  CB  . VAL A 1 25  ? 5.509   0.299   -9.869  1.00 15.76 ? 25   VAL A CB  1 
ATOM   193  C  CG1 . VAL A 1 25  ? 4.123   0.756   -9.403  1.00 16.80 ? 25   VAL A CG1 1 
ATOM   194  C  CG2 . VAL A 1 25  ? 6.424   0.084   -8.667  1.00 15.51 ? 25   VAL A CG2 1 
ATOM   195  N  N   . ALA A 1 26  ? 7.503   -0.808  -11.957 1.00 14.69 ? 26   ALA A N   1 
ATOM   196  C  CA  . ALA A 1 26  ? 8.890   -1.121  -12.272 1.00 14.30 ? 26   ALA A CA  1 
ATOM   197  C  C   . ALA A 1 26  ? 9.802   -0.390  -11.293 1.00 13.39 ? 26   ALA A C   1 
ATOM   198  O  O   . ALA A 1 26  ? 9.429   0.658   -10.761 1.00 13.49 ? 26   ALA A O   1 
ATOM   199  C  CB  . ALA A 1 26  ? 9.210   -0.708  -13.703 1.00 14.86 ? 26   ALA A CB  1 
ATOM   200  N  N   . PRO A 1 27  ? 11.017  -0.922  -11.063 1.00 12.94 ? 27   PRO A N   1 
ATOM   201  C  CA  . PRO A 1 27  ? 11.944  -0.158  -10.235 1.00 13.08 ? 27   PRO A CA  1 
ATOM   202  C  C   . PRO A 1 27  ? 12.140  1.255   -10.786 1.00 12.64 ? 27   PRO A C   1 
ATOM   203  O  O   . PRO A 1 27  ? 12.342  1.440   -11.998 1.00 12.57 ? 27   PRO A O   1 
ATOM   204  C  CB  . PRO A 1 27  ? 13.248  -0.956  -10.333 1.00 13.46 ? 27   PRO A CB  1 
ATOM   205  C  CG  . PRO A 1 27  ? 12.794  -2.365  -10.662 1.00 13.58 ? 27   PRO A CG  1 
ATOM   206  C  CD  . PRO A 1 27  ? 11.592  -2.198  -11.529 1.00 13.59 ? 27   PRO A CD  1 
ATOM   207  N  N   . GLY A 1 28  ? 12.090  2.229   -9.888  1.00 13.04 ? 28   GLY A N   1 
ATOM   208  C  CA  . GLY A 1 28  ? 12.263  3.629   -10.243 1.00 14.01 ? 28   GLY A CA  1 
ATOM   209  C  C   . GLY A 1 28  ? 10.956  4.349   -10.508 1.00 14.19 ? 28   GLY A C   1 
ATOM   210  O  O   . GLY A 1 28  ? 10.950  5.566   -10.671 1.00 15.37 ? 28   GLY A O   1 
ATOM   211  N  N   . ASP A 1 29  ? 9.858   3.611   -10.565 1.00 13.91 ? 29   ASP A N   1 
ATOM   212  C  CA  . ASP A 1 29  ? 8.565   4.239   -10.744 1.00 14.34 ? 29   ASP A CA  1 
ATOM   213  C  C   . ASP A 1 29  ? 8.162   4.974   -9.470  1.00 14.22 ? 29   ASP A C   1 
ATOM   214  O  O   . ASP A 1 29  ? 8.711   4.718   -8.382  1.00 14.52 ? 29   ASP A O   1 
ATOM   215  C  CB  . ASP A 1 29  ? 7.508   3.199   -11.120 1.00 15.04 ? 29   ASP A CB  1 
ATOM   216  C  CG  . ASP A 1 29  ? 7.599   2.736   -12.567 1.00 15.95 ? 29   ASP A CG  1 
ATOM   217  O  OD1 . ASP A 1 29  ? 8.420   3.259   -13.356 1.00 16.19 ? 29   ASP A OD1 1 
ATOM   218  O  OD2 . ASP A 1 29  ? 6.813   1.825   -12.893 1.00 15.82 ? 29   ASP A OD2 1 
ATOM   219  N  N   . THR A 1 30  ? 7.205   5.885   -9.596  1.00 14.52 ? 30   THR A N   1 
ATOM   220  C  CA  . THR A 1 30  ? 6.760   6.655   -8.448  1.00 14.57 ? 30   THR A CA  1 
ATOM   221  C  C   . THR A 1 30  ? 5.263   6.483   -8.252  1.00 13.91 ? 30   THR A C   1 
ATOM   222  O  O   . THR A 1 30  ? 4.513   6.220   -9.208  1.00 14.32 ? 30   THR A O   1 
ATOM   223  C  CB  . THR A 1 30  ? 7.070   8.144   -8.594  1.00 14.80 ? 30   THR A CB  1 
ATOM   224  O  OG1 . THR A 1 30  ? 6.219   8.705   -9.599  1.00 16.42 ? 30   THR A OG1 1 
ATOM   225  C  CG2 . THR A 1 30  ? 8.538   8.388   -8.961  1.00 16.43 ? 30   THR A CG2 1 
ATOM   226  N  N   . VAL A 1 31  ? 4.844   6.601   -6.998  1.00 13.98 ? 31   VAL A N   1 
ATOM   227  C  CA  . VAL A 1 31  ? 3.438   6.649   -6.649  1.00 14.76 ? 31   VAL A CA  1 
ATOM   228  C  C   . VAL A 1 31  ? 3.193   7.900   -5.819  1.00 14.12 ? 31   VAL A C   1 
ATOM   229  O  O   . VAL A 1 31  ? 3.918   8.164   -4.842  1.00 14.36 ? 31   VAL A O   1 
ATOM   230  C  CB  . VAL A 1 31  ? 3.000   5.414   -5.849  1.00 14.70 ? 31   VAL A CB  1 
ATOM   231  C  CG1 . VAL A 1 31  ? 1.506   5.473   -5.552  1.00 16.33 ? 31   VAL A CG1 1 
ATOM   232  C  CG2 . VAL A 1 31  ? 3.356   4.109   -6.582  1.00 16.33 ? 31   VAL A CG2 1 
ATOM   233  N  N   . THR A 1 32  ? 2.196   8.683   -6.222  1.00 14.16 ? 32   THR A N   1 
ATOM   234  C  CA  . THR A 1 32  ? 1.755   9.802   -5.406  1.00 14.41 ? 32   THR A CA  1 
ATOM   235  C  C   . THR A 1 32  ? 0.416   9.460   -4.784  1.00 14.04 ? 32   THR A C   1 
ATOM   236  O  O   . THR A 1 32  ? -0.539  9.115   -5.488  1.00 14.18 ? 32   THR A O   1 
ATOM   237  C  CB  . THR A 1 32  ? 1.678   11.111  -6.217  1.00 14.65 ? 32   THR A CB  1 
ATOM   238  O  OG1 . THR A 1 32  ? 2.949   11.362  -6.826  1.00 15.60 ? 32   THR A OG1 1 
ATOM   239  C  CG2 . THR A 1 32  ? 1.349   12.283  -5.322  1.00 15.31 ? 32   THR A CG2 1 
ATOM   240  N  N   . PHE A 1 33  ? 0.385   9.521   -3.455  1.00 13.84 ? 33   PHE A N   1 
ATOM   241  C  CA  . PHE A 1 33  ? -0.806  9.254   -2.667  1.00 13.90 ? 33   PHE A CA  1 
ATOM   242  C  C   . PHE A 1 33  ? -1.522  10.570  -2.440  1.00 13.83 ? 33   PHE A C   1 
ATOM   243  O  O   . PHE A 1 33  ? -0.950  11.515  -1.885  1.00 14.32 ? 33   PHE A O   1 
ATOM   244  C  CB  . PHE A 1 33  ? -0.425  8.593   -1.336  1.00 14.41 ? 33   PHE A CB  1 
ATOM   245  C  CG  . PHE A 1 33  ? 0.235   7.250   -1.505  1.00 13.80 ? 33   PHE A CG  1 
ATOM   246  C  CD1 . PHE A 1 33  ? -0.533  6.099   -1.554  1.00 15.12 ? 33   PHE A CD1 1 
ATOM   247  C  CD2 . PHE A 1 33  ? 1.614   7.142   -1.664  1.00 15.30 ? 33   PHE A CD2 1 
ATOM   248  C  CE1 . PHE A 1 33  ? 0.069   4.853   -1.730  1.00 15.36 ? 33   PHE A CE1 1 
ATOM   249  C  CE2 . PHE A 1 33  ? 2.214   5.888   -1.856  1.00 15.82 ? 33   PHE A CE2 1 
ATOM   250  C  CZ  . PHE A 1 33  ? 1.426   4.753   -1.882  1.00 15.95 ? 33   PHE A CZ  1 
ATOM   251  N  N   . ILE A 1 34  ? -2.765  10.627  -2.899  1.00 13.79 ? 34   ILE A N   1 
ATOM   252  C  CA  . ILE A 1 34  ? -3.519  11.868  -3.014  1.00 14.49 ? 34   ILE A CA  1 
ATOM   253  C  C   . ILE A 1 34  ? -4.846  11.697  -2.276  1.00 15.27 ? 34   ILE A C   1 
ATOM   254  O  O   . ILE A 1 34  ? -5.718  10.950  -2.725  1.00 15.47 ? 34   ILE A O   1 
ATOM   255  C  CB  . ILE A 1 34  ? -3.779  12.227  -4.504  1.00 13.99 ? 34   ILE A CB  1 
ATOM   256  C  CG1 . ILE A 1 34  ? -2.457  12.431  -5.260  1.00 14.25 ? 34   ILE A CG1 1 
ATOM   257  C  CG2 . ILE A 1 34  ? -4.690  13.451  -4.633  1.00 14.59 ? 34   ILE A CG2 1 
ATOM   258  C  CD1 . ILE A 1 34  ? -2.606  12.502  -6.764  1.00 15.10 ? 34   ILE A CD1 1 
ATOM   259  N  N   . PRO A 1 35  ? -4.990  12.336  -1.111  1.00 15.72 ? 35   PRO A N   1 
ATOM   260  C  CA  . PRO A 1 35  ? -6.285  12.244  -0.432  1.00 17.05 ? 35   PRO A CA  1 
ATOM   261  C  C   . PRO A 1 35  ? -7.405  12.929  -1.202  1.00 17.49 ? 35   PRO A C   1 
ATOM   262  O  O   . PRO A 1 35  ? -7.273  14.088  -1.599  1.00 18.63 ? 35   PRO A O   1 
ATOM   263  C  CB  . PRO A 1 35  ? -6.045  12.962  0.895   1.00 18.08 ? 35   PRO A CB  1 
ATOM   264  C  CG  . PRO A 1 35  ? -4.577  13.031  1.072   1.00 18.17 ? 35   PRO A CG  1 
ATOM   265  C  CD  . PRO A 1 35  ? -3.983  13.045  -0.299  1.00 16.51 ? 35   PRO A CD  1 
ATOM   266  N  N   . THR A 1 36  ? -8.491  12.199  -1.421  1.00 17.47 ? 36   THR A N   1 
ATOM   267  C  CA  . THR A 1 36  ? -9.685  12.754  -2.046  1.00 18.33 ? 36   THR A CA  1 
ATOM   268  C  C   . THR A 1 36  ? -10.597 13.315  -0.965  1.00 18.30 ? 36   THR A C   1 
ATOM   269  O  O   . THR A 1 36  ? -11.226 14.351  -1.162  1.00 19.01 ? 36   THR A O   1 
ATOM   270  C  CB  . THR A 1 36  ? -10.411 11.690  -2.888  1.00 18.64 ? 36   THR A CB  1 
ATOM   271  O  OG1 . THR A 1 36  ? -9.590  11.350  -4.008  1.00 20.06 ? 36   THR A OG1 1 
ATOM   272  C  CG2 . THR A 1 36  ? -11.743 12.208  -3.397  1.00 19.41 ? 36   THR A CG2 1 
ATOM   273  N  N   . ASP A 1 37  ? -10.670 12.615  0.166   1.00 18.07 ? 37   ASP A N   1 
ATOM   274  C  CA  . ASP A 1 37  ? -11.444 13.065  1.323   1.00 18.14 ? 37   ASP A CA  1 
ATOM   275  C  C   . ASP A 1 37  ? -10.496 13.383  2.464   1.00 17.86 ? 37   ASP A C   1 
ATOM   276  O  O   . ASP A 1 37  ? -9.392  12.853  2.517   1.00 17.52 ? 37   ASP A O   1 
ATOM   277  C  CB  . ASP A 1 37  ? -12.428 11.976  1.763   1.00 18.65 ? 37   ASP A CB  1 
ATOM   278  C  CG  . ASP A 1 37  ? -13.380 11.559  0.653   1.00 18.91 ? 37   ASP A CG  1 
ATOM   279  O  OD1 . ASP A 1 37  ? -13.916 12.442  -0.059  1.00 21.19 ? 37   ASP A OD1 1 
ATOM   280  O  OD2 . ASP A 1 37  ? -13.611 10.347  0.507   1.00 19.69 ? 37   ASP A OD2 1 
ATOM   281  N  N   . LYS A 1 38  ? -10.929 14.249  3.375   1.00 17.30 ? 38   LYS A N   1 
ATOM   282  C  CA  . LYS A 1 38  ? -10.116 14.619  4.529   1.00 17.34 ? 38   LYS A CA  1 
ATOM   283  C  C   . LYS A 1 38  ? -9.996  13.463  5.521   1.00 16.41 ? 38   LYS A C   1 
ATOM   284  O  O   . LYS A 1 38  ? -10.889 12.608  5.599   1.00 17.11 ? 38   LYS A O   1 
ATOM   285  C  CB  . LYS A 1 38  ? -10.699 15.848  5.232   1.00 17.84 ? 38   LYS A CB  1 
ATOM   286  C  CG  . LYS A 1 38  ? -10.454 17.152  4.486   1.00 20.50 ? 38   LYS A CG  1 
ATOM   287  C  CD  . LYS A 1 38  ? -11.092 18.317  5.210   1.00 24.94 ? 38   LYS A CD  1 
ATOM   288  C  CE  . LYS A 1 38  ? -11.094 19.569  4.350   1.00 27.01 ? 38   LYS A CE  1 
ATOM   289  N  NZ  . LYS A 1 38  ? -11.846 20.670  5.011   1.00 29.58 ? 38   LYS A NZ  1 
ATOM   290  N  N   . GLY A 1 39  ? -8.890  13.456  6.267   1.00 15.85 ? 39   GLY A N   1 
ATOM   291  C  CA  . GLY A 1 39  ? -8.712  12.559  7.405   1.00 15.82 ? 39   GLY A CA  1 
ATOM   292  C  C   . GLY A 1 39  ? -7.894  11.308  7.132   1.00 15.25 ? 39   GLY A C   1 
ATOM   293  O  O   . GLY A 1 39  ? -7.957  10.359  7.911   1.00 16.39 ? 39   GLY A O   1 
ATOM   294  N  N   . HIS A 1 40  ? -7.144  11.289  6.024   1.00 14.70 ? 40   HIS A N   1 
ATOM   295  C  CA  . HIS A 1 40  ? -6.339  10.127  5.636   1.00 14.34 ? 40   HIS A CA  1 
ATOM   296  C  C   . HIS A 1 40  ? -4.857  10.453  5.534   1.00 14.31 ? 40   HIS A C   1 
ATOM   297  O  O   . HIS A 1 40  ? -4.460  11.590  5.316   1.00 14.17 ? 40   HIS A O   1 
ATOM   298  C  CB  . HIS A 1 40  ? -6.794  9.605   4.277   1.00 14.66 ? 40   HIS A CB  1 
ATOM   299  C  CG  . HIS A 1 40  ? -8.219  9.170   4.235   1.00 15.01 ? 40   HIS A CG  1 
ATOM   300  N  ND1 . HIS A 1 40  ? -8.628  7.929   4.671   1.00 17.31 ? 40   HIS A ND1 1 
ATOM   301  C  CD2 . HIS A 1 40  ? -9.328  9.804   3.791   1.00 15.72 ? 40   HIS A CD2 1 
ATOM   302  C  CE1 . HIS A 1 40  ? -9.933  7.819   4.498   1.00 16.75 ? 40   HIS A CE1 1 
ATOM   303  N  NE2 . HIS A 1 40  ? -10.381 8.943   3.966   1.00 15.92 ? 40   HIS A NE2 1 
ATOM   304  N  N   . ASN A 1 41  ? -4.041  9.425   5.672   1.00 14.25 ? 41   ASN A N   1 
ATOM   305  C  CA  . ASN A 1 41  ? -2.637  9.534   5.315   1.00 14.53 ? 41   ASN A CA  1 
ATOM   306  C  C   . ASN A 1 41  ? -2.169  8.203   4.734   1.00 14.87 ? 41   ASN A C   1 
ATOM   307  O  O   . ASN A 1 41  ? -2.971  7.310   4.488   1.00 14.81 ? 41   ASN A O   1 
ATOM   308  C  CB  . ASN A 1 41  ? -1.790  9.965   6.525   1.00 14.66 ? 41   ASN A CB  1 
ATOM   309  C  CG  . ASN A 1 41  ? -1.510  8.826   7.476   1.00 15.57 ? 41   ASN A CG  1 
ATOM   310  O  OD1 . ASN A 1 41  ? -2.366  7.971   7.703   1.00 17.73 ? 41   ASN A OD1 1 
ATOM   311  N  ND2 . ASN A 1 41  ? -0.302  8.780   8.008   1.00 19.49 ? 41   ASN A ND2 1 
ATOM   312  N  N   . VAL A 1 42  ? -0.865  8.077   4.517   1.00 14.31 ? 42   VAL A N   1 
ATOM   313  C  CA  . VAL A 1 42  ? -0.268  6.818   4.105   1.00 15.36 ? 42   VAL A CA  1 
ATOM   314  C  C   . VAL A 1 42  ? 0.997   6.591   4.900   1.00 15.17 ? 42   VAL A C   1 
ATOM   315  O  O   . VAL A 1 42  ? 1.745   7.532   5.190   1.00 16.31 ? 42   VAL A O   1 
ATOM   316  C  CB  . VAL A 1 42  ? 0.012   6.767   2.569   1.00 15.45 ? 42   VAL A CB  1 
ATOM   317  C  CG1 . VAL A 1 42  ? 1.085   7.780   2.164   1.00 16.40 ? 42   VAL A CG1 1 
ATOM   318  C  CG2 . VAL A 1 42  ? 0.436   5.367   2.132   1.00 16.56 ? 42   VAL A CG2 1 
ATOM   319  N  N   . GLU A 1 43  ? 1.233   5.346   5.276   1.00 15.80 ? 43   GLU A N   1 
ATOM   320  C  CA  . GLU A 1 43  ? 2.526   4.982   5.794   1.00 16.99 ? 43   GLU A CA  1 
ATOM   321  C  C   . GLU A 1 43  ? 2.771   3.519   5.602   1.00 16.23 ? 43   GLU A C   1 
ATOM   322  O  O   . GLU A 1 43  ? 1.843   2.737   5.408   1.00 16.07 ? 43   GLU A O   1 
ATOM   323  C  CB  . GLU A 1 43  ? 2.640   5.332   7.245   1.00 18.59 ? 43   GLU A CB  1 
ATOM   324  C  CG  . GLU A 1 43  ? 1.599   4.719   8.073   1.00 17.91 ? 43   GLU A CG  1 
ATOM   325  C  CD  . GLU A 1 43  ? 1.616   5.324   9.420   1.00 23.02 ? 43   GLU A CD  1 
ATOM   326  O  OE1 . GLU A 1 43  ? 2.167   4.698   10.346  1.00 21.52 ? 43   GLU A OE1 1 
ATOM   327  O  OE2 . GLU A 1 43  ? 1.126   6.464   9.533   1.00 25.15 ? 43   GLU A OE2 1 
ATOM   328  N  N   . THR A 1 44  ? 4.028   3.138   5.635   1.00 15.41 ? 44   THR A N   1 
ATOM   329  C  CA  . THR A 1 44  ? 4.369   1.743   5.493   1.00 14.53 ? 44   THR A CA  1 
ATOM   330  C  C   . THR A 1 44  ? 3.966   0.975   6.740   1.00 14.21 ? 44   THR A C   1 
ATOM   331  O  O   . THR A 1 44  ? 3.940   1.509   7.846   1.00 15.10 ? 44   THR A O   1 
ATOM   332  C  CB  . THR A 1 44  ? 5.865   1.577   5.224   1.00 14.03 ? 44   THR A CB  1 
ATOM   333  O  OG1 . THR A 1 44  ? 6.611   2.334   6.185   1.00 14.91 ? 44   THR A OG1 1 
ATOM   334  C  CG2 . THR A 1 44  ? 6.206   2.092   3.845   1.00 15.84 ? 44   THR A CG2 1 
ATOM   335  N  N   . ILE A 1 45  ? 3.604   -0.285  6.548   1.00 13.67 ? 45   ILE A N   1 
ATOM   336  C  CA  . ILE A 1 45  ? 3.290   -1.174  7.653   1.00 14.37 ? 45   ILE A CA  1 
ATOM   337  C  C   . ILE A 1 45  ? 4.583   -1.787  8.190   1.00 14.20 ? 45   ILE A C   1 
ATOM   338  O  O   . ILE A 1 45  ? 5.441   -2.215  7.423   1.00 14.12 ? 45   ILE A O   1 
ATOM   339  C  CB  . ILE A 1 45  ? 2.283   -2.277  7.215   1.00 13.58 ? 45   ILE A CB  1 
ATOM   340  C  CG1 . ILE A 1 45  ? 0.959   -1.646  6.797   1.00 14.33 ? 45   ILE A CG1 1 
ATOM   341  C  CG2 . ILE A 1 45  ? 2.065   -3.302  8.342   1.00 15.49 ? 45   ILE A CG2 1 
ATOM   342  C  CD1 . ILE A 1 45  ? 0.010   -2.595  6.077   1.00 14.89 ? 45   ILE A CD1 1 
ATOM   343  N  N   . LYS A 1 46  ? 4.713   -1.796  9.516   1.00 14.76 ? 46   LYS A N   1 
ATOM   344  C  CA  . LYS A 1 46  ? 5.847   -2.413  10.214  1.00 15.93 ? 46   LYS A CA  1 
ATOM   345  C  C   . LYS A 1 46  ? 6.152   -3.792  9.646   1.00 14.98 ? 46   LYS A C   1 
ATOM   346  O  O   . LYS A 1 46  ? 5.264   -4.644  9.568   1.00 15.36 ? 46   LYS A O   1 
ATOM   347  C  CB  . LYS A 1 46  ? 5.524   -2.559  11.708  1.00 15.61 ? 46   LYS A CB  1 
ATOM   348  C  CG  . LYS A 1 46  ? 6.687   -3.018  12.595  1.00 17.70 ? 46   LYS A CG  1 
ATOM   349  C  CD  . LYS A 1 46  ? 6.183   -3.525  13.943  1.00 19.30 ? 46   LYS A CD  1 
ATOM   350  C  CE  . LYS A 1 46  ? 4.824   -2.933  14.285  1.00 24.85 ? 46   LYS A CE  1 
ATOM   351  N  NZ  . LYS A 1 46  ? 3.934   -3.981  14.842  1.00 28.61 ? 46   LYS A NZ  1 
ATOM   352  N  N   . GLY A 1 47  ? 7.400   -4.007  9.250   1.00 14.55 ? 47   GLY A N   1 
ATOM   353  C  CA  . GLY A 1 47  ? 7.850   -5.316  8.791   1.00 14.72 ? 47   GLY A CA  1 
ATOM   354  C  C   . GLY A 1 47  ? 7.428   -5.687  7.381   1.00 14.64 ? 47   GLY A C   1 
ATOM   355  O  O   . GLY A 1 47  ? 7.763   -6.780  6.910   1.00 15.32 ? 47   GLY A O   1 
ATOM   356  N  N   . MET A 1 48  ? 6.738   -4.783  6.691   1.00 14.67 ? 48   MET A N   1 
ATOM   357  C  CA  . MET A 1 48  ? 6.152   -5.106  5.383   1.00 15.66 ? 48   MET A CA  1 
ATOM   358  C  C   . MET A 1 48  ? 6.755   -4.375  4.206   1.00 16.18 ? 48   MET A C   1 
ATOM   359  O  O   . MET A 1 48  ? 6.058   -4.109  3.216   1.00 17.65 ? 48   MET A O   1 
ATOM   360  C  CB  A MET A 1 48  ? 4.633   -4.950  5.407   0.50 16.09 ? 48   MET A CB  1 
ATOM   361  C  CB  B MET A 1 48  ? 4.651   -4.828  5.379   0.50 15.47 ? 48   MET A CB  1 
ATOM   362  C  CG  A MET A 1 48  ? 3.947   -6.099  6.104   0.50 17.29 ? 48   MET A CG  1 
ATOM   363  C  CG  B MET A 1 48  ? 3.848   -5.749  6.234   0.50 14.53 ? 48   MET A CG  1 
ATOM   364  S  SD  A MET A 1 48  ? 2.153   -5.995  6.124   0.50 18.00 ? 48   MET A SD  1 
ATOM   365  S  SD  B MET A 1 48  ? 2.174   -5.836  5.589   0.50 14.08 ? 48   MET A SD  1 
ATOM   366  C  CE  A MET A 1 48  ? 1.739   -5.546  4.457   0.50 20.19 ? 48   MET A CE  1 
ATOM   367  C  CE  B MET A 1 48  ? 1.436   -6.840  6.888   0.50 13.10 ? 48   MET A CE  1 
ATOM   368  N  N   . ILE A 1 49  ? 8.033   -4.050  4.290   1.00 15.87 ? 49   ILE A N   1 
ATOM   369  C  CA  . ILE A 1 49  ? 8.713   -3.515  3.121   1.00 16.71 ? 49   ILE A CA  1 
ATOM   370  C  C   . ILE A 1 49  ? 10.013  -4.284  2.903   1.00 16.28 ? 49   ILE A C   1 
ATOM   371  O  O   . ILE A 1 49  ? 10.527  -4.927  3.828   1.00 16.06 ? 49   ILE A O   1 
ATOM   372  C  CB  . ILE A 1 49  ? 8.932   -1.995  3.211   1.00 16.59 ? 49   ILE A CB  1 
ATOM   373  C  CG1 . ILE A 1 49  ? 9.887   -1.650  4.350   1.00 17.01 ? 49   ILE A CG1 1 
ATOM   374  C  CG2 . ILE A 1 49  ? 7.578   -1.272  3.331   1.00 18.26 ? 49   ILE A CG2 1 
ATOM   375  C  CD1 . ILE A 1 49  ? 10.180  -0.156  4.461   1.00 18.47 ? 49   ILE A CD1 1 
ATOM   376  N  N   . PRO A 1 50  ? 10.531  -4.259  1.668   1.00 16.13 ? 50   PRO A N   1 
ATOM   377  C  CA  . PRO A 1 50  ? 11.737  -5.028  1.383   1.00 17.42 ? 50   PRO A CA  1 
ATOM   378  C  C   . PRO A 1 50  ? 12.983  -4.545  2.091   1.00 18.32 ? 50   PRO A C   1 
ATOM   379  O  O   . PRO A 1 50  ? 13.076  -3.386  2.506   1.00 18.48 ? 50   PRO A O   1 
ATOM   380  C  CB  . PRO A 1 50  ? 11.953  -4.798  -0.116  1.00 18.37 ? 50   PRO A CB  1 
ATOM   381  C  CG  . PRO A 1 50  ? 10.667  -4.350  -0.640  1.00 17.03 ? 50   PRO A CG  1 
ATOM   382  C  CD  . PRO A 1 50  ? 10.018  -3.585  0.459   1.00 15.63 ? 50   PRO A CD  1 
ATOM   383  N  N   . ASP A 1 51  ? 13.934  -5.469  2.210   1.00 20.10 ? 51   ASP A N   1 
ATOM   384  C  CA  . ASP A 1 51  ? 15.327  -5.136  2.409   1.00 21.94 ? 51   ASP A CA  1 
ATOM   385  C  C   . ASP A 1 51  ? 15.678  -4.138  1.312   1.00 21.43 ? 51   ASP A C   1 
ATOM   386  O  O   . ASP A 1 51  ? 15.345  -4.325  0.139   1.00 22.83 ? 51   ASP A O   1 
ATOM   387  C  CB  . ASP A 1 51  ? 16.218  -6.377  2.260   1.00 22.76 ? 51   ASP A CB  1 
ATOM   388  C  CG  . ASP A 1 51  ? 15.935  -7.452  3.303   1.00 25.42 ? 51   ASP A CG  1 
ATOM   389  O  OD1 . ASP A 1 51  ? 15.192  -7.199  4.276   1.00 27.77 ? 51   ASP A OD1 1 
ATOM   390  O  OD2 . ASP A 1 51  ? 16.483  -8.564  3.145   1.00 28.75 ? 51   ASP A OD2 1 
ATOM   391  N  N   . GLY A 1 52  ? 16.326  -3.067  1.710   1.00 20.71 ? 52   GLY A N   1 
ATOM   392  C  CA  . GLY A 1 52  ? 16.742  -2.054  0.778   1.00 19.33 ? 52   GLY A CA  1 
ATOM   393  C  C   . GLY A 1 52  ? 15.801  -0.875  0.743   1.00 18.33 ? 52   GLY A C   1 
ATOM   394  O  O   . GLY A 1 52  ? 16.178  0.167   0.230   1.00 19.30 ? 52   GLY A O   1 
ATOM   395  N  N   . ALA A 1 53  ? 14.586  -1.040  1.273   1.00 16.93 ? 53   ALA A N   1 
ATOM   396  C  CA  . ALA A 1 53  ? 13.582  0.027   1.267   1.00 16.43 ? 53   ALA A CA  1 
ATOM   397  C  C   . ALA A 1 53  ? 13.543  0.773   2.589   1.00 15.63 ? 53   ALA A C   1 
ATOM   398  O  O   . ALA A 1 53  ? 13.856  0.205   3.631   1.00 16.52 ? 53   ALA A O   1 
ATOM   399  C  CB  . ALA A 1 53  ? 12.209  -0.533  0.976   1.00 16.65 ? 53   ALA A CB  1 
ATOM   400  N  N   . GLU A 1 54  ? 13.131  2.032   2.537   1.00 15.79 ? 54   GLU A N   1 
ATOM   401  C  CA  . GLU A 1 54  ? 12.942  2.845   3.734   1.00 16.03 ? 54   GLU A CA  1 
ATOM   402  C  C   . GLU A 1 54  ? 11.464  2.968   4.051   1.00 15.49 ? 54   GLU A C   1 
ATOM   403  O  O   . GLU A 1 54  ? 10.618  2.961   3.153   1.00 15.72 ? 54   GLU A O   1 
ATOM   404  C  CB  . GLU A 1 54  ? 13.557  4.232   3.539   1.00 17.00 ? 54   GLU A CB  1 
ATOM   405  C  CG  . GLU A 1 54  ? 15.077  4.220   3.337   1.00 20.56 ? 54   GLU A CG  1 
ATOM   406  C  CD  . GLU A 1 54  ? 15.866  3.957   4.618   1.00 23.59 ? 54   GLU A CD  1 
ATOM   407  O  OE1 . GLU A 1 54  ? 15.280  3.993   5.717   1.00 25.43 ? 54   GLU A OE1 1 
ATOM   408  O  OE2 . GLU A 1 54  ? 17.092  3.727   4.533   1.00 27.40 ? 54   GLU A OE2 1 
ATOM   409  N  N   . ALA A 1 55  ? 11.153  3.070   5.337   1.00 14.55 ? 55   ALA A N   1 
ATOM   410  C  CA  . ALA A 1 55  ? 9.787   3.321   5.777   1.00 14.43 ? 55   ALA A CA  1 
ATOM   411  C  C   . ALA A 1 55  ? 9.406   4.756   5.412   1.00 14.64 ? 55   ALA A C   1 
ATOM   412  O  O   . ALA A 1 55  ? 10.277  5.596   5.155   1.00 15.61 ? 55   ALA A O   1 
ATOM   413  C  CB  . ALA A 1 55  ? 9.665   3.073   7.278   1.00 14.40 ? 55   ALA A CB  1 
ATOM   414  N  N   . PHE A 1 56  ? 8.105   5.028   5.350   1.00 14.93 ? 56   PHE A N   1 
ATOM   415  C  CA  . PHE A 1 56  ? 7.644   6.395   5.109   1.00 15.77 ? 56   PHE A CA  1 
ATOM   416  C  C   . PHE A 1 56  ? 6.315   6.645   5.780   1.00 15.67 ? 56   PHE A C   1 
ATOM   417  O  O   . PHE A 1 56  ? 5.587   5.716   6.118   1.00 15.26 ? 56   PHE A O   1 
ATOM   418  C  CB  . PHE A 1 56  ? 7.598   6.755   3.611   1.00 16.52 ? 56   PHE A CB  1 
ATOM   419  C  CG  . PHE A 1 56  ? 6.732   5.852   2.760   1.00 16.50 ? 56   PHE A CG  1 
ATOM   420  C  CD1 . PHE A 1 56  ? 5.345   6.017   2.698   1.00 17.17 ? 56   PHE A CD1 1 
ATOM   421  C  CD2 . PHE A 1 56  ? 7.317   4.871   1.968   1.00 16.82 ? 56   PHE A CD2 1 
ATOM   422  C  CE1 . PHE A 1 56  ? 4.580   5.186   1.891   1.00 18.19 ? 56   PHE A CE1 1 
ATOM   423  C  CE2 . PHE A 1 56  ? 6.561   4.054   1.174   1.00 17.86 ? 56   PHE A CE2 1 
ATOM   424  C  CZ  . PHE A 1 56  ? 5.200   4.209   1.139   1.00 17.59 ? 56   PHE A CZ  1 
ATOM   425  N  N   . LYS A 1 57  ? 6.018   7.922   5.984   1.00 16.02 ? 57   LYS A N   1 
ATOM   426  C  CA  . LYS A 1 57  ? 4.764   8.358   6.597   1.00 16.30 ? 57   LYS A CA  1 
ATOM   427  C  C   . LYS A 1 57  ? 4.419   9.765   6.134   1.00 15.90 ? 57   LYS A C   1 
ATOM   428  O  O   . LYS A 1 57  ? 5.268   10.674  6.150   1.00 15.60 ? 57   LYS A O   1 
ATOM   429  C  CB  . LYS A 1 57  ? 4.869   8.303   8.123   1.00 16.78 ? 57   LYS A CB  1 
ATOM   430  C  CG  . LYS A 1 57  ? 3.581   8.680   8.875   1.00 17.38 ? 57   LYS A CG  1 
ATOM   431  C  CD  . LYS A 1 57  ? 3.746   8.507   10.398  1.00 17.86 ? 57   LYS A CD  1 
ATOM   432  C  CE  . LYS A 1 57  ? 2.401   8.601   11.169  1.00 19.90 ? 57   LYS A CE  1 
ATOM   433  N  NZ  . LYS A 1 57  ? 2.511   8.162   12.606  1.00 21.33 ? 57   LYS A NZ  1 
ATOM   434  N  N   . SER A 1 58  ? 3.178   9.947   5.699   1.00 15.65 ? 58   SER A N   1 
ATOM   435  C  CA  . SER A 1 58  ? 2.699   11.271  5.359   1.00 15.03 ? 58   SER A CA  1 
ATOM   436  C  C   . SER A 1 58  ? 1.879   11.878  6.492   1.00 14.73 ? 58   SER A C   1 
ATOM   437  O  O   . SER A 1 58  ? 1.416   11.178  7.399   1.00 14.56 ? 58   SER A O   1 
ATOM   438  C  CB  . SER A 1 58  ? 1.867   11.222  4.085   1.00 15.78 ? 58   SER A CB  1 
ATOM   439  O  OG  . SER A 1 58  ? 0.629   10.571  4.312   1.00 14.75 ? 58   SER A OG  1 
ATOM   440  N  N   . LYS A 1 59  ? 1.679   13.183  6.404   1.00 13.81 ? 59   LYS A N   1 
ATOM   441  C  CA  . LYS A 1 59  ? 0.760   13.881  7.293   1.00 13.85 ? 59   LYS A CA  1 
ATOM   442  C  C   . LYS A 1 59  ? -0.669  13.705  6.814   1.00 14.19 ? 59   LYS A C   1 
ATOM   443  O  O   . LYS A 1 59  ? -0.932  13.474  5.627   1.00 13.73 ? 59   LYS A O   1 
ATOM   444  C  CB  . LYS A 1 59  ? 1.104   15.359  7.315   1.00 14.31 ? 59   LYS A CB  1 
ATOM   445  C  CG  . LYS A 1 59  ? 2.510   15.633  7.824   1.00 14.95 ? 59   LYS A CG  1 
ATOM   446  C  CD  . LYS A 1 59  ? 2.856   17.090  7.719   1.00 17.22 ? 59   LYS A CD  1 
ATOM   447  C  CE  . LYS A 1 59  ? 2.182   17.888  8.803   1.00 18.62 ? 59   LYS A CE  1 
ATOM   448  N  NZ  . LYS A 1 59  ? 2.676   19.294  8.814   1.00 18.34 ? 59   LYS A NZ  1 
ATOM   449  N  N   . ILE A 1 60  ? -1.611  13.793  7.740   1.00 13.83 ? 60   ILE A N   1 
ATOM   450  C  CA  . ILE A 1 60  ? -3.013  13.767  7.373   1.00 14.33 ? 60   ILE A CA  1 
ATOM   451  C  C   . ILE A 1 60  ? -3.271  14.850  6.317   1.00 14.06 ? 60   ILE A C   1 
ATOM   452  O  O   . ILE A 1 60  ? -2.814  15.994  6.462   1.00 14.23 ? 60   ILE A O   1 
ATOM   453  C  CB  . ILE A 1 60  ? -3.911  13.962  8.617   1.00 14.87 ? 60   ILE A CB  1 
ATOM   454  C  CG1 . ILE A 1 60  ? -3.711  12.805  9.600   1.00 17.18 ? 60   ILE A CG1 1 
ATOM   455  C  CG2 . ILE A 1 60  ? -5.381  14.097  8.213   1.00 16.04 ? 60   ILE A CG2 1 
ATOM   456  C  CD1 . ILE A 1 60  ? -4.337  11.491  9.174   1.00 19.25 ? 60   ILE A CD1 1 
ATOM   457  N  N   . ASN A 1 61  ? -3.978  14.462  5.248   1.00 13.75 ? 61   ASN A N   1 
ATOM   458  C  CA  . ASN A 1 61  ? -4.384  15.366  4.142   1.00 14.55 ? 61   ASN A CA  1 
ATOM   459  C  C   . ASN A 1 61  ? -3.280  15.737  3.140   1.00 14.78 ? 61   ASN A C   1 
ATOM   460  O  O   . ASN A 1 61  ? -3.546  16.460  2.179   1.00 16.38 ? 61   ASN A O   1 
ATOM   461  C  CB  . ASN A 1 61  ? -5.080  16.630  4.673   1.00 15.12 ? 61   ASN A CB  1 
ATOM   462  C  CG  . ASN A 1 61  ? -6.310  16.315  5.493   1.00 15.96 ? 61   ASN A CG  1 
ATOM   463  O  OD1 . ASN A 1 61  ? -6.999  15.332  5.235   1.00 16.67 ? 61   ASN A OD1 1 
ATOM   464  N  ND2 . ASN A 1 61  ? -6.598  17.158  6.485   1.00 18.83 ? 61   ASN A ND2 1 
ATOM   465  N  N   . GLU A 1 62  ? -2.067  15.240  3.349   1.00 14.21 ? 62   GLU A N   1 
ATOM   466  C  CA  . GLU A 1 62  ? -0.914  15.580  2.512   1.00 14.12 ? 62   GLU A CA  1 
ATOM   467  C  C   . GLU A 1 62  ? -0.852  14.740  1.234   1.00 13.96 ? 62   GLU A C   1 
ATOM   468  O  O   . GLU A 1 62  ? -1.036  13.528  1.273   1.00 14.61 ? 62   GLU A O   1 
ATOM   469  C  CB  . GLU A 1 62  ? 0.382   15.385  3.315   1.00 14.71 ? 62   GLU A CB  1 
ATOM   470  C  CG  . GLU A 1 62  ? 1.637   15.824  2.584   1.00 15.96 ? 62   GLU A CG  1 
ATOM   471  C  CD  . GLU A 1 62  ? 2.903   15.657  3.398   1.00 15.61 ? 62   GLU A CD  1 
ATOM   472  O  OE1 . GLU A 1 62  ? 3.841   16.439  3.141   1.00 19.89 ? 62   GLU A OE1 1 
ATOM   473  O  OE2 . GLU A 1 62  ? 2.987   14.773  4.288   1.00 14.66 ? 62   GLU A OE2 1 
ATOM   474  N  N   . ASN A 1 63  ? -0.580  15.392  0.102   1.00 12.61 ? 63   ASN A N   1 
ATOM   475  C  CA  . ASN A 1 63  ? -0.208  14.687  -1.122  1.00 13.13 ? 63   ASN A CA  1 
ATOM   476  C  C   . ASN A 1 63  ? 1.230   14.232  -0.964  1.00 13.27 ? 63   ASN A C   1 
ATOM   477  O  O   . ASN A 1 63  ? 2.099   15.033  -0.631  1.00 14.39 ? 63   ASN A O   1 
ATOM   478  C  CB  . ASN A 1 63  ? -0.316  15.609  -2.332  1.00 12.32 ? 63   ASN A CB  1 
ATOM   479  C  CG  . ASN A 1 63  ? -1.728  16.025  -2.629  1.00 12.44 ? 63   ASN A CG  1 
ATOM   480  O  OD1 . ASN A 1 63  ? -2.679  15.298  -2.349  1.00 13.89 ? 63   ASN A OD1 1 
ATOM   481  N  ND2 . ASN A 1 63  ? -1.878  17.199  -3.219  1.00 12.83 ? 63   ASN A ND2 1 
ATOM   482  N  N   . TYR A 1 64  ? 1.498   12.958  -1.202  1.00 13.51 ? 64   TYR A N   1 
ATOM   483  C  CA  . TYR A 1 64  ? 2.773   12.378  -0.802  1.00 13.86 ? 64   TYR A CA  1 
ATOM   484  C  C   . TYR A 1 64  ? 3.326   11.452  -1.869  1.00 13.73 ? 64   TYR A C   1 
ATOM   485  O  O   . TYR A 1 64  ? 2.692   10.452  -2.203  1.00 14.06 ? 64   TYR A O   1 
ATOM   486  C  CB  . TYR A 1 64  ? 2.581   11.616  0.509   1.00 15.02 ? 64   TYR A CB  1 
ATOM   487  C  CG  . TYR A 1 64  ? 3.857   11.278  1.231   1.00 15.40 ? 64   TYR A CG  1 
ATOM   488  C  CD1 . TYR A 1 64  ? 4.517   12.236  1.999   1.00 15.88 ? 64   TYR A CD1 1 
ATOM   489  C  CD2 . TYR A 1 64  ? 4.393   9.999   1.170   1.00 16.28 ? 64   TYR A CD2 1 
ATOM   490  C  CE1 . TYR A 1 64  ? 5.691   11.929  2.682   1.00 17.52 ? 64   TYR A CE1 1 
ATOM   491  C  CE2 . TYR A 1 64  ? 5.567   9.682   1.845   1.00 18.82 ? 64   TYR A CE2 1 
ATOM   492  C  CZ  . TYR A 1 64  ? 6.205   10.653  2.601   1.00 18.19 ? 64   TYR A CZ  1 
ATOM   493  O  OH  . TYR A 1 64  ? 7.361   10.331  3.283   1.00 20.67 ? 64   TYR A OH  1 
ATOM   494  N  N   . LYS A 1 65  ? 4.500   11.786  -2.393  1.00 13.70 ? 65   LYS A N   1 
ATOM   495  C  CA  . LYS A 1 65  ? 5.119   11.037  -3.484  1.00 13.81 ? 65   LYS A CA  1 
ATOM   496  C  C   . LYS A 1 65  ? 6.264   10.181  -2.974  1.00 14.41 ? 65   LYS A C   1 
ATOM   497  O  O   . LYS A 1 65  ? 7.130   10.657  -2.230  1.00 15.06 ? 65   LYS A O   1 
ATOM   498  C  CB  . LYS A 1 65  ? 5.639   11.997  -4.554  1.00 14.31 ? 65   LYS A CB  1 
ATOM   499  C  CG  . LYS A 1 65  ? 6.227   11.311  -5.781  1.00 14.05 ? 65   LYS A CG  1 
ATOM   500  C  CD  . LYS A 1 65  ? 6.606   12.351  -6.816  1.00 16.06 ? 65   LYS A CD  1 
ATOM   501  C  CE  . LYS A 1 65  ? 7.165   11.693  -8.052  1.00 17.32 ? 65   LYS A CE  1 
ATOM   502  N  NZ  . LYS A 1 65  ? 7.532   12.691  -9.099  1.00 18.09 ? 65   LYS A NZ  1 
ATOM   503  N  N   . VAL A 1 66  ? 6.290   8.932   -3.436  1.00 13.96 ? 66   VAL A N   1 
ATOM   504  C  CA  . VAL A 1 66  ? 7.334   7.974   -3.080  1.00 15.11 ? 66   VAL A CA  1 
ATOM   505  C  C   . VAL A 1 66  ? 7.891   7.346   -4.358  1.00 14.68 ? 66   VAL A C   1 
ATOM   506  O  O   . VAL A 1 66  ? 7.141   6.996   -5.273  1.00 14.35 ? 66   VAL A O   1 
ATOM   507  C  CB  . VAL A 1 66  ? 6.773   6.851   -2.165  1.00 15.60 ? 66   VAL A CB  1 
ATOM   508  C  CG1 . VAL A 1 66  ? 7.847   5.803   -1.847  1.00 16.95 ? 66   VAL A CG1 1 
ATOM   509  C  CG2 . VAL A 1 66  ? 6.173   7.429   -0.882  1.00 18.30 ? 66   VAL A CG2 1 
ATOM   510  N  N   . THR A 1 67  ? 9.208   7.201   -4.413  1.00 14.83 ? 67   THR A N   1 
ATOM   511  C  CA  . THR A 1 67  ? 9.882   6.478   -5.480  1.00 15.88 ? 67   THR A CA  1 
ATOM   512  C  C   . THR A 1 67  ? 10.233  5.081   -4.984  1.00 16.23 ? 67   THR A C   1 
ATOM   513  O  O   . THR A 1 67  ? 10.875  4.941   -3.942  1.00 17.26 ? 67   THR A O   1 
ATOM   514  C  CB  . THR A 1 67  ? 11.162  7.210   -5.896  1.00 16.12 ? 67   THR A CB  1 
ATOM   515  O  OG1 . THR A 1 67  ? 10.814  8.519   -6.358  1.00 17.72 ? 67   THR A OG1 1 
ATOM   516  C  CG2 . THR A 1 67  ? 11.876  6.457   -7.007  1.00 16.88 ? 67   THR A CG2 1 
ATOM   517  N  N   . PHE A 1 68  ? 9.826   4.059   -5.726  1.00 15.71 ? 68   PHE A N   1 
ATOM   518  C  CA  . PHE A 1 68  ? 10.041  2.666   -5.341  1.00 15.92 ? 68   PHE A CA  1 
ATOM   519  C  C   . PHE A 1 68  ? 11.119  2.028   -6.202  1.00 15.43 ? 68   PHE A C   1 
ATOM   520  O  O   . PHE A 1 68  ? 10.929  1.899   -7.418  1.00 15.99 ? 68   PHE A O   1 
ATOM   521  C  CB  . PHE A 1 68  ? 8.732   1.886   -5.494  1.00 16.22 ? 68   PHE A CB  1 
ATOM   522  C  CG  . PHE A 1 68  ? 7.644   2.323   -4.552  1.00 15.43 ? 68   PHE A CG  1 
ATOM   523  C  CD1 . PHE A 1 68  ? 7.454   1.669   -3.346  1.00 16.26 ? 68   PHE A CD1 1 
ATOM   524  C  CD2 . PHE A 1 68  ? 6.786   3.378   -4.879  1.00 16.40 ? 68   PHE A CD2 1 
ATOM   525  C  CE1 . PHE A 1 68  ? 6.443   2.062   -2.470  1.00 16.37 ? 68   PHE A CE1 1 
ATOM   526  C  CE2 . PHE A 1 68  ? 5.771   3.770   -4.005  1.00 15.74 ? 68   PHE A CE2 1 
ATOM   527  C  CZ  . PHE A 1 68  ? 5.605   3.107   -2.800  1.00 16.13 ? 68   PHE A CZ  1 
ATOM   528  N  N   . THR A 1 69  ? 12.247  1.652   -5.603  1.00 14.90 ? 69   THR A N   1 
ATOM   529  C  CA  . THR A 1 69  ? 13.319  0.983   -6.341  1.00 14.81 ? 69   THR A CA  1 
ATOM   530  C  C   . THR A 1 69  ? 13.606  -0.438  -5.890  1.00 14.53 ? 69   THR A C   1 
ATOM   531  O  O   . THR A 1 69  ? 13.879  -1.289  -6.730  1.00 14.08 ? 69   THR A O   1 
ATOM   532  C  CB  . THR A 1 69  ? 14.650  1.774   -6.347  1.00 15.30 ? 69   THR A CB  1 
ATOM   533  O  OG1 . THR A 1 69  ? 15.025  2.100   -5.001  1.00 15.57 ? 69   THR A OG1 1 
ATOM   534  C  CG2 . THR A 1 69  ? 14.517  3.030   -7.181  1.00 17.40 ? 69   THR A CG2 1 
ATOM   535  N  N   . ALA A 1 70  ? 13.604  -0.689  -4.582  1.00 14.34 ? 70   ALA A N   1 
ATOM   536  C  CA  . ALA A 1 70  ? 13.937  -2.020  -4.078  1.00 14.39 ? 70   ALA A CA  1 
ATOM   537  C  C   . ALA A 1 70  ? 12.843  -3.019  -4.446  1.00 14.04 ? 70   ALA A C   1 
ATOM   538  O  O   . ALA A 1 70  ? 11.655  -2.726  -4.301  1.00 13.80 ? 70   ALA A O   1 
ATOM   539  C  CB  . ALA A 1 70  ? 14.163  -1.986  -2.572  1.00 14.99 ? 70   ALA A CB  1 
ATOM   540  N  N   . PRO A 1 71  ? 13.237  -4.192  -4.958  1.00 14.34 ? 71   PRO A N   1 
ATOM   541  C  CA  . PRO A 1 71  ? 12.228  -5.148  -5.372  1.00 14.49 ? 71   PRO A CA  1 
ATOM   542  C  C   . PRO A 1 71  ? 11.496  -5.782  -4.195  1.00 14.48 ? 71   PRO A C   1 
ATOM   543  O  O   . PRO A 1 71  ? 12.082  -6.001  -3.139  1.00 14.88 ? 71   PRO A O   1 
ATOM   544  C  CB  . PRO A 1 71  ? 13.036  -6.208  -6.127  1.00 15.17 ? 71   PRO A CB  1 
ATOM   545  C  CG  . PRO A 1 71  ? 14.384  -6.130  -5.545  1.00 16.15 ? 71   PRO A CG  1 
ATOM   546  C  CD  . PRO A 1 71  ? 14.606  -4.683  -5.218  1.00 14.79 ? 71   PRO A CD  1 
ATOM   547  N  N   . GLY A 1 72  ? 10.223  -6.081  -4.401  1.00 14.41 ? 72   GLY A N   1 
ATOM   548  C  CA  . GLY A 1 72  ? 9.439   -6.752  -3.372  1.00 14.47 ? 72   GLY A CA  1 
ATOM   549  C  C   . GLY A 1 72  ? 8.084   -6.127  -3.190  1.00 14.43 ? 72   GLY A C   1 
ATOM   550  O  O   . GLY A 1 72  ? 7.657   -5.309  -4.001  1.00 14.59 ? 72   GLY A O   1 
ATOM   551  N  N   . VAL A 1 73  ? 7.386   -6.531  -2.135  1.00 13.51 ? 73   VAL A N   1 
ATOM   552  C  CA  . VAL A 1 73  ? 6.080   -5.950  -1.839  1.00 14.39 ? 73   VAL A CA  1 
ATOM   553  C  C   . VAL A 1 73  ? 6.185   -4.958  -0.688  1.00 13.93 ? 73   VAL A C   1 
ATOM   554  O  O   . VAL A 1 73  ? 7.018   -5.100  0.207   1.00 14.66 ? 73   VAL A O   1 
ATOM   555  C  CB  . VAL A 1 73  ? 4.986   -7.017  -1.563  1.00 14.25 ? 73   VAL A CB  1 
ATOM   556  C  CG1 . VAL A 1 73  ? 4.572   -7.692  -2.865  1.00 16.04 ? 73   VAL A CG1 1 
ATOM   557  C  CG2 . VAL A 1 73  ? 5.435   -8.048  -0.525  1.00 16.34 ? 73   VAL A CG2 1 
ATOM   558  N  N   . TYR A 1 74  ? 5.317   -3.952  -0.738  1.00 14.21 ? 74   TYR A N   1 
ATOM   559  C  CA  . TYR A 1 74  ? 5.304   -2.868  0.240   1.00 14.02 ? 74   TYR A CA  1 
ATOM   560  C  C   . TYR A 1 74  ? 3.889   -2.751  0.759   1.00 14.42 ? 74   TYR A C   1 
ATOM   561  O  O   . TYR A 1 74  ? 2.991   -2.336  0.020   1.00 14.78 ? 74   TYR A O   1 
ATOM   562  C  CB  . TYR A 1 74  ? 5.655   -1.540  -0.429  1.00 14.81 ? 74   TYR A CB  1 
ATOM   563  C  CG  . TYR A 1 74  ? 7.057   -1.421  -0.973  1.00 13.55 ? 74   TYR A CG  1 
ATOM   564  C  CD1 . TYR A 1 74  ? 7.476   -2.142  -2.100  1.00 14.37 ? 74   TYR A CD1 1 
ATOM   565  C  CD2 . TYR A 1 74  ? 7.954   -0.540  -0.399  1.00 13.86 ? 74   TYR A CD2 1 
ATOM   566  C  CE1 . TYR A 1 74  ? 8.756   -2.007  -2.601  1.00 13.84 ? 74   TYR A CE1 1 
ATOM   567  C  CE2 . TYR A 1 74  ? 9.226   -0.395  -0.908  1.00 14.33 ? 74   TYR A CE2 1 
ATOM   568  C  CZ  . TYR A 1 74  ? 9.627   -1.136  -2.001  1.00 13.71 ? 74   TYR A CZ  1 
ATOM   569  O  OH  . TYR A 1 74  ? 10.896  -0.993  -2.509  1.00 14.93 ? 74   TYR A OH  1 
ATOM   570  N  N   . GLY A 1 75  ? 3.665   -3.130  2.010   1.00 13.72 ? 75   GLY A N   1 
ATOM   571  C  CA  . GLY A 1 75  ? 2.365   -2.937  2.640   1.00 13.63 ? 75   GLY A CA  1 
ATOM   572  C  C   . GLY A 1 75  ? 2.238   -1.523  3.159   1.00 12.80 ? 75   GLY A C   1 
ATOM   573  O  O   . GLY A 1 75  ? 3.154   -1.026  3.832   1.00 14.14 ? 75   GLY A O   1 
ATOM   574  N  N   . VAL A 1 76  ? 1.122   -0.880  2.837   1.00 13.49 ? 76   VAL A N   1 
ATOM   575  C  CA  . VAL A 1 76  ? 0.852   0.481   3.312   1.00 14.33 ? 76   VAL A CA  1 
ATOM   576  C  C   . VAL A 1 76  ? -0.482  0.535   4.040   1.00 14.35 ? 76   VAL A C   1 
ATOM   577  O  O   . VAL A 1 76  ? -1.370  -0.274  3.773   1.00 14.37 ? 76   VAL A O   1 
ATOM   578  C  CB  . VAL A 1 76  ? 0.888   1.553   2.175   1.00 14.45 ? 76   VAL A CB  1 
ATOM   579  C  CG1 . VAL A 1 76  ? 2.280   1.620   1.520   1.00 15.70 ? 76   VAL A CG1 1 
ATOM   580  C  CG2 . VAL A 1 76  ? -0.190  1.338   1.130   1.00 15.90 ? 76   VAL A CG2 1 
ATOM   581  N  N   . LYS A 1 77  ? -0.616  1.493   4.949   1.00 14.46 ? 77   LYS A N   1 
ATOM   582  C  CA  . LYS A 1 77  ? -1.805  1.643   5.752   1.00 15.08 ? 77   LYS A CA  1 
ATOM   583  C  C   . LYS A 1 77  ? -2.080  3.122   5.928   1.00 14.88 ? 77   LYS A C   1 
ATOM   584  O  O   . LYS A 1 77  ? -1.241  3.979   5.627   1.00 15.08 ? 77   LYS A O   1 
ATOM   585  C  CB  . LYS A 1 77  ? -1.631  0.966   7.127   1.00 15.39 ? 77   LYS A CB  1 
ATOM   586  C  CG  . LYS A 1 77  ? -0.571  1.632   8.023   1.00 16.66 ? 77   LYS A CG  1 
ATOM   587  C  CD  . LYS A 1 77  ? -0.534  1.035   9.423   1.00 17.62 ? 77   LYS A CD  1 
ATOM   588  C  CE  . LYS A 1 77  ? 0.167   1.951   10.408  1.00 22.52 ? 77   LYS A CE  1 
ATOM   589  N  NZ  . LYS A 1 77  ? 0.074   1.428   11.805  1.00 25.14 ? 77   LYS A NZ  1 
ATOM   590  N  N   . CYS A 1 78  ? -3.267  3.412   6.438   1.00 16.03 ? 78   CYS A N   1 
ATOM   591  C  CA  . CYS A 1 78  ? -3.659  4.745   6.853   1.00 16.48 ? 78   CYS A CA  1 
ATOM   592  C  C   . CYS A 1 78  ? -3.779  4.726   8.378   1.00 17.51 ? 78   CYS A C   1 
ATOM   593  O  O   . CYS A 1 78  ? -4.501  3.898   8.944   1.00 18.97 ? 78   CYS A O   1 
ATOM   594  C  CB  . CYS A 1 78  ? -4.985  5.064   6.184   1.00 16.88 ? 78   CYS A CB  1 
ATOM   595  S  SG  . CYS A 1 78  ? -5.784  6.567   6.722   1.00 17.44 ? 78   CYS A SG  1 
ATOM   596  N  N   . THR A 1 79  ? -3.058  5.625   9.036   1.00 18.15 ? 79   THR A N   1 
ATOM   597  C  CA  . THR A 1 79  ? -2.945  5.650   10.497  1.00 19.80 ? 79   THR A CA  1 
ATOM   598  C  C   . THR A 1 79  ? -4.291  5.645   11.261  1.00 19.35 ? 79   THR A C   1 
ATOM   599  O  O   . THR A 1 79  ? -4.496  4.790   12.127  1.00 19.43 ? 79   THR A O   1 
ATOM   600  C  CB  . THR A 1 79  ? -2.043  6.833   10.947  1.00 20.10 ? 79   THR A CB  1 
ATOM   601  O  OG1 . THR A 1 79  ? -0.802  6.778   10.229  1.00 23.58 ? 79   THR A OG1 1 
ATOM   602  C  CG2 . THR A 1 79  ? -1.782  6.786   12.448  1.00 22.71 ? 79   THR A CG2 1 
ATOM   603  N  N   . PRO A 1 80  ? -5.203  6.592   10.964  1.00 18.99 ? 80   PRO A N   1 
ATOM   604  C  CA  . PRO A 1 80  ? -6.480  6.610   11.690  1.00 19.51 ? 80   PRO A CA  1 
ATOM   605  C  C   . PRO A 1 80  ? -7.473  5.498   11.341  1.00 19.57 ? 80   PRO A C   1 
ATOM   606  O  O   . PRO A 1 80  ? -8.373  5.223   12.139  1.00 20.33 ? 80   PRO A O   1 
ATOM   607  C  CB  . PRO A 1 80  ? -7.075  7.972   11.331  1.00 19.99 ? 80   PRO A CB  1 
ATOM   608  C  CG  . PRO A 1 80  ? -6.452  8.349   10.062  1.00 19.80 ? 80   PRO A CG  1 
ATOM   609  C  CD  . PRO A 1 80  ? -5.083  7.725   10.028  1.00 18.86 ? 80   PRO A CD  1 
ATOM   610  N  N   . HIS A 1 81  ? -7.311  4.846   10.189  1.00 19.22 ? 81   HIS A N   1 
ATOM   611  C  CA  . HIS A 1 81  ? -8.323  3.893   9.721   1.00 19.94 ? 81   HIS A CA  1 
ATOM   612  C  C   . HIS A 1 81  ? -7.799  2.478   9.617   1.00 20.87 ? 81   HIS A C   1 
ATOM   613  O  O   . HIS A 1 81  ? -7.007  2.186   8.715   1.00 20.07 ? 81   HIS A O   1 
ATOM   614  C  CB  . HIS A 1 81  ? -8.908  4.329   8.378   1.00 19.97 ? 81   HIS A CB  1 
ATOM   615  C  CG  . HIS A 1 81  ? -9.557  5.674   8.428   1.00 19.83 ? 81   HIS A CG  1 
ATOM   616  N  ND1 . HIS A 1 81  ? -9.227  6.694   7.563   1.00 21.54 ? 81   HIS A ND1 1 
ATOM   617  C  CD2 . HIS A 1 81  ? -10.495 6.174   9.266   1.00 20.68 ? 81   HIS A CD2 1 
ATOM   618  C  CE1 . HIS A 1 81  ? -9.946  7.761   7.858   1.00 20.19 ? 81   HIS A CE1 1 
ATOM   619  N  NE2 . HIS A 1 81  ? -10.716 7.476   8.891   1.00 21.18 ? 81   HIS A NE2 1 
ATOM   620  N  N   . PRO A 1 82  ? -8.285  1.581   10.505  1.00 21.41 ? 82   PRO A N   1 
ATOM   621  C  CA  . PRO A 1 82  ? -7.701  0.242   10.642  1.00 21.76 ? 82   PRO A CA  1 
ATOM   622  C  C   . PRO A 1 82  ? -7.801  -0.666  9.419   1.00 21.67 ? 82   PRO A C   1 
ATOM   623  O  O   . PRO A 1 82  ? -6.914  -1.486  9.203   1.00 22.59 ? 82   PRO A O   1 
ATOM   624  C  CB  . PRO A 1 82  ? -8.487  -0.363  11.812  1.00 22.01 ? 82   PRO A CB  1 
ATOM   625  C  CG  . PRO A 1 82  ? -9.772  0.380   11.835  1.00 22.25 ? 82   PRO A CG  1 
ATOM   626  C  CD  . PRO A 1 82  ? -9.417  1.778   11.437  1.00 21.72 ? 82   PRO A CD  1 
ATOM   627  N  N   . PHE A 1 83  ? -8.871  -0.566  8.643   1.00 21.19 ? 83   PHE A N   1 
ATOM   628  C  CA  . PHE A 1 83  ? -9.035  -1.499  7.530   1.00 20.54 ? 83   PHE A CA  1 
ATOM   629  C  C   . PHE A 1 83  ? -8.369  -0.976  6.272   1.00 19.28 ? 83   PHE A C   1 
ATOM   630  O  O   . PHE A 1 83  ? -8.344  -1.666  5.269   1.00 18.74 ? 83   PHE A O   1 
ATOM   631  C  CB  . PHE A 1 83  ? -10.516 -1.810  7.254   1.00 21.14 ? 83   PHE A CB  1 
ATOM   632  C  CG  . PHE A 1 83  ? -11.212 -2.554  8.363   1.00 21.76 ? 83   PHE A CG  1 
ATOM   633  C  CD1 . PHE A 1 83  ? -10.487 -3.191  9.372   1.00 22.12 ? 83   PHE A CD1 1 
ATOM   634  C  CD2 . PHE A 1 83  ? -12.604 -2.627  8.389   1.00 23.28 ? 83   PHE A CD2 1 
ATOM   635  C  CE1 . PHE A 1 83  ? -11.140 -3.881  10.391  1.00 23.33 ? 83   PHE A CE1 1 
ATOM   636  C  CE2 . PHE A 1 83  ? -13.263 -3.326  9.400   1.00 23.85 ? 83   PHE A CE2 1 
ATOM   637  C  CZ  . PHE A 1 83  ? -12.530 -3.946  10.406  1.00 23.35 ? 83   PHE A CZ  1 
ATOM   638  N  N   . MET A 1 84  ? -7.829  0.239   6.331   1.00 17.04 ? 84   MET A N   1 
ATOM   639  C  CA  . MET A 1 84  ? -7.399  0.921   5.129   1.00 15.77 ? 84   MET A CA  1 
ATOM   640  C  C   . MET A 1 84  ? -5.949  0.602   4.786   1.00 15.01 ? 84   MET A C   1 
ATOM   641  O  O   . MET A 1 84  ? -5.022  1.183   5.354   1.00 15.44 ? 84   MET A O   1 
ATOM   642  C  CB  . MET A 1 84  ? -7.609  2.418   5.295   1.00 15.14 ? 84   MET A CB  1 
ATOM   643  C  CG  . MET A 1 84  ? -7.323  3.169   4.026   1.00 16.23 ? 84   MET A CG  1 
ATOM   644  S  SD  . MET A 1 84  ? -8.060  4.784   4.081   1.00 17.43 ? 84   MET A SD  1 
ATOM   645  C  CE  . MET A 1 84  ? -7.229  5.513   2.695   1.00 18.44 ? 84   MET A CE  1 
ATOM   646  N  N   . VAL A 1 85  ? -5.777  -0.332  3.852   1.00 14.46 ? 85   VAL A N   1 
ATOM   647  C  CA  . VAL A 1 85  ? -4.475  -0.895  3.524   1.00 14.46 ? 85   VAL A CA  1 
ATOM   648  C  C   . VAL A 1 85  ? -4.324  -1.093  2.029   1.00 14.70 ? 85   VAL A C   1 
ATOM   649  O  O   . VAL A 1 85  ? -5.298  -1.109  1.270   1.00 14.95 ? 85   VAL A O   1 
ATOM   650  C  CB  . VAL A 1 85  ? -4.226  -2.249  4.254   1.00 13.93 ? 85   VAL A CB  1 
ATOM   651  C  CG1 . VAL A 1 85  ? -4.179  -2.052  5.772   1.00 15.82 ? 85   VAL A CG1 1 
ATOM   652  C  CG2 . VAL A 1 85  ? -5.285  -3.291  3.871   1.00 14.85 ? 85   VAL A CG2 1 
ATOM   653  N  N   . GLY A 1 86  ? -3.085  -1.256  1.598   1.00 14.37 ? 86   GLY A N   1 
ATOM   654  C  CA  . GLY A 1 86  ? -2.803  -1.514  0.192   1.00 14.83 ? 86   GLY A CA  1 
ATOM   655  C  C   . GLY A 1 86  ? -1.427  -2.111  0.030   1.00 14.57 ? 86   GLY A C   1 
ATOM   656  O  O   . GLY A 1 86  ? -0.671  -2.227  1.002   1.00 14.55 ? 86   GLY A O   1 
ATOM   657  N  N   . VAL A 1 87  ? -1.100  -2.497  -1.204  1.00 14.38 ? 87   VAL A N   1 
ATOM   658  C  CA  . VAL A 1 87  ? 0.201   -3.076  -1.517  1.00 14.74 ? 87   VAL A CA  1 
ATOM   659  C  C   . VAL A 1 87  ? 0.731   -2.507  -2.826  1.00 14.52 ? 87   VAL A C   1 
ATOM   660  O  O   . VAL A 1 87  ? 0.031   -2.503  -3.850  1.00 14.35 ? 87   VAL A O   1 
ATOM   661  C  CB  . VAL A 1 87  ? 0.147   -4.627  -1.627  1.00 14.36 ? 87   VAL A CB  1 
ATOM   662  C  CG1 . VAL A 1 87  ? 1.540   -5.187  -1.969  1.00 15.57 ? 87   VAL A CG1 1 
ATOM   663  C  CG2 . VAL A 1 87  ? -0.384  -5.258  -0.348  1.00 14.97 ? 87   VAL A CG2 1 
ATOM   664  N  N   . VAL A 1 88  ? 1.973   -2.032  -2.784  1.00 14.24 ? 88   VAL A N   1 
ATOM   665  C  CA  . VAL A 1 88  ? 2.719   -1.693  -3.987  1.00 14.93 ? 88   VAL A CA  1 
ATOM   666  C  C   . VAL A 1 88  ? 3.752   -2.788  -4.174  1.00 14.43 ? 88   VAL A C   1 
ATOM   667  O  O   . VAL A 1 88  ? 4.435   -3.177  -3.224  1.00 14.91 ? 88   VAL A O   1 
ATOM   668  C  CB  . VAL A 1 88  ? 3.390   -0.307  -3.885  1.00 14.80 ? 88   VAL A CB  1 
ATOM   669  C  CG1 . VAL A 1 88  ? 4.221   -0.007  -5.130  1.00 15.46 ? 88   VAL A CG1 1 
ATOM   670  C  CG2 . VAL A 1 88  ? 2.342   0.786   -3.663  1.00 16.10 ? 88   VAL A CG2 1 
ATOM   671  N  N   . GLN A 1 89  ? 3.870   -3.295  -5.391  1.00 14.47 ? 89   GLN A N   1 
ATOM   672  C  CA  . GLN A 1 89  ? 4.875   -4.295  -5.706  1.00 14.69 ? 89   GLN A CA  1 
ATOM   673  C  C   . GLN A 1 89  ? 5.849   -3.762  -6.748  1.00 15.13 ? 89   GLN A C   1 
ATOM   674  O  O   . GLN A 1 89  ? 5.421   -3.210  -7.769  1.00 15.44 ? 89   GLN A O   1 
ATOM   675  C  CB  . GLN A 1 89  ? 4.213   -5.573  -6.229  1.00 14.80 ? 89   GLN A CB  1 
ATOM   676  C  CG  . GLN A 1 89  ? 5.199   -6.678  -6.573  1.00 16.02 ? 89   GLN A CG  1 
ATOM   677  C  CD  . GLN A 1 89  ? 4.497   -7.964  -6.924  1.00 16.89 ? 89   GLN A CD  1 
ATOM   678  O  OE1 . GLN A 1 89  ? 3.559   -8.365  -6.243  1.00 18.24 ? 89   GLN A OE1 1 
ATOM   679  N  NE2 . GLN A 1 89  ? 4.942   -8.616  -7.988  1.00 18.33 ? 89   GLN A NE2 1 
ATOM   680  N  N   . VAL A 1 90  ? 7.143   -3.934  -6.475  1.00 14.59 ? 90   VAL A N   1 
ATOM   681  C  CA  . VAL A 1 90  ? 8.197   -3.620  -7.434  1.00 15.16 ? 90   VAL A CA  1 
ATOM   682  C  C   . VAL A 1 90  ? 8.726   -4.918  -8.000  1.00 15.19 ? 90   VAL A C   1 
ATOM   683  O  O   . VAL A 1 90  ? 9.230   -5.765  -7.270  1.00 14.79 ? 90   VAL A O   1 
ATOM   684  C  CB  . VAL A 1 90  ? 9.355   -2.863  -6.753  1.00 14.81 ? 90   VAL A CB  1 
ATOM   685  C  CG1 . VAL A 1 90  ? 10.532  -2.688  -7.737  1.00 16.40 ? 90   VAL A CG1 1 
ATOM   686  C  CG2 . VAL A 1 90  ? 8.878   -1.522  -6.245  1.00 16.73 ? 90   VAL A CG2 1 
ATOM   687  N  N   . GLY A 1 91  ? 8.610   -5.063  -9.321  1.00 16.34 ? 91   GLY A N   1 
ATOM   688  C  CA  . GLY A 1 91  ? 9.117   -6.241  -10.031 1.00 18.05 ? 91   GLY A CA  1 
ATOM   689  C  C   . GLY A 1 91  ? 8.246   -7.480  -9.898  1.00 19.20 ? 91   GLY A C   1 
ATOM   690  O  O   . GLY A 1 91  ? 7.138   -7.419  -9.361  1.00 19.11 ? 91   GLY A O   1 
ATOM   691  N  N   . ASP A 1 92  ? 8.765   -8.599  -10.403 1.00 20.74 ? 92   ASP A N   1 
ATOM   692  C  CA  . ASP A 1 92  ? 8.122   -9.916  -10.320 1.00 22.04 ? 92   ASP A CA  1 
ATOM   693  C  C   . ASP A 1 92  ? 8.744   -10.729 -9.177  1.00 22.18 ? 92   ASP A C   1 
ATOM   694  O  O   . ASP A 1 92  ? 9.819   -10.389 -8.681  1.00 23.52 ? 92   ASP A O   1 
ATOM   695  C  CB  . ASP A 1 92  ? 8.313   -10.683 -11.639 1.00 22.88 ? 92   ASP A CB  1 
ATOM   696  C  CG  . ASP A 1 92  ? 7.822   -9.912  -12.860 1.00 24.42 ? 92   ASP A CG  1 
ATOM   697  O  OD1 . ASP A 1 92  ? 6.775   -9.230  -12.782 1.00 27.10 ? 92   ASP A OD1 1 
ATOM   698  O  OD2 . ASP A 1 92  ? 8.484   -10.016 -13.919 1.00 28.34 ? 92   ASP A OD2 1 
ATOM   699  N  N   . ALA A 1 93  ? 8.075   -11.810 -8.782  1.00 22.80 ? 93   ALA A N   1 
ATOM   700  C  CA  . ALA A 1 93  ? 8.571   -12.730 -7.745  1.00 22.68 ? 93   ALA A CA  1 
ATOM   701  C  C   . ALA A 1 93  ? 9.178   -12.011 -6.527  1.00 22.34 ? 93   ALA A C   1 
ATOM   702  O  O   . ALA A 1 93  ? 10.378  -12.130 -6.252  1.00 23.14 ? 93   ALA A O   1 
ATOM   703  C  CB  . ALA A 1 93  ? 9.562   -13.741 -8.346  1.00 22.90 ? 93   ALA A CB  1 
ATOM   704  N  N   . PRO A 1 94  ? 8.346   -11.242 -5.799  1.00 21.52 ? 94   PRO A N   1 
ATOM   705  C  CA  . PRO A 1 94  ? 8.802   -10.521 -4.614  1.00 20.87 ? 94   PRO A CA  1 
ATOM   706  C  C   . PRO A 1 94  ? 9.332   -11.469 -3.539  1.00 20.62 ? 94   PRO A C   1 
ATOM   707  O  O   . PRO A 1 94  ? 8.715   -12.499 -3.256  1.00 21.67 ? 94   PRO A O   1 
ATOM   708  C  CB  . PRO A 1 94  ? 7.534   -9.804  -4.135  1.00 20.25 ? 94   PRO A CB  1 
ATOM   709  C  CG  . PRO A 1 94  ? 6.409   -10.564 -4.736  1.00 20.95 ? 94   PRO A CG  1 
ATOM   710  C  CD  . PRO A 1 94  ? 6.915   -11.008 -6.060  1.00 21.48 ? 94   PRO A CD  1 
ATOM   711  N  N   . ALA A 1 95  ? 10.470  -11.125 -2.945  1.00 20.66 ? 95   ALA A N   1 
ATOM   712  C  CA  . ALA A 1 95  ? 11.142  -12.017 -1.996  1.00 20.87 ? 95   ALA A CA  1 
ATOM   713  C  C   . ALA A 1 95  ? 10.520  -12.006 -0.599  1.00 20.96 ? 95   ALA A C   1 
ATOM   714  O  O   . ALA A 1 95  ? 10.696  -12.947 0.177   1.00 21.15 ? 95   ALA A O   1 
ATOM   715  C  CB  . ALA A 1 95  ? 12.614  -11.683 -1.918  1.00 21.27 ? 95   ALA A CB  1 
ATOM   716  N  N   . ASN A 1 96  ? 9.794   -10.942 -0.283  1.00 20.39 ? 96   ASN A N   1 
ATOM   717  C  CA  . ASN A 1 96  ? 9.221   -10.768 1.053   1.00 19.86 ? 96   ASN A CA  1 
ATOM   718  C  C   . ASN A 1 96  ? 7.707   -10.959 1.082   1.00 20.03 ? 96   ASN A C   1 
ATOM   719  O  O   . ASN A 1 96  ? 7.011   -10.391 1.921   1.00 19.73 ? 96   ASN A O   1 
ATOM   720  C  CB  . ASN A 1 96  ? 9.597   -9.390  1.615   1.00 19.25 ? 96   ASN A CB  1 
ATOM   721  C  CG  . ASN A 1 96  ? 8.956   -8.249  0.845   1.00 18.44 ? 96   ASN A CG  1 
ATOM   722  O  OD1 . ASN A 1 96  ? 8.825   -8.313  -0.381  1.00 17.95 ? 96   ASN A OD1 1 
ATOM   723  N  ND2 . ASN A 1 96  ? 8.552   -7.197  1.561   1.00 15.59 ? 96   ASN A ND2 1 
ATOM   724  N  N   . LEU A 1 97  ? 7.197   -11.763 0.156   1.00 20.41 ? 97   LEU A N   1 
ATOM   725  C  CA  . LEU A 1 97  ? 5.772   -12.041 0.075   1.00 20.73 ? 97   LEU A CA  1 
ATOM   726  C  C   . LEU A 1 97  ? 5.168   -12.507 1.406   1.00 20.77 ? 97   LEU A C   1 
ATOM   727  O  O   . LEU A 1 97  ? 4.077   -12.082 1.797   1.00 20.92 ? 97   LEU A O   1 
ATOM   728  C  CB  . LEU A 1 97  ? 5.525   -13.087 -1.014  1.00 21.29 ? 97   LEU A CB  1 
ATOM   729  C  CG  . LEU A 1 97  ? 4.102   -13.238 -1.522  1.00 21.95 ? 97   LEU A CG  1 
ATOM   730  C  CD1 . LEU A 1 97  ? 3.585   -11.936 -2.124  1.00 23.06 ? 97   LEU A CD1 1 
ATOM   731  C  CD2 . LEU A 1 97  ? 4.060   -14.351 -2.549  1.00 22.25 ? 97   LEU A CD2 1 
ATOM   732  N  N   . GLU A 1 98  ? 5.889   -13.372 2.111   1.00 20.60 ? 98   GLU A N   1 
ATOM   733  C  CA  . GLU A 1 98  ? 5.394   -13.921 3.366   1.00 21.03 ? 98   GLU A CA  1 
ATOM   734  C  C   . GLU A 1 98  ? 5.238   -12.884 4.478   1.00 20.40 ? 98   GLU A C   1 
ATOM   735  O  O   . GLU A 1 98  ? 4.382   -13.032 5.344   1.00 20.27 ? 98   GLU A O   1 
ATOM   736  C  CB  . GLU A 1 98  ? 6.244   -15.112 3.815   1.00 21.53 ? 98   GLU A CB  1 
ATOM   737  C  CG  . GLU A 1 98  ? 6.134   -16.335 2.887   1.00 24.90 ? 98   GLU A CG  1 
ATOM   738  C  CD  . GLU A 1 98  ? 4.694   -16.672 2.488   1.00 29.04 ? 98   GLU A CD  1 
ATOM   739  O  OE1 . GLU A 1 98  ? 3.850   -16.891 3.391   1.00 31.27 ? 98   GLU A OE1 1 
ATOM   740  O  OE2 . GLU A 1 98  ? 4.412   -16.728 1.265   1.00 30.33 ? 98   GLU A OE2 1 
ATOM   741  N  N   . ALA A 1 99  ? 6.036   -11.816 4.433   1.00 20.38 ? 99   ALA A N   1 
ATOM   742  C  CA  . ALA A 1 99  ? 5.906   -10.724 5.407   1.00 20.24 ? 99   ALA A CA  1 
ATOM   743  C  C   . ALA A 1 99  ? 4.525   -10.071 5.373   1.00 20.75 ? 99   ALA A C   1 
ATOM   744  O  O   . ALA A 1 99  ? 4.030   -9.601  6.393   1.00 20.74 ? 99   ALA A O   1 
ATOM   745  C  CB  . ALA A 1 99  ? 6.983   -9.681  5.192   1.00 20.35 ? 99   ALA A CB  1 
ATOM   746  N  N   . VAL A 1 100 ? 3.914   -10.034 4.193   1.00 20.75 ? 100  VAL A N   1 
ATOM   747  C  CA  . VAL A 1 100 ? 2.570   -9.491  4.049   1.00 21.89 ? 100  VAL A CA  1 
ATOM   748  C  C   . VAL A 1 100 ? 1.548   -10.608 4.206   1.00 22.96 ? 100  VAL A C   1 
ATOM   749  O  O   . VAL A 1 100 ? 0.626   -10.502 5.011   1.00 23.11 ? 100  VAL A O   1 
ATOM   750  C  CB  . VAL A 1 100 ? 2.378   -8.795  2.677   1.00 21.58 ? 100  VAL A CB  1 
ATOM   751  C  CG1 . VAL A 1 100 ? 0.971   -8.211  2.551   1.00 21.79 ? 100  VAL A CG1 1 
ATOM   752  C  CG2 . VAL A 1 100 ? 3.435   -7.723  2.460   1.00 22.15 ? 100  VAL A CG2 1 
ATOM   753  N  N   . LYS A 1 101 ? 1.760   -11.681 3.449   1.00 24.53 ? 101  LYS A N   1 
ATOM   754  C  CA  . LYS A 1 101 ? 0.801   -12.769 3.284   1.00 26.04 ? 101  LYS A CA  1 
ATOM   755  C  C   . LYS A 1 101 ? 0.593   -13.583 4.557   1.00 26.84 ? 101  LYS A C   1 
ATOM   756  O  O   . LYS A 1 101 ? -0.515  -14.062 4.825   1.00 27.37 ? 101  LYS A O   1 
ATOM   757  C  CB  . LYS A 1 101 ? 1.279   -13.687 2.162   1.00 26.09 ? 101  LYS A CB  1 
ATOM   758  C  CG  . LYS A 1 101 ? 0.192   -14.482 1.483   1.00 26.51 ? 101  LYS A CG  1 
ATOM   759  C  CD  . LYS A 1 101 ? 0.734   -15.107 0.229   1.00 27.01 ? 101  LYS A CD  1 
ATOM   760  C  CE  . LYS A 1 101 ? -0.354  -15.831 -0.527  1.00 27.75 ? 101  LYS A CE  1 
ATOM   761  N  NZ  . LYS A 1 101 ? 0.230   -16.447 -1.743  1.00 28.08 ? 101  LYS A NZ  1 
ATOM   762  N  N   . GLY A 1 102 ? 1.664   -13.741 5.331   1.00 27.50 ? 102  GLY A N   1 
ATOM   763  C  CA  . GLY A 1 102 ? 1.628   -14.558 6.541   1.00 28.35 ? 102  GLY A CA  1 
ATOM   764  C  C   . GLY A 1 102 ? 1.429   -13.768 7.819   1.00 28.83 ? 102  GLY A C   1 
ATOM   765  O  O   . GLY A 1 102 ? 1.602   -14.307 8.915   1.00 29.23 ? 102  GLY A O   1 
ATOM   766  N  N   . ALA A 1 103 ? 1.058   -12.495 7.684   1.00 29.07 ? 103  ALA A N   1 
ATOM   767  C  CA  . ALA A 1 103 ? 0.867   -11.609 8.832   1.00 29.40 ? 103  ALA A CA  1 
ATOM   768  C  C   . ALA A 1 103 ? -0.474  -11.849 9.530   1.00 29.89 ? 103  ALA A C   1 
ATOM   769  O  O   . ALA A 1 103 ? -1.340  -12.555 9.002   1.00 30.14 ? 103  ALA A O   1 
ATOM   770  C  CB  . ALA A 1 103 ? 1.003   -10.153 8.408   1.00 29.50 ? 103  ALA A CB  1 
ATOM   771  N  N   . LYS A 1 104 ? -0.630  -11.258 10.715  1.00 30.25 ? 104  LYS A N   1 
ATOM   772  C  CA  . LYS A 1 104 ? -1.816  -11.462 11.554  1.00 30.64 ? 104  LYS A CA  1 
ATOM   773  C  C   . LYS A 1 104 ? -2.503  -10.141 11.911  1.00 30.60 ? 104  LYS A C   1 
ATOM   774  O  O   . LYS A 1 104 ? -2.462  -9.690  13.059  1.00 31.19 ? 104  LYS A O   1 
ATOM   775  C  CB  . LYS A 1 104 ? -1.451  -12.238 12.830  1.00 30.80 ? 104  LYS A CB  1 
ATOM   776  C  CG  . LYS A 1 104 ? -0.725  -13.570 12.609  1.00 31.23 ? 104  LYS A CG  1 
ATOM   777  C  CD  . LYS A 1 104 ? -1.640  -14.654 12.047  1.00 33.10 ? 104  LYS A CD  1 
ATOM   778  C  CE  . LYS A 1 104 ? -0.861  -15.932 11.773  1.00 33.96 ? 104  LYS A CE  1 
ATOM   779  N  NZ  . LYS A 1 104 ? -1.721  -17.022 11.224  1.00 34.66 ? 104  LYS A NZ  1 
ATOM   780  N  N   . ASN A 1 105 ? -3.129  -9.519  10.917  1.00 30.42 ? 105  ASN A N   1 
ATOM   781  C  CA  . ASN A 1 105 ? -3.889  -8.293  11.120  1.00 29.96 ? 105  ASN A CA  1 
ATOM   782  C  C   . ASN A 1 105 ? -5.356  -8.623  11.379  1.00 29.36 ? 105  ASN A C   1 
ATOM   783  O  O   . ASN A 1 105 ? -5.753  -9.779  11.218  1.00 29.23 ? 105  ASN A O   1 
ATOM   784  C  CB  . ASN A 1 105 ? -3.746  -7.385  9.896   1.00 29.98 ? 105  ASN A CB  1 
ATOM   785  C  CG  . ASN A 1 105 ? -2.383  -6.740  9.813   1.00 30.36 ? 105  ASN A CG  1 
ATOM   786  O  OD1 . ASN A 1 105 ? -2.095  -5.768  10.519  1.00 31.24 ? 105  ASN A OD1 1 
ATOM   787  N  ND2 . ASN A 1 105 ? -1.526  -7.279  8.952   1.00 30.30 ? 105  ASN A ND2 1 
ATOM   788  N  N   . PRO A 1 106 ? -6.167  -7.616  11.777  1.00 28.86 ? 106  PRO A N   1 
ATOM   789  C  CA  . PRO A 1 106 ? -7.603  -7.869  11.837  1.00 28.00 ? 106  PRO A CA  1 
ATOM   790  C  C   . PRO A 1 106 ? -8.105  -8.405  10.501  1.00 26.91 ? 106  PRO A C   1 
ATOM   791  O  O   . PRO A 1 106 ? -7.597  -8.003  9.442   1.00 26.49 ? 106  PRO A O   1 
ATOM   792  C  CB  . PRO A 1 106 ? -8.197  -6.484  12.102  1.00 28.27 ? 106  PRO A CB  1 
ATOM   793  C  CG  . PRO A 1 106 ? -7.121  -5.732  12.770  1.00 28.75 ? 106  PRO A CG  1 
ATOM   794  C  CD  . PRO A 1 106 ? -5.838  -6.235  12.177  1.00 29.07 ? 106  PRO A CD  1 
ATOM   795  N  N   . LYS A 1 107 ? -9.081  -9.306  10.562  1.00 25.31 ? 107  LYS A N   1 
ATOM   796  C  CA  . LYS A 1 107 ? -9.614  -9.990  9.384   1.00 23.96 ? 107  LYS A CA  1 
ATOM   797  C  C   . LYS A 1 107 ? -9.814  -9.085  8.171   1.00 22.77 ? 107  LYS A C   1 
ATOM   798  O  O   . LYS A 1 107 ? -9.393  -9.429  7.067   1.00 22.07 ? 107  LYS A O   1 
ATOM   799  C  CB  . LYS A 1 107 ? -10.919 -10.721 9.722   1.00 24.39 ? 107  LYS A CB  1 
ATOM   800  C  CG  . LYS A 1 107 ? -10.759 -11.921 10.652  1.00 26.25 ? 107  LYS A CG  1 
ATOM   801  C  CD  . LYS A 1 107 ? -10.210 -13.151 9.938   1.00 28.98 ? 107  LYS A CD  1 
ATOM   802  C  CE  . LYS A 1 107 ? -10.230 -14.367 10.858  1.00 29.89 ? 107  LYS A CE  1 
ATOM   803  N  NZ  . LYS A 1 107 ? -9.730  -15.607 10.195  1.00 30.93 ? 107  LYS A NZ  1 
ATOM   804  N  N   . LYS A 1 108 ? -10.449 -7.932  8.367   1.00 21.60 ? 108  LYS A N   1 
ATOM   805  C  CA  . LYS A 1 108 ? -10.701 -7.053  7.234   1.00 21.18 ? 108  LYS A CA  1 
ATOM   806  C  C   . LYS A 1 108 ? -9.404  -6.495  6.641   1.00 19.61 ? 108  LYS A C   1 
ATOM   807  O  O   . LYS A 1 108 ? -9.251  -6.482  5.421   1.00 19.80 ? 108  LYS A O   1 
ATOM   808  C  CB  . LYS A 1 108 ? -11.700 -5.947  7.568   1.00 22.10 ? 108  LYS A CB  1 
ATOM   809  C  CG  . LYS A 1 108 ? -12.102 -5.070  6.368   1.00 24.36 ? 108  LYS A CG  1 
ATOM   810  C  CD  . LYS A 1 108 ? -12.726 -5.849  5.223   1.00 27.42 ? 108  LYS A CD  1 
ATOM   811  C  CE  . LYS A 1 108 ? -13.432 -4.915  4.238   1.00 28.33 ? 108  LYS A CE  1 
ATOM   812  N  NZ  . LYS A 1 108 ? -13.127 -5.252  2.812   1.00 26.98 ? 108  LYS A NZ  1 
ATOM   813  N  N   . ALA A 1 109 ? -8.464  -6.077  7.487   1.00 18.77 ? 109  ALA A N   1 
ATOM   814  C  CA  . ALA A 1 109 ? -7.170  -5.604  6.998   1.00 17.74 ? 109  ALA A CA  1 
ATOM   815  C  C   . ALA A 1 109 ? -6.439  -6.728  6.263   1.00 17.12 ? 109  ALA A C   1 
ATOM   816  O  O   . ALA A 1 109 ? -5.960  -6.542  5.141   1.00 16.40 ? 109  ALA A O   1 
ATOM   817  C  CB  . ALA A 1 109 ? -6.330  -5.074  8.139   1.00 18.30 ? 109  ALA A CB  1 
ATOM   818  N  N   . GLN A 1 110 ? -6.377  -7.902  6.878   1.00 16.20 ? 110  GLN A N   1 
ATOM   819  C  CA  . GLN A 1 110 ? -5.648  -9.007  6.268   1.00 16.28 ? 110  GLN A CA  1 
ATOM   820  C  C   . GLN A 1 110 ? -6.273  -9.458  4.950   1.00 15.35 ? 110  GLN A C   1 
ATOM   821  O  O   . GLN A 1 110 ? -5.549  -9.736  3.994   1.00 14.99 ? 110  GLN A O   1 
ATOM   822  C  CB  . GLN A 1 110 ? -5.468  -10.171 7.245   1.00 17.24 ? 110  GLN A CB  1 
ATOM   823  C  CG  . GLN A 1 110 ? -4.296  -11.092 6.888   1.00 18.68 ? 110  GLN A CG  1 
ATOM   824  C  CD  . GLN A 1 110 ? -2.963  -10.359 6.784   1.00 20.42 ? 110  GLN A CD  1 
ATOM   825  O  OE1 . GLN A 1 110 ? -2.610  -9.559  7.647   1.00 22.38 ? 110  GLN A OE1 1 
ATOM   826  N  NE2 . GLN A 1 110 ? -2.218  -10.634 5.720   1.00 19.90 ? 110  GLN A NE2 1 
ATOM   827  N  N   . GLU A 1 111 ? -7.600  -9.504  4.868   1.00 15.07 ? 111  GLU A N   1 
ATOM   828  C  CA  . GLU A 1 111 ? -8.239  -9.893  3.615   1.00 15.79 ? 111  GLU A CA  1 
ATOM   829  C  C   . GLU A 1 111 ? -7.955  -8.909  2.484   1.00 14.43 ? 111  GLU A C   1 
ATOM   830  O  O   . GLU A 1 111 ? -7.749  -9.308  1.344   1.00 14.07 ? 111  GLU A O   1 
ATOM   831  C  CB  . GLU A 1 111 ? -9.737  -10.200 3.783   1.00 16.33 ? 111  GLU A CB  1 
ATOM   832  C  CG  . GLU A 1 111 ? -10.671 -9.016  3.930   1.00 19.02 ? 111  GLU A CG  1 
ATOM   833  C  CD  . GLU A 1 111 ? -12.088 -9.438  4.271   1.00 19.82 ? 111  GLU A CD  1 
ATOM   834  O  OE1 . GLU A 1 111 ? -12.340 -10.652 4.384   1.00 21.47 ? 111  GLU A OE1 1 
ATOM   835  O  OE2 . GLU A 1 111 ? -12.950 -8.554  4.430   1.00 25.48 ? 111  GLU A OE2 1 
ATOM   836  N  N   . ARG A 1 112 ? -7.898  -7.618  2.816   1.00 14.07 ? 112  ARG A N   1 
ATOM   837  C  CA  . ARG A 1 112 ? -7.583  -6.602  1.824   1.00 14.13 ? 112  ARG A CA  1 
ATOM   838  C  C   . ARG A 1 112 ? -6.131  -6.726  1.337   1.00 13.82 ? 112  ARG A C   1 
ATOM   839  O  O   . ARG A 1 112 ? -5.859  -6.626  0.139   1.00 14.28 ? 112  ARG A O   1 
ATOM   840  C  CB  . ARG A 1 112 ? -7.869  -5.212  2.391   1.00 14.38 ? 112  ARG A CB  1 
ATOM   841  C  CG  . ARG A 1 112 ? -9.346  -4.890  2.475   1.00 15.73 ? 112  ARG A CG  1 
ATOM   842  C  CD  . ARG A 1 112 ? -9.588  -3.531  3.133   1.00 16.26 ? 112  ARG A CD  1 
ATOM   843  N  NE  . ARG A 1 112 ? -10.992 -3.124  3.038   1.00 18.25 ? 112  ARG A NE  1 
ATOM   844  C  CZ  . ARG A 1 112 ? -11.460 -1.940  3.426   1.00 18.41 ? 112  ARG A CZ  1 
ATOM   845  N  NH1 . ARG A 1 112 ? -10.643 -1.045  3.950   1.00 18.17 ? 112  ARG A NH1 1 
ATOM   846  N  NH2 . ARG A 1 112 ? -12.742 -1.652  3.297   1.00 18.67 ? 112  ARG A NH2 1 
ATOM   847  N  N   . LEU A 1 113 ? -5.215  -7.004  2.257   1.00 13.23 ? 113  LEU A N   1 
ATOM   848  C  CA  . LEU A 1 113 ? -3.817  -7.240  1.885   1.00 13.68 ? 113  LEU A CA  1 
ATOM   849  C  C   . LEU A 1 113 ? -3.689  -8.477  1.007   1.00 13.32 ? 113  LEU A C   1 
ATOM   850  O  O   . LEU A 1 113 ? -2.990  -8.468  -0.009  1.00 13.16 ? 113  LEU A O   1 
ATOM   851  C  CB  . LEU A 1 113 ? -2.948  -7.400  3.126   1.00 14.53 ? 113  LEU A CB  1 
ATOM   852  C  CG  . LEU A 1 113 ? -2.684  -6.134  3.945   1.00 14.56 ? 113  LEU A CG  1 
ATOM   853  C  CD1 . LEU A 1 113 ? -1.974  -6.494  5.239   1.00 17.80 ? 113  LEU A CD1 1 
ATOM   854  C  CD2 . LEU A 1 113 ? -1.869  -5.110  3.141   1.00 16.02 ? 113  LEU A CD2 1 
ATOM   855  N  N   . ASP A 1 114 ? -4.370  -9.543  1.401   1.00 12.87 ? 114  ASP A N   1 
ATOM   856  C  CA  . ASP A 1 114 ? -4.294  -10.797 0.671   1.00 13.13 ? 114  ASP A CA  1 
ATOM   857  C  C   . ASP A 1 114 ? -4.887  -10.669 -0.733  1.00 12.45 ? 114  ASP A C   1 
ATOM   858  O  O   . ASP A 1 114 ? -4.322  -11.201 -1.695  1.00 12.59 ? 114  ASP A O   1 
ATOM   859  C  CB  . ASP A 1 114 ? -4.992  -11.909 1.450   1.00 13.79 ? 114  ASP A CB  1 
ATOM   860  C  CG  . ASP A 1 114 ? -4.276  -12.281 2.744   1.00 14.15 ? 114  ASP A CG  1 
ATOM   861  O  OD1 . ASP A 1 114 ? -3.103  -11.886 2.945   1.00 17.88 ? 114  ASP A OD1 1 
ATOM   862  O  OD2 . ASP A 1 114 ? -4.902  -12.973 3.564   1.00 15.54 ? 114  ASP A OD2 1 
ATOM   863  N  N   . ALA A 1 115 ? -6.001  -9.943  -0.855  1.00 12.65 ? 115  ALA A N   1 
ATOM   864  C  CA  . ALA A 1 115 ? -6.616  -9.722  -2.170  1.00 13.52 ? 115  ALA A CA  1 
ATOM   865  C  C   . ALA A 1 115 ? -5.696  -8.876  -3.048  1.00 13.52 ? 115  ALA A C   1 
ATOM   866  O  O   . ALA A 1 115 ? -5.575  -9.133  -4.238  1.00 13.80 ? 115  ALA A O   1 
ATOM   867  C  CB  . ALA A 1 115 ? -7.982  -9.062  -2.029  1.00 14.10 ? 115  ALA A CB  1 
ATOM   868  N  N   . ALA A 1 116 ? -5.025  -7.890  -2.453  1.00 14.13 ? 116  ALA A N   1 
ATOM   869  C  CA  . ALA A 1 116 ? -4.063  -7.076  -3.197  1.00 14.80 ? 116  ALA A CA  1 
ATOM   870  C  C   . ALA A 1 116 ? -2.930  -7.943  -3.744  1.00 15.23 ? 116  ALA A C   1 
ATOM   871  O  O   . ALA A 1 116 ? -2.567  -7.852  -4.922  1.00 15.22 ? 116  ALA A O   1 
ATOM   872  C  CB  . ALA A 1 116 ? -3.519  -5.966  -2.316  1.00 15.44 ? 116  ALA A CB  1 
ATOM   873  N  N   . LEU A 1 117 ? -2.392  -8.822  -2.903  1.00 15.30 ? 117  LEU A N   1 
ATOM   874  C  CA  . LEU A 1 117 ? -1.320  -9.726  -3.342  1.00 14.97 ? 117  LEU A CA  1 
ATOM   875  C  C   . LEU A 1 117 ? -1.752  -10.651 -4.476  1.00 14.96 ? 117  LEU A C   1 
ATOM   876  O  O   . LEU A 1 117 ? -0.978  -10.909 -5.398  1.00 14.85 ? 117  LEU A O   1 
ATOM   877  C  CB  . LEU A 1 117 ? -0.787  -10.549 -2.169  1.00 15.42 ? 117  LEU A CB  1 
ATOM   878  C  CG  . LEU A 1 117 ? -0.054  -9.795  -1.065  1.00 16.43 ? 117  LEU A CG  1 
ATOM   879  C  CD1 . LEU A 1 117 ? 0.300   -10.781 0.027   1.00 19.09 ? 117  LEU A CD1 1 
ATOM   880  C  CD2 . LEU A 1 117 ? 1.195   -9.103  -1.617  1.00 17.68 ? 117  LEU A CD2 1 
ATOM   881  N  N   . ALA A 1 118 ? -2.988  -11.146 -4.398  1.00 14.80 ? 118  ALA A N   1 
ATOM   882  C  CA  . ALA A 1 118 ? -3.529  -12.011 -5.440  1.00 15.10 ? 118  ALA A CA  1 
ATOM   883  C  C   . ALA A 1 118 ? -3.735  -11.236 -6.745  1.00 15.37 ? 118  ALA A C   1 
ATOM   884  O  O   . ALA A 1 118 ? -3.417  -11.742 -7.824  1.00 15.23 ? 118  ALA A O   1 
ATOM   885  C  CB  . ALA A 1 118 ? -4.819  -12.644 -4.973  1.00 14.79 ? 118  ALA A CB  1 
ATOM   886  N  N   . ALA A 1 119 ? -4.243  -10.005 -6.643  1.00 16.24 ? 119  ALA A N   1 
ATOM   887  C  CA  . ALA A 1 119 ? -4.437  -9.153  -7.822  1.00 17.30 ? 119  ALA A CA  1 
ATOM   888  C  C   . ALA A 1 119 ? -3.115  -8.903  -8.551  1.00 17.72 ? 119  ALA A C   1 
ATOM   889  O  O   . ALA A 1 119 ? -3.084  -8.791  -9.780  1.00 18.98 ? 119  ALA A O   1 
ATOM   890  C  CB  . ALA A 1 119 ? -5.091  -7.839  -7.437  1.00 17.73 ? 119  ALA A CB  1 
ATOM   891  N  N   . LEU A 1 120 ? -2.033  -8.844  -7.777  1.00 17.32 ? 120  LEU A N   1 
ATOM   892  C  CA  . LEU A 1 120 ? -0.682  -8.609  -8.289  1.00 18.10 ? 120  LEU A CA  1 
ATOM   893  C  C   . LEU A 1 120 ? -0.058  -9.861  -8.924  1.00 18.49 ? 120  LEU A C   1 
ATOM   894  O  O   . LEU A 1 120 ? 1.064   -9.808  -9.442  1.00 19.34 ? 120  LEU A O   1 
ATOM   895  C  CB  . LEU A 1 120 ? 0.211   -8.048  -7.172  1.00 17.71 ? 120  LEU A CB  1 
ATOM   896  C  CG  . LEU A 1 120 ? -0.158  -6.635  -6.701  1.00 17.99 ? 120  LEU A CG  1 
ATOM   897  C  CD1 . LEU A 1 120 ? 0.423   -6.332  -5.326  1.00 18.39 ? 120  LEU A CD1 1 
ATOM   898  C  CD2 . LEU A 1 120 ? 0.282   -5.582  -7.713  1.00 18.40 ? 120  LEU A CD2 1 
ATOM   899  N  N   . GLY A 1 121 ? -0.783  -10.981 -8.888  1.00 18.69 ? 121  GLY A N   1 
ATOM   900  C  CA  . GLY A 1 121 ? -0.352  -12.216 -9.558  1.00 19.48 ? 121  GLY A CA  1 
ATOM   901  C  C   . GLY A 1 121 ? 0.501   -13.141 -8.710  1.00 20.30 ? 121  GLY A C   1 
ATOM   902  O  O   . GLY A 1 121 ? 1.166   -14.040 -9.240  1.00 20.59 ? 121  GLY A O   1 
ATOM   903  N  N   . ASN A 1 122 ? 0.486   -12.933 -7.397  1.00 20.70 ? 122  ASN A N   1 
ATOM   904  C  CA  . ASN A 1 122 ? 1.263   -13.770 -6.484  1.00 21.71 ? 122  ASN A CA  1 
ATOM   905  C  C   . ASN A 1 122 ? 0.517   -15.006 -6.028  1.00 22.94 ? 122  ASN A C   1 
ATOM   906  O  O   . ASN A 1 122 ? 1.111   -15.946 -5.488  1.00 24.38 ? 122  ASN A O   1 
ATOM   907  C  CB  . ASN A 1 122 ? 1.719   -12.963 -5.279  1.00 20.81 ? 122  ASN A CB  1 
ATOM   908  C  CG  . ASN A 1 122 ? 2.591   -11.814 -5.674  1.00 19.77 ? 122  ASN A CG  1 
ATOM   909  O  OD1 . ASN A 1 122 ? 3.701   -12.008 -6.174  1.00 19.62 ? 122  ASN A OD1 1 
ATOM   910  N  ND2 . ASN A 1 122 ? 2.085   -10.605 -5.487  1.00 17.80 ? 122  ASN A ND2 1 
ATOM   911  O  OXT . ASN A 1 122 ? -0.697  -15.090 -6.201  1.00 23.99 ? 122  ASN A OXT 1 
HETATM 912  CU CU  . CU  B 2 .   ? -7.602  6.468   5.678   1.00 25.15 ? 1123 CU  A CU  1 
HETATM 913  C  C1  . GOL C 3 .   ? 11.691  1.858   -1.788  1.00 19.19 ? 1124 GOL A C1  1 
HETATM 914  O  O1  . GOL C 3 .   ? 12.708  1.707   -2.767  1.00 16.52 ? 1124 GOL A O1  1 
HETATM 915  C  C2  . GOL C 3 .   ? 11.708  3.207   -1.072  1.00 18.82 ? 1124 GOL A C2  1 
HETATM 916  O  O2  . GOL C 3 .   ? 12.782  3.251   -0.144  1.00 19.25 ? 1124 GOL A O2  1 
HETATM 917  C  C3  . GOL C 3 .   ? 10.368  3.430   -0.361  1.00 19.09 ? 1124 GOL A C3  1 
HETATM 918  O  O3  . GOL C 3 .   ? 10.089  2.404   0.576   1.00 19.82 ? 1124 GOL A O3  1 
HETATM 919  CL CL  . CL  D 4 .   ? 0.042   18.514  0.267   1.00 17.63 ? 1125 CL  A CL  1 
HETATM 920  O  O   . HOH E 5 .   ? 8.262   4.974   -17.630 1.00 47.41 ? 2001 HOH A O   1 
HETATM 921  O  O   . HOH E 5 .   ? 4.317   9.216   -16.107 1.00 31.95 ? 2002 HOH A O   1 
HETATM 922  O  O   . HOH E 5 .   ? 8.328   11.253  -11.381 1.00 37.75 ? 2003 HOH A O   1 
HETATM 923  O  O   . HOH E 5 .   ? 7.496   10.203  -15.572 0.33 46.65 ? 2004 HOH A O   1 
HETATM 924  O  O   . HOH E 5 .   ? -5.027  16.953  -10.329 1.00 27.29 ? 2005 HOH A O   1 
HETATM 925  O  O   . HOH E 5 .   ? -6.112  14.111  -8.147  1.00 35.35 ? 2006 HOH A O   1 
HETATM 926  O  O   . HOH E 5 .   ? -4.659  13.636  -10.758 1.00 48.46 ? 2007 HOH A O   1 
HETATM 927  O  O   . HOH E 5 .   ? -2.992  4.230   -10.386 1.00 36.43 ? 2008 HOH A O   1 
HETATM 928  O  O   . HOH E 5 .   ? -2.159  6.088   -12.185 1.00 19.42 ? 2009 HOH A O   1 
HETATM 929  O  O   . HOH E 5 .   ? -2.904  12.908  -13.544 1.00 49.95 ? 2010 HOH A O   1 
HETATM 930  O  O   . HOH E 5 .   ? -14.527 11.358  7.771   1.00 35.75 ? 2011 HOH A O   1 
HETATM 931  O  O   . HOH E 5 .   ? -6.723  -5.044  -4.503  1.00 28.68 ? 2012 HOH A O   1 
HETATM 932  O  O   . HOH E 5 .   ? -11.869 10.258  6.777   1.00 24.00 ? 2013 HOH A O   1 
HETATM 933  O  O   . HOH E 5 .   ? -17.447 5.547   4.590   1.00 32.46 ? 2014 HOH A O   1 
HETATM 934  O  O   . HOH E 5 .   ? -17.502 10.945  2.928   1.00 28.75 ? 2015 HOH A O   1 
HETATM 935  O  O   . HOH E 5 .   ? -16.159 7.548   -2.610  1.00 39.20 ? 2016 HOH A O   1 
HETATM 936  O  O   . HOH E 5 .   ? -9.092  -2.386  -0.549  1.00 22.22 ? 2017 HOH A O   1 
HETATM 937  O  O   . HOH E 5 .   ? -5.556  16.624  -7.209  1.00 19.31 ? 2018 HOH A O   1 
HETATM 938  O  O   . HOH E 5 .   ? -8.043  16.386  1.243   1.00 43.47 ? 2019 HOH A O   1 
HETATM 939  O  O   . HOH E 5 .   ? -9.915  7.389   -7.121  1.00 44.00 ? 2020 HOH A O   1 
HETATM 940  O  O   . HOH E 5 .   ? -7.999  11.004  12.884  1.00 30.36 ? 2021 HOH A O   1 
HETATM 941  O  O   . HOH E 5 .   ? -13.118 0.250   6.807   1.00 31.86 ? 2022 HOH A O   1 
HETATM 942  O  O   . HOH E 5 .   ? -16.364 -2.052  4.728   1.00 35.39 ? 2023 HOH A O   1 
HETATM 943  O  O   . HOH E 5 .   ? -9.671  -0.549  -2.644  1.00 24.37 ? 2024 HOH A O   1 
HETATM 944  O  O   . HOH E 5 .   ? -6.368  6.422   -8.231  1.00 30.82 ? 2025 HOH A O   1 
HETATM 945  O  O   . HOH E 5 .   ? -12.526 0.235   -3.066  1.00 31.93 ? 2026 HOH A O   1 
HETATM 946  O  O   . HOH E 5 .   ? 10.732  -9.549  5.140   1.00 32.75 ? 2027 HOH A O   1 
HETATM 947  O  O   . HOH E 5 .   ? -7.840  -2.122  -6.081  1.00 35.93 ? 2028 HOH A O   1 
HETATM 948  O  O   . HOH E 5 .   ? 14.478  7.720   5.091   1.00 39.22 ? 2029 HOH A O   1 
HETATM 949  O  O   . HOH E 5 .   ? -3.759  -1.420  -10.123 1.00 35.08 ? 2030 HOH A O   1 
HETATM 950  O  O   . HOH E 5 .   ? -2.974  -5.049  -9.379  1.00 34.02 ? 2031 HOH A O   1 
HETATM 951  O  O   . HOH E 5 .   ? -6.346  -4.200  -6.886  1.00 38.29 ? 2032 HOH A O   1 
HETATM 952  O  O   . HOH E 5 .   ? -11.606 14.476  8.954   1.00 32.70 ? 2033 HOH A O   1 
HETATM 953  O  O   . HOH E 5 .   ? -1.168  -2.978  -11.212 1.00 21.24 ? 2034 HOH A O   1 
HETATM 954  O  O   . HOH E 5 .   ? 15.391  6.447   -5.915  1.00 22.45 ? 2035 HOH A O   1 
HETATM 955  O  O   . HOH E 5 .   ? 10.921  2.380   -14.204 1.00 26.79 ? 2036 HOH A O   1 
HETATM 956  O  O   . HOH E 5 .   ? 3.634   9.638   -9.043  1.00 18.07 ? 2037 HOH A O   1 
HETATM 957  O  O   . HOH E 5 .   ? -12.189 3.602   10.514  0.50 11.84 ? 2038 HOH A O   1 
HETATM 958  O  O   . HOH E 5 .   ? -5.328  16.005  -2.011  1.00 20.08 ? 2039 HOH A O   1 
HETATM 959  O  O   . HOH E 5 .   ? -7.283  16.040  -4.349  1.00 31.85 ? 2040 HOH A O   1 
HETATM 960  O  O   . HOH E 5 .   ? -10.550 17.181  0.540   1.00 46.66 ? 2041 HOH A O   1 
HETATM 961  O  O   . HOH E 5 .   ? -8.765  13.899  -5.411  1.00 28.39 ? 2042 HOH A O   1 
HETATM 962  O  O   . HOH E 5 .   ? -10.707 10.052  -6.248  1.00 28.14 ? 2043 HOH A O   1 
HETATM 963  O  O   . HOH E 5 .   ? 12.815  -8.287  -9.010  1.00 29.19 ? 2044 HOH A O   1 
HETATM 964  O  O   . HOH E 5 .   ? -15.687 8.813   -0.276  1.00 33.26 ? 2045 HOH A O   1 
HETATM 965  O  O   . HOH E 5 .   ? -15.303 11.956  -2.341  1.00 37.38 ? 2046 HOH A O   1 
HETATM 966  O  O   . HOH E 5 .   ? -13.583 12.989  5.149   1.00 23.52 ? 2047 HOH A O   1 
HETATM 967  O  O   . HOH E 5 .   ? -13.806 15.380  2.941   1.00 31.76 ? 2048 HOH A O   1 
HETATM 968  O  O   . HOH E 5 .   ? -9.390  10.689  10.207  1.00 21.36 ? 2049 HOH A O   1 
HETATM 969  O  O   . HOH E 5 .   ? -11.912 -9.626  12.905  1.00 54.88 ? 2050 HOH A O   1 
HETATM 970  O  O   . HOH E 5 .   ? -10.338 -8.702  -5.291  1.00 35.06 ? 2051 HOH A O   1 
HETATM 971  O  O   . HOH E 5 .   ? 7.379   0.127   7.707   1.00 21.02 ? 2052 HOH A O   1 
HETATM 972  O  O   . HOH E 5 .   ? 4.976   -12.053 -10.903 1.00 34.45 ? 2053 HOH A O   1 
HETATM 973  O  O   . HOH E 5 .   ? 3.241   -5.764  10.856  1.00 38.74 ? 2054 HOH A O   1 
HETATM 974  O  O   . HOH E 5 .   ? 2.070   -3.375  16.322  1.00 40.87 ? 2055 HOH A O   1 
HETATM 975  O  O   . HOH E 5 .   ? 9.768   -1.751  9.573   1.00 11.48 ? 2056 HOH A O   1 
HETATM 976  O  O   . HOH E 5 .   ? 8.988   -8.704  8.379   1.00 33.03 ? 2057 HOH A O   1 
HETATM 977  O  O   . HOH E 5 .   ? 9.195   -7.296  4.521   1.00 17.12 ? 2058 HOH A O   1 
HETATM 978  O  O   . HOH E 5 .   ? 12.575  -4.456  5.572   1.00 24.12 ? 2059 HOH A O   1 
HETATM 979  O  O   . HOH E 5 .   ? 9.974   -3.970  6.912   1.00 21.51 ? 2060 HOH A O   1 
HETATM 980  O  O   . HOH E 5 .   ? 13.267  -8.386  1.132   1.00 19.05 ? 2061 HOH A O   1 
HETATM 981  O  O   . HOH E 5 .   ? 18.122  -2.876  -2.218  1.00 40.01 ? 2062 HOH A O   1 
HETATM 982  O  O   . HOH E 5 .   ? 15.329  1.901   -1.739  1.00 26.05 ? 2063 HOH A O   1 
HETATM 983  O  O   . HOH E 5 .   ? 17.489  1.788   2.674   1.00 48.09 ? 2064 HOH A O   1 
HETATM 984  O  O   . HOH E 5 .   ? 11.744  6.967   6.522   1.00 23.77 ? 2065 HOH A O   1 
HETATM 985  O  O   . HOH E 5 .   ? 11.148  7.232   2.706   1.00 28.21 ? 2066 HOH A O   1 
HETATM 986  O  O   . HOH E 5 .   ? 8.885   9.575   6.187   1.00 15.42 ? 2067 HOH A O   1 
HETATM 987  O  O   . HOH E 5 .   ? 0.823   11.689  10.192  1.00 23.47 ? 2068 HOH A O   1 
HETATM 988  O  O   . HOH E 5 .   ? -1.432  11.886  3.358   1.00 12.42 ? 2069 HOH A O   1 
HETATM 989  O  O   . HOH E 5 .   ? -0.232  19.780  7.092   1.00 43.75 ? 2070 HOH A O   1 
HETATM 990  O  O   . HOH E 5 .   ? -1.960  17.534  8.562   1.00 31.69 ? 2071 HOH A O   1 
HETATM 991  O  O   . HOH E 5 .   ? -8.711  16.010  8.842   1.00 20.43 ? 2072 HOH A O   1 
HETATM 992  O  O   . HOH E 5 .   ? -4.821  19.624  6.994   1.00 39.26 ? 2073 HOH A O   1 
HETATM 993  O  O   . HOH E 5 .   ? -6.973  13.070  3.825   1.00 17.00 ? 2074 HOH A O   1 
HETATM 994  O  O   . HOH E 5 .   ? -3.110  18.540  0.501   1.00 27.45 ? 2075 HOH A O   1 
HETATM 995  O  O   . HOH E 5 .   ? 5.226   13.846  5.724   1.00 17.72 ? 2076 HOH A O   1 
HETATM 996  O  O   . HOH E 5 .   ? -4.636  17.914  -4.565  1.00 20.40 ? 2077 HOH A O   1 
HETATM 997  O  O   . HOH E 5 .   ? 4.663   15.954  0.217   1.00 32.89 ? 2078 HOH A O   1 
HETATM 998  O  O   . HOH E 5 .   ? 9.448   9.262   1.903   1.00 33.36 ? 2079 HOH A O   1 
HETATM 999  O  O   . HOH E 5 .   ? 6.014   14.114  -1.388  1.00 16.45 ? 2080 HOH A O   1 
HETATM 1000 O  O   . HOH E 5 .   ? 9.348   10.158  -0.645  1.00 27.43 ? 2081 HOH A O   1 
HETATM 1001 O  O   . HOH E 5 .   ? 9.902   13.551  -8.145  1.00 24.64 ? 2082 HOH A O   1 
HETATM 1002 O  O   . HOH E 5 .   ? 9.982   10.694  -4.576  1.00 34.26 ? 2083 HOH A O   1 
HETATM 1003 O  O   . HOH E 5 .   ? 10.911  8.308   -2.068  1.00 19.60 ? 2084 HOH A O   1 
HETATM 1004 O  O   . HOH E 5 .   ? 13.968  4.560   -4.127  1.00 23.18 ? 2085 HOH A O   1 
HETATM 1005 O  O   . HOH E 5 .   ? 17.194  0.338   -4.506  1.00 25.28 ? 2086 HOH A O   1 
HETATM 1006 O  O   . HOH E 5 .   ? 14.640  -5.896  -2.076  1.00 25.16 ? 2087 HOH A O   1 
HETATM 1007 O  O   . HOH E 5 .   ? 14.060  -8.287  -1.487  1.00 51.25 ? 2088 HOH A O   1 
HETATM 1008 O  O   . HOH E 5 .   ? 1.648   3.428   13.518  0.50 22.86 ? 2089 HOH A O   1 
HETATM 1009 O  O   . HOH E 5 .   ? 2.704   -0.188  11.333  1.00 13.26 ? 2090 HOH A O   1 
HETATM 1010 O  O   . HOH E 5 .   ? -2.480  2.992   13.113  1.00 32.68 ? 2091 HOH A O   1 
HETATM 1011 O  O   . HOH E 5 .   ? -5.163  4.507   14.767  1.00 40.48 ? 2092 HOH A O   1 
HETATM 1012 O  O   . HOH E 5 .   ? -4.751  1.059   8.430   1.00 28.87 ? 2093 HOH A O   1 
HETATM 1013 O  O   . HOH E 5 .   ? -11.862 9.690   9.874   1.00 33.74 ? 2094 HOH A O   1 
HETATM 1014 O  O   . HOH E 5 .   ? -11.486 1.325   8.299   1.00 20.02 ? 2095 HOH A O   1 
HETATM 1015 O  O   . HOH E 5 .   ? -7.797  -0.096  1.041   1.00 17.62 ? 2096 HOH A O   1 
HETATM 1016 O  O   . HOH E 5 .   ? 10.294  -8.327  -7.222  1.00 24.50 ? 2097 HOH A O   1 
HETATM 1017 O  O   . HOH E 5 .   ? 11.480  -14.370 -4.918  1.00 41.05 ? 2098 HOH A O   1 
HETATM 1018 O  O   . HOH E 5 .   ? 7.532   -14.624 -4.505  1.00 34.91 ? 2099 HOH A O   1 
HETATM 1019 O  O   . HOH E 5 .   ? 8.349   -14.456 -1.412  1.00 44.52 ? 2100 HOH A O   1 
HETATM 1020 O  O   . HOH E 5 .   ? 11.897  -9.186  -4.609  1.00 29.90 ? 2101 HOH A O   1 
HETATM 1021 O  O   . HOH E 5 .   ? 8.477   -14.571 1.250   1.00 28.65 ? 2102 HOH A O   1 
HETATM 1022 O  O   . HOH E 5 .   ? 9.351   -12.450 4.083   1.00 22.19 ? 2103 HOH A O   1 
HETATM 1023 O  O   . HOH E 5 .   ? 5.034   -9.308  8.793   1.00 29.89 ? 2104 HOH A O   1 
HETATM 1024 O  O   . HOH E 5 .   ? 8.070   -13.359 6.909   1.00 35.94 ? 2105 HOH A O   1 
HETATM 1025 O  O   . HOH E 5 .   ? 0.032   -14.085 -2.810  1.00 19.06 ? 2106 HOH A O   1 
HETATM 1026 O  O   . HOH E 5 .   ? 2.295   -10.627 12.072  1.00 31.65 ? 2107 HOH A O   1 
HETATM 1027 O  O   . HOH E 5 .   ? -1.554  -3.136  9.895   1.00 42.75 ? 2108 HOH A O   1 
HETATM 1028 O  O   . HOH E 5 .   ? -11.583 -7.180  11.407  1.00 22.98 ? 2109 HOH A O   1 
HETATM 1029 O  O   . HOH E 5 .   ? -7.395  -4.906  -1.419  1.00 23.41 ? 2110 HOH A O   1 
HETATM 1030 O  O   . HOH E 5 .   ? -2.727  -13.505 -1.309  1.00 19.30 ? 2111 HOH A O   1 
HETATM 1031 O  O   . HOH E 5 .   ? -3.324  -13.921 5.511   1.00 29.48 ? 2112 HOH A O   1 
HETATM 1032 O  O   . HOH E 5 .   ? -7.700  -9.953  -5.927  1.00 34.20 ? 2113 HOH A O   1 
HETATM 1033 O  O   . HOH E 5 .   ? 3.608   -10.957 -9.014  1.00 28.21 ? 2114 HOH A O   1 
HETATM 1034 O  O   . HOH E 5 .   ? 1.945   -17.188 -8.609  1.00 41.31 ? 2115 HOH A O   1 
HETATM 1035 O  O   . HOH E 5 .   ? -2.545  -14.445 -8.075  1.00 24.61 ? 2116 HOH A O   1 
HETATM 1036 O  O   . HOH E 5 .   ? 5.165   -14.379 -6.214  1.00 29.45 ? 2117 HOH A O   1 
HETATM 1037 O  O   . HOH E 5 .   ? 3.781   -16.594 -5.469  1.00 31.89 ? 2118 HOH A O   1 
# 
loop_
_atom_site_anisotrop.id 
_atom_site_anisotrop.type_symbol 
_atom_site_anisotrop.pdbx_label_atom_id 
_atom_site_anisotrop.pdbx_label_alt_id 
_atom_site_anisotrop.pdbx_label_comp_id 
_atom_site_anisotrop.pdbx_label_asym_id 
_atom_site_anisotrop.pdbx_label_seq_id 
_atom_site_anisotrop.pdbx_PDB_ins_code 
_atom_site_anisotrop.U[1][1] 
_atom_site_anisotrop.U[2][2] 
_atom_site_anisotrop.U[3][3] 
_atom_site_anisotrop.U[1][2] 
_atom_site_anisotrop.U[1][3] 
_atom_site_anisotrop.U[2][3] 
_atom_site_anisotrop.pdbx_auth_seq_id 
_atom_site_anisotrop.pdbx_auth_comp_id 
_atom_site_anisotrop.pdbx_auth_asym_id 
_atom_site_anisotrop.pdbx_auth_atom_id 
59  S  SD A MET A 7  ? 0.1540 0.1587 0.1395 -0.0068 0.0048  0.0087  7    MET A SD 
60  S  SD B MET A 7  ? 0.2829 0.2985 0.2734 -0.0049 -0.0004 -0.0016 7    MET A SD 
124 S  SD . MET A 16 ? 0.2036 0.2111 0.2254 0.0071  -0.0105 0.0104  16   MET A SD 
364 S  SD A MET A 48 ? 0.2279 0.2377 0.2181 -0.0128 -0.0059 -0.0089 48   MET A SD 
365 S  SD B MET A 48 ? 0.1689 0.1910 0.1749 -0.0117 0.0212  0.0084  48   MET A SD 
595 S  SG . CYS A 78 ? 0.1926 0.2115 0.2582 -0.0015 -0.0055 -0.0189 78   CYS A SG 
644 S  SD . MET A 84 ? 0.2316 0.2036 0.2270 -0.0295 -0.0228 0.0275  84   MET A SD 
912 CU CU . CU  B .  ? 0.3459 0.2249 0.3848 -0.0139 -0.0947 0.0312  1123 CU  A CU 
# 
loop_
_pdbx_poly_seq_scheme.asym_id 
_pdbx_poly_seq_scheme.entity_id 
_pdbx_poly_seq_scheme.seq_id 
_pdbx_poly_seq_scheme.mon_id 
_pdbx_poly_seq_scheme.ndb_seq_num 
_pdbx_poly_seq_scheme.pdb_seq_num 
_pdbx_poly_seq_scheme.auth_seq_num 
_pdbx_poly_seq_scheme.pdb_mon_id 
_pdbx_poly_seq_scheme.auth_mon_id 
_pdbx_poly_seq_scheme.pdb_strand_id 
_pdbx_poly_seq_scheme.pdb_ins_code 
_pdbx_poly_seq_scheme.hetero 
A 1 1   ALA 1   1   1   ALA ALA A . n 
A 1 2   ASP 2   2   2   ASP ASP A . n 
A 1 3   PHE 3   3   3   PHE PHE A . n 
A 1 4   GLU 4   4   4   GLU GLU A . n 
A 1 5   VAL 5   5   5   VAL VAL A . n 
A 1 6   HIS 6   6   6   HIS HIS A . n 
A 1 7   MET 7   7   7   MET MET A . n 
A 1 8   LEU 8   8   8   LEU LEU A . n 
A 1 9   ASN 9   9   9   ASN ASN A . n 
A 1 10  LYS 10  10  10  LYS LYS A . n 
A 1 11  GLY 11  11  11  GLY GLY A . n 
A 1 12  LYS 12  12  12  LYS LYS A . n 
A 1 13  ASP 13  13  13  ASP ASP A . n 
A 1 14  GLY 14  14  14  GLY GLY A . n 
A 1 15  ALA 15  15  15  ALA ALA A . n 
A 1 16  MET 16  16  16  MET MET A . n 
A 1 17  VAL 17  17  17  VAL VAL A . n 
A 1 18  PHE 18  18  18  PHE PHE A . n 
A 1 19  GLU 19  19  19  GLU GLU A . n 
A 1 20  PRO 20  20  20  PRO PRO A . n 
A 1 21  ALA 21  21  21  ALA ALA A . n 
A 1 22  SER 22  22  22  SER SER A . n 
A 1 23  LEU 23  23  23  LEU LEU A . n 
A 1 24  LYS 24  24  24  LYS LYS A . n 
A 1 25  VAL 25  25  25  VAL VAL A . n 
A 1 26  ALA 26  26  26  ALA ALA A . n 
A 1 27  PRO 27  27  27  PRO PRO A . n 
A 1 28  GLY 28  28  28  GLY GLY A . n 
A 1 29  ASP 29  29  29  ASP ASP A . n 
A 1 30  THR 30  30  30  THR THR A . n 
A 1 31  VAL 31  31  31  VAL VAL A . n 
A 1 32  THR 32  32  32  THR THR A . n 
A 1 33  PHE 33  33  33  PHE PHE A . n 
A 1 34  ILE 34  34  34  ILE ILE A . n 
A 1 35  PRO 35  35  35  PRO PRO A . n 
A 1 36  THR 36  36  36  THR THR A . n 
A 1 37  ASP 37  37  37  ASP ASP A . n 
A 1 38  LYS 38  38  38  LYS LYS A . n 
A 1 39  GLY 39  39  39  GLY GLY A . n 
A 1 40  HIS 40  40  40  HIS HIS A . n 
A 1 41  ASN 41  41  41  ASN ASN A . n 
A 1 42  VAL 42  42  42  VAL VAL A . n 
A 1 43  GLU 43  43  43  GLU GLU A . n 
A 1 44  THR 44  44  44  THR THR A . n 
A 1 45  ILE 45  45  45  ILE ILE A . n 
A 1 46  LYS 46  46  46  LYS LYS A . n 
A 1 47  GLY 47  47  47  GLY GLY A . n 
A 1 48  MET 48  48  48  MET MET A . n 
A 1 49  ILE 49  49  49  ILE ILE A . n 
A 1 50  PRO 50  50  50  PRO PRO A . n 
A 1 51  ASP 51  51  51  ASP ASP A . n 
A 1 52  GLY 52  52  52  GLY GLY A . n 
A 1 53  ALA 53  53  53  ALA ALA A . n 
A 1 54  GLU 54  54  54  GLU GLU A . n 
A 1 55  ALA 55  55  55  ALA ALA A . n 
A 1 56  PHE 56  56  56  PHE PHE A . n 
A 1 57  LYS 57  57  57  LYS LYS A . n 
A 1 58  SER 58  58  58  SER SER A . n 
A 1 59  LYS 59  59  59  LYS LYS A . n 
A 1 60  ILE 60  60  60  ILE ILE A . n 
A 1 61  ASN 61  61  61  ASN ASN A . n 
A 1 62  GLU 62  62  62  GLU GLU A . n 
A 1 63  ASN 63  63  63  ASN ASN A . n 
A 1 64  TYR 64  64  64  TYR TYR A . n 
A 1 65  LYS 65  65  65  LYS LYS A . n 
A 1 66  VAL 66  66  66  VAL VAL A . n 
A 1 67  THR 67  67  67  THR THR A . n 
A 1 68  PHE 68  68  68  PHE PHE A . n 
A 1 69  THR 69  69  69  THR THR A . n 
A 1 70  ALA 70  70  70  ALA ALA A . n 
A 1 71  PRO 71  71  71  PRO PRO A . n 
A 1 72  GLY 72  72  72  GLY GLY A . n 
A 1 73  VAL 73  73  73  VAL VAL A . n 
A 1 74  TYR 74  74  74  TYR TYR A . n 
A 1 75  GLY 75  75  75  GLY GLY A . n 
A 1 76  VAL 76  76  76  VAL VAL A . n 
A 1 77  LYS 77  77  77  LYS LYS A . n 
A 1 78  CYS 78  78  78  CYS CYS A . n 
A 1 79  THR 79  79  79  THR THR A . n 
A 1 80  PRO 80  80  80  PRO PRO A . n 
A 1 81  HIS 81  81  81  HIS HIS A . n 
A 1 82  PRO 82  82  82  PRO PRO A . n 
A 1 83  PHE 83  83  83  PHE PHE A . n 
A 1 84  MET 84  84  84  MET MET A . n 
A 1 85  VAL 85  85  85  VAL VAL A . n 
A 1 86  GLY 86  86  86  GLY GLY A . n 
A 1 87  VAL 87  87  87  VAL VAL A . n 
A 1 88  VAL 88  88  88  VAL VAL A . n 
A 1 89  GLN 89  89  89  GLN GLN A . n 
A 1 90  VAL 90  90  90  VAL VAL A . n 
A 1 91  GLY 91  91  91  GLY GLY A . n 
A 1 92  ASP 92  92  92  ASP ASP A . n 
A 1 93  ALA 93  93  93  ALA ALA A . n 
A 1 94  PRO 94  94  94  PRO PRO A . n 
A 1 95  ALA 95  95  95  ALA ALA A . n 
A 1 96  ASN 96  96  96  ASN ASN A . n 
A 1 97  LEU 97  97  97  LEU LEU A . n 
A 1 98  GLU 98  98  98  GLU GLU A . n 
A 1 99  ALA 99  99  99  ALA ALA A . n 
A 1 100 VAL 100 100 100 VAL VAL A . n 
A 1 101 LYS 101 101 101 LYS LYS A . n 
A 1 102 GLY 102 102 102 GLY GLY A . n 
A 1 103 ALA 103 103 103 ALA ALA A . n 
A 1 104 LYS 104 104 104 LYS LYS A . n 
A 1 105 ASN 105 105 105 ASN ASN A . n 
A 1 106 PRO 106 106 106 PRO PRO A . n 
A 1 107 LYS 107 107 107 LYS LYS A . n 
A 1 108 LYS 108 108 108 LYS LYS A . n 
A 1 109 ALA 109 109 109 ALA ALA A . n 
A 1 110 GLN 110 110 110 GLN GLN A . n 
A 1 111 GLU 111 111 111 GLU GLU A . n 
A 1 112 ARG 112 112 112 ARG ARG A . n 
A 1 113 LEU 113 113 113 LEU LEU A . n 
A 1 114 ASP 114 114 114 ASP ASP A . n 
A 1 115 ALA 115 115 115 ALA ALA A . n 
A 1 116 ALA 116 116 116 ALA ALA A . n 
A 1 117 LEU 117 117 117 LEU LEU A . n 
A 1 118 ALA 118 118 118 ALA ALA A . n 
A 1 119 ALA 119 119 119 ALA ALA A . n 
A 1 120 LEU 120 120 120 LEU LEU A . n 
A 1 121 GLY 121 121 121 GLY GLY A . n 
A 1 122 ASN 122 122 122 ASN ASN A . n 
# 
loop_
_pdbx_nonpoly_scheme.asym_id 
_pdbx_nonpoly_scheme.entity_id 
_pdbx_nonpoly_scheme.mon_id 
_pdbx_nonpoly_scheme.ndb_seq_num 
_pdbx_nonpoly_scheme.pdb_seq_num 
_pdbx_nonpoly_scheme.auth_seq_num 
_pdbx_nonpoly_scheme.pdb_mon_id 
_pdbx_nonpoly_scheme.auth_mon_id 
_pdbx_nonpoly_scheme.pdb_strand_id 
_pdbx_nonpoly_scheme.pdb_ins_code 
B 2 CU  1   1123 1123 CU  CU  A . 
C 3 GOL 1   1124 1124 GOL GOL A . 
D 4 CL  1   1125 1125 CL  CL  A . 
E 5 HOH 1   2001 2001 HOH HOH A . 
E 5 HOH 2   2002 2002 HOH HOH A . 
E 5 HOH 3   2003 2003 HOH HOH A . 
E 5 HOH 4   2004 2004 HOH HOH A . 
E 5 HOH 5   2005 2005 HOH HOH A . 
E 5 HOH 6   2006 2006 HOH HOH A . 
E 5 HOH 7   2007 2007 HOH HOH A . 
E 5 HOH 8   2008 2008 HOH HOH A . 
E 5 HOH 9   2009 2009 HOH HOH A . 
E 5 HOH 10  2010 2010 HOH HOH A . 
E 5 HOH 11  2011 2011 HOH HOH A . 
E 5 HOH 12  2012 2012 HOH HOH A . 
E 5 HOH 13  2013 2013 HOH HOH A . 
E 5 HOH 14  2014 2014 HOH HOH A . 
E 5 HOH 15  2015 2015 HOH HOH A . 
E 5 HOH 16  2016 2016 HOH HOH A . 
E 5 HOH 17  2017 2017 HOH HOH A . 
E 5 HOH 18  2018 2018 HOH HOH A . 
E 5 HOH 19  2019 2019 HOH HOH A . 
E 5 HOH 20  2020 2020 HOH HOH A . 
E 5 HOH 21  2021 2021 HOH HOH A . 
E 5 HOH 22  2022 2022 HOH HOH A . 
E 5 HOH 23  2023 2023 HOH HOH A . 
E 5 HOH 24  2024 2024 HOH HOH A . 
E 5 HOH 25  2025 2025 HOH HOH A . 
E 5 HOH 26  2026 2026 HOH HOH A . 
E 5 HOH 27  2027 2027 HOH HOH A . 
E 5 HOH 28  2028 2028 HOH HOH A . 
E 5 HOH 29  2029 2029 HOH HOH A . 
E 5 HOH 30  2030 2030 HOH HOH A . 
E 5 HOH 31  2031 2031 HOH HOH A . 
E 5 HOH 32  2032 2032 HOH HOH A . 
E 5 HOH 33  2033 2033 HOH HOH A . 
E 5 HOH 34  2034 2034 HOH HOH A . 
E 5 HOH 35  2035 2035 HOH HOH A . 
E 5 HOH 36  2036 2036 HOH HOH A . 
E 5 HOH 37  2037 2037 HOH HOH A . 
E 5 HOH 38  2038 2038 HOH HOH A . 
E 5 HOH 39  2039 2039 HOH HOH A . 
E 5 HOH 40  2040 2040 HOH HOH A . 
E 5 HOH 41  2041 2041 HOH HOH A . 
E 5 HOH 42  2042 2042 HOH HOH A . 
E 5 HOH 43  2043 2043 HOH HOH A . 
E 5 HOH 44  2044 2044 HOH HOH A . 
E 5 HOH 45  2045 2045 HOH HOH A . 
E 5 HOH 46  2046 2046 HOH HOH A . 
E 5 HOH 47  2047 2047 HOH HOH A . 
E 5 HOH 48  2048 2048 HOH HOH A . 
E 5 HOH 49  2049 2049 HOH HOH A . 
E 5 HOH 50  2050 2050 HOH HOH A . 
E 5 HOH 51  2051 2051 HOH HOH A . 
E 5 HOH 52  2052 2052 HOH HOH A . 
E 5 HOH 53  2053 2053 HOH HOH A . 
E 5 HOH 54  2054 2054 HOH HOH A . 
E 5 HOH 55  2055 2055 HOH HOH A . 
E 5 HOH 56  2056 2056 HOH HOH A . 
E 5 HOH 57  2057 2057 HOH HOH A . 
E 5 HOH 58  2058 2058 HOH HOH A . 
E 5 HOH 59  2059 2059 HOH HOH A . 
E 5 HOH 60  2060 2060 HOH HOH A . 
E 5 HOH 61  2061 2061 HOH HOH A . 
E 5 HOH 62  2062 2062 HOH HOH A . 
E 5 HOH 63  2063 2063 HOH HOH A . 
E 5 HOH 64  2064 2064 HOH HOH A . 
E 5 HOH 65  2065 2065 HOH HOH A . 
E 5 HOH 66  2066 2066 HOH HOH A . 
E 5 HOH 67  2067 2067 HOH HOH A . 
E 5 HOH 68  2068 2068 HOH HOH A . 
E 5 HOH 69  2069 2069 HOH HOH A . 
E 5 HOH 70  2070 2070 HOH HOH A . 
E 5 HOH 71  2071 2071 HOH HOH A . 
E 5 HOH 72  2072 2072 HOH HOH A . 
E 5 HOH 73  2073 2073 HOH HOH A . 
E 5 HOH 74  2074 2074 HOH HOH A . 
E 5 HOH 75  2075 2075 HOH HOH A . 
E 5 HOH 76  2076 2076 HOH HOH A . 
E 5 HOH 77  2077 2077 HOH HOH A . 
E 5 HOH 78  2078 2078 HOH HOH A . 
E 5 HOH 79  2079 2079 HOH HOH A . 
E 5 HOH 80  2080 2080 HOH HOH A . 
E 5 HOH 81  2081 2081 HOH HOH A . 
E 5 HOH 82  2082 2082 HOH HOH A . 
E 5 HOH 83  2083 2083 HOH HOH A . 
E 5 HOH 84  2084 2084 HOH HOH A . 
E 5 HOH 85  2085 2085 HOH HOH A . 
E 5 HOH 86  2086 2086 HOH HOH A . 
E 5 HOH 87  2087 2087 HOH HOH A . 
E 5 HOH 88  2088 2088 HOH HOH A . 
E 5 HOH 89  2089 2089 HOH HOH A . 
E 5 HOH 90  2090 2090 HOH HOH A . 
E 5 HOH 91  2091 2091 HOH HOH A . 
E 5 HOH 92  2092 2092 HOH HOH A . 
E 5 HOH 93  2093 2093 HOH HOH A . 
E 5 HOH 94  2094 2094 HOH HOH A . 
E 5 HOH 95  2095 2095 HOH HOH A . 
E 5 HOH 96  2096 2096 HOH HOH A . 
E 5 HOH 97  2097 2097 HOH HOH A . 
E 5 HOH 98  2098 2098 HOH HOH A . 
E 5 HOH 99  2099 2099 HOH HOH A . 
E 5 HOH 100 2100 2100 HOH HOH A . 
E 5 HOH 101 2101 2101 HOH HOH A . 
E 5 HOH 102 2102 2102 HOH HOH A . 
E 5 HOH 103 2103 2103 HOH HOH A . 
E 5 HOH 104 2104 2104 HOH HOH A . 
E 5 HOH 105 2105 2105 HOH HOH A . 
E 5 HOH 106 2106 2106 HOH HOH A . 
E 5 HOH 107 2107 2107 HOH HOH A . 
E 5 HOH 108 2108 2108 HOH HOH A . 
E 5 HOH 109 2109 2109 HOH HOH A . 
E 5 HOH 110 2110 2110 HOH HOH A . 
E 5 HOH 111 2111 2111 HOH HOH A . 
E 5 HOH 112 2112 2112 HOH HOH A . 
E 5 HOH 113 2113 2113 HOH HOH A . 
E 5 HOH 114 2114 2114 HOH HOH A . 
E 5 HOH 115 2115 2115 HOH HOH A . 
E 5 HOH 116 2116 2116 HOH HOH A . 
E 5 HOH 117 2117 2117 HOH HOH A . 
E 5 HOH 118 2118 2118 HOH HOH A . 
# 
_pdbx_struct_assembly.id                   1 
_pdbx_struct_assembly.details              author_and_software_defined_assembly 
_pdbx_struct_assembly.method_details       PQS 
_pdbx_struct_assembly.oligomeric_details   monomeric 
_pdbx_struct_assembly.oligomeric_count     1 
# 
_pdbx_struct_assembly_gen.assembly_id       1 
_pdbx_struct_assembly_gen.oper_expression   1 
_pdbx_struct_assembly_gen.asym_id_list      A,B,C,D,E 
# 
_pdbx_struct_oper_list.id                   1 
_pdbx_struct_oper_list.type                 'identity operation' 
_pdbx_struct_oper_list.name                 1_555 
_pdbx_struct_oper_list.symmetry_operation   x,y,z 
_pdbx_struct_oper_list.matrix[1][1]         1.0000000000 
_pdbx_struct_oper_list.matrix[1][2]         0.0000000000 
_pdbx_struct_oper_list.matrix[1][3]         0.0000000000 
_pdbx_struct_oper_list.vector[1]            0.0000000000 
_pdbx_struct_oper_list.matrix[2][1]         0.0000000000 
_pdbx_struct_oper_list.matrix[2][2]         1.0000000000 
_pdbx_struct_oper_list.matrix[2][3]         0.0000000000 
_pdbx_struct_oper_list.vector[2]            0.0000000000 
_pdbx_struct_oper_list.matrix[3][1]         0.0000000000 
_pdbx_struct_oper_list.matrix[3][2]         0.0000000000 
_pdbx_struct_oper_list.matrix[3][3]         1.0000000000 
_pdbx_struct_oper_list.vector[3]            0.0000000000 
# 
loop_
_pdbx_struct_special_symmetry.id 
_pdbx_struct_special_symmetry.PDB_model_num 
_pdbx_struct_special_symmetry.auth_asym_id 
_pdbx_struct_special_symmetry.auth_comp_id 
_pdbx_struct_special_symmetry.auth_seq_id 
_pdbx_struct_special_symmetry.PDB_ins_code 
_pdbx_struct_special_symmetry.label_asym_id 
_pdbx_struct_special_symmetry.label_comp_id 
_pdbx_struct_special_symmetry.label_seq_id 
1 1 A HOH 2004 ? E HOH . 
2 1 A HOH 2038 ? E HOH . 
# 
loop_
_pdbx_struct_conn_angle.id 
_pdbx_struct_conn_angle.ptnr1_label_atom_id 
_pdbx_struct_conn_angle.ptnr1_label_alt_id 
_pdbx_struct_conn_angle.ptnr1_label_asym_id 
_pdbx_struct_conn_angle.ptnr1_label_comp_id 
_pdbx_struct_conn_angle.ptnr1_label_seq_id 
_pdbx_struct_conn_angle.ptnr1_auth_atom_id 
_pdbx_struct_conn_angle.ptnr1_auth_asym_id 
_pdbx_struct_conn_angle.ptnr1_auth_comp_id 
_pdbx_struct_conn_angle.ptnr1_auth_seq_id 
_pdbx_struct_conn_angle.ptnr1_PDB_ins_code 
_pdbx_struct_conn_angle.ptnr1_symmetry 
_pdbx_struct_conn_angle.ptnr2_label_atom_id 
_pdbx_struct_conn_angle.ptnr2_label_alt_id 
_pdbx_struct_conn_angle.ptnr2_label_asym_id 
_pdbx_struct_conn_angle.ptnr2_label_comp_id 
_pdbx_struct_conn_angle.ptnr2_label_seq_id 
_pdbx_struct_conn_angle.ptnr2_auth_atom_id 
_pdbx_struct_conn_angle.ptnr2_auth_asym_id 
_pdbx_struct_conn_angle.ptnr2_auth_comp_id 
_pdbx_struct_conn_angle.ptnr2_auth_seq_id 
_pdbx_struct_conn_angle.ptnr2_PDB_ins_code 
_pdbx_struct_conn_angle.ptnr2_symmetry 
_pdbx_struct_conn_angle.ptnr3_label_atom_id 
_pdbx_struct_conn_angle.ptnr3_label_alt_id 
_pdbx_struct_conn_angle.ptnr3_label_asym_id 
_pdbx_struct_conn_angle.ptnr3_label_comp_id 
_pdbx_struct_conn_angle.ptnr3_label_seq_id 
_pdbx_struct_conn_angle.ptnr3_auth_atom_id 
_pdbx_struct_conn_angle.ptnr3_auth_asym_id 
_pdbx_struct_conn_angle.ptnr3_auth_comp_id 
_pdbx_struct_conn_angle.ptnr3_auth_seq_id 
_pdbx_struct_conn_angle.ptnr3_PDB_ins_code 
_pdbx_struct_conn_angle.ptnr3_symmetry 
_pdbx_struct_conn_angle.value 
_pdbx_struct_conn_angle.value_esd 
1 ND1 ? A HIS 40 ? A HIS 40 ? 1_555 CU ? B CU . ? A CU 1123 ? 1_555 SG  ? A CYS 78 ? A CYS 78 ? 1_555 130.1 ? 
2 ND1 ? A HIS 40 ? A HIS 40 ? 1_555 CU ? B CU . ? A CU 1123 ? 1_555 ND1 ? A HIS 81 ? A HIS 81 ? 1_555 88.9  ? 
3 SG  ? A CYS 78 ? A CYS 78 ? 1_555 CU ? B CU . ? A CU 1123 ? 1_555 ND1 ? A HIS 81 ? A HIS 81 ? 1_555 100.6 ? 
4 ND1 ? A HIS 40 ? A HIS 40 ? 1_555 CU ? B CU . ? A CU 1123 ? 1_555 SD  ? A MET 84 ? A MET 84 ? 1_555 94.5  ? 
5 SG  ? A CYS 78 ? A CYS 78 ? 1_555 CU ? B CU . ? A CU 1123 ? 1_555 SD  ? A MET 84 ? A MET 84 ? 1_555 122.5 ? 
6 ND1 ? A HIS 81 ? A HIS 81 ? 1_555 CU ? B CU . ? A CU 1123 ? 1_555 SD  ? A MET 84 ? A MET 84 ? 1_555 116.6 ? 
# 
loop_
_pdbx_audit_revision_history.ordinal 
_pdbx_audit_revision_history.data_content_type 
_pdbx_audit_revision_history.major_revision 
_pdbx_audit_revision_history.minor_revision 
_pdbx_audit_revision_history.revision_date 
1 'Structure model' 1 0 2007-08-21 
2 'Structure model' 1 1 2011-05-08 
3 'Structure model' 1 2 2011-07-13 
4 'Structure model' 1 3 2019-05-08 
5 'Structure model' 1 4 2019-09-25 
6 'Structure model' 1 5 2023-12-13 
# 
_pdbx_audit_revision_details.ordinal             1 
_pdbx_audit_revision_details.revision_ordinal    1 
_pdbx_audit_revision_details.data_content_type   'Structure model' 
_pdbx_audit_revision_details.provider            repository 
_pdbx_audit_revision_details.type                'Initial release' 
_pdbx_audit_revision_details.description         ? 
_pdbx_audit_revision_details.details             ? 
# 
loop_
_pdbx_audit_revision_group.ordinal 
_pdbx_audit_revision_group.revision_ordinal 
_pdbx_audit_revision_group.data_content_type 
_pdbx_audit_revision_group.group 
1  2 'Structure model' 'Version format compliance' 
2  3 'Structure model' 'Version format compliance' 
3  4 'Structure model' 'Data collection'           
4  4 'Structure model' 'Experimental preparation'  
5  4 'Structure model' Other                       
6  5 'Structure model' 'Data collection'           
7  5 'Structure model' 'Database references'       
8  5 'Structure model' Other                       
9  6 'Structure model' 'Data collection'           
10 6 'Structure model' 'Database references'       
11 6 'Structure model' 'Derived calculations'      
12 6 'Structure model' 'Refinement description'    
# 
loop_
_pdbx_audit_revision_category.ordinal 
_pdbx_audit_revision_category.revision_ordinal 
_pdbx_audit_revision_category.data_content_type 
_pdbx_audit_revision_category.category 
1  4 'Structure model' database_PDB_rev              
2  4 'Structure model' database_PDB_rev_record       
3  4 'Structure model' exptl_crystal_grow            
4  4 'Structure model' pdbx_database_proc            
5  4 'Structure model' pdbx_database_status          
6  5 'Structure model' citation                      
7  5 'Structure model' pdbx_database_status          
8  5 'Structure model' reflns                        
9  6 'Structure model' chem_comp_atom                
10 6 'Structure model' chem_comp_bond                
11 6 'Structure model' database_2                    
12 6 'Structure model' pdbx_initial_refinement_model 
13 6 'Structure model' struct_conn                   
# 
loop_
_pdbx_audit_revision_item.ordinal 
_pdbx_audit_revision_item.revision_ordinal 
_pdbx_audit_revision_item.data_content_type 
_pdbx_audit_revision_item.item 
1  4 'Structure model' '_exptl_crystal_grow.method'                  
2  4 'Structure model' '_pdbx_database_status.recvd_author_approval' 
3  5 'Structure model' '_citation.page_last'                         
4  5 'Structure model' '_citation.pdbx_database_id_DOI'              
5  5 'Structure model' '_citation.title'                             
6  5 'Structure model' '_pdbx_database_status.status_code_sf'        
7  5 'Structure model' '_reflns.pdbx_Rmerge_I_obs'                   
8  6 'Structure model' '_database_2.pdbx_DOI'                        
9  6 'Structure model' '_database_2.pdbx_database_accession'         
10 6 'Structure model' '_struct_conn.ptnr1_auth_comp_id'             
11 6 'Structure model' '_struct_conn.ptnr1_auth_seq_id'              
12 6 'Structure model' '_struct_conn.ptnr1_label_asym_id'            
13 6 'Structure model' '_struct_conn.ptnr1_label_atom_id'            
14 6 'Structure model' '_struct_conn.ptnr1_label_comp_id'            
15 6 'Structure model' '_struct_conn.ptnr1_label_seq_id'             
16 6 'Structure model' '_struct_conn.ptnr2_auth_comp_id'             
17 6 'Structure model' '_struct_conn.ptnr2_auth_seq_id'              
18 6 'Structure model' '_struct_conn.ptnr2_label_asym_id'            
19 6 'Structure model' '_struct_conn.ptnr2_label_atom_id'            
20 6 'Structure model' '_struct_conn.ptnr2_label_comp_id'            
21 6 'Structure model' '_struct_conn.ptnr2_label_seq_id'             
# 
_pdbx_refine_tls.pdbx_refine_id   'X-RAY DIFFRACTION' 
_pdbx_refine_tls.id               1 
_pdbx_refine_tls.details          ? 
_pdbx_refine_tls.method           refined 
_pdbx_refine_tls.origin_x         -0.3401 
_pdbx_refine_tls.origin_y         0.5139 
_pdbx_refine_tls.origin_z         0.2230 
_pdbx_refine_tls.T[1][1]          -0.0502 
_pdbx_refine_tls.T[2][2]          -0.0206 
_pdbx_refine_tls.T[3][3]          -0.0488 
_pdbx_refine_tls.T[1][2]          -0.0241 
_pdbx_refine_tls.T[1][3]          -0.0051 
_pdbx_refine_tls.T[2][3]          -0.0283 
_pdbx_refine_tls.L[1][1]          1.4843 
_pdbx_refine_tls.L[2][2]          1.4821 
_pdbx_refine_tls.L[3][3]          0.8078 
_pdbx_refine_tls.L[1][2]          -0.3672 
_pdbx_refine_tls.L[1][3]          -0.5589 
_pdbx_refine_tls.L[2][3]          0.3050 
_pdbx_refine_tls.S[1][1]          -0.0498 
_pdbx_refine_tls.S[1][2]          0.1778 
_pdbx_refine_tls.S[1][3]          -0.0858 
_pdbx_refine_tls.S[2][1]          0.0795 
_pdbx_refine_tls.S[2][2]          -0.0268 
_pdbx_refine_tls.S[2][3]          0.1190 
_pdbx_refine_tls.S[3][1]          0.0612 
_pdbx_refine_tls.S[3][2]          -0.0585 
_pdbx_refine_tls.S[3][3]          0.0767 
# 
_pdbx_refine_tls_group.pdbx_refine_id      'X-RAY DIFFRACTION' 
_pdbx_refine_tls_group.id                  1 
_pdbx_refine_tls_group.refine_tls_id       1 
_pdbx_refine_tls_group.beg_auth_asym_id    A 
_pdbx_refine_tls_group.beg_auth_seq_id     1 
_pdbx_refine_tls_group.beg_label_asym_id   ? 
_pdbx_refine_tls_group.beg_label_seq_id    ? 
_pdbx_refine_tls_group.end_auth_asym_id    A 
_pdbx_refine_tls_group.end_auth_seq_id     123 
_pdbx_refine_tls_group.end_label_asym_id   ? 
_pdbx_refine_tls_group.end_label_seq_id    ? 
_pdbx_refine_tls_group.selection           ? 
_pdbx_refine_tls_group.selection_details   ? 
# 
loop_
_software.name 
_software.classification 
_software.version 
_software.citation_id 
_software.pdbx_ordinal 
_software.date 
_software.type 
_software.location 
_software.language 
REFMAC    refinement       5.2.0019 ? 1 ? ? ? ? 
HKL-2000  'data reduction' .        ? 2 ? ? ? ? 
SCALEPACK 'data scaling'   .        ? 3 ? ? ? ? 
MOLREP    phasing          .        ? 4 ? ? ? ? 
# 
_pdbx_entry_details.entry_id                 2UX7 
_pdbx_entry_details.compound_details         ? 
_pdbx_entry_details.source_details           ? 
_pdbx_entry_details.nonpolymer_details       ? 
_pdbx_entry_details.sequence_details         
;THE SEQUENCE OF THE MATURE PROTEIN PRESENT IN THE CRYSTALS
STARTS ALA29 AND HAS 125 RESIDUES. RESIDUES BETWEEN 109 AND
114 WERE DELETED AND REPLACED BY PRO PHE
;
_pdbx_entry_details.has_ligand_of_interest   ? 
# 
_pdbx_validate_close_contact.id               1 
_pdbx_validate_close_contact.PDB_model_num    1 
_pdbx_validate_close_contact.auth_atom_id_1   OE2 
_pdbx_validate_close_contact.auth_asym_id_1   A 
_pdbx_validate_close_contact.auth_comp_id_1   GLU 
_pdbx_validate_close_contact.auth_seq_id_1    43 
_pdbx_validate_close_contact.PDB_ins_code_1   ? 
_pdbx_validate_close_contact.label_alt_id_1   ? 
_pdbx_validate_close_contact.auth_atom_id_2   OG1 
_pdbx_validate_close_contact.auth_asym_id_2   A 
_pdbx_validate_close_contact.auth_comp_id_2   THR 
_pdbx_validate_close_contact.auth_seq_id_2    79 
_pdbx_validate_close_contact.PDB_ins_code_2   ? 
_pdbx_validate_close_contact.label_alt_id_2   ? 
_pdbx_validate_close_contact.dist             2.07 
# 
_pdbx_validate_symm_contact.id                1 
_pdbx_validate_symm_contact.PDB_model_num     1 
_pdbx_validate_symm_contact.auth_atom_id_1    O 
_pdbx_validate_symm_contact.auth_asym_id_1    A 
_pdbx_validate_symm_contact.auth_comp_id_1    HOH 
_pdbx_validate_symm_contact.auth_seq_id_1     2067 
_pdbx_validate_symm_contact.PDB_ins_code_1    ? 
_pdbx_validate_symm_contact.label_alt_id_1    ? 
_pdbx_validate_symm_contact.site_symmetry_1   1_555 
_pdbx_validate_symm_contact.auth_atom_id_2    O 
_pdbx_validate_symm_contact.auth_asym_id_2    A 
_pdbx_validate_symm_contact.auth_comp_id_2    HOH 
_pdbx_validate_symm_contact.auth_seq_id_2     2067 
_pdbx_validate_symm_contact.PDB_ins_code_2    ? 
_pdbx_validate_symm_contact.label_alt_id_2    ? 
_pdbx_validate_symm_contact.site_symmetry_2   11_566 
_pdbx_validate_symm_contact.dist              1.01 
# 
loop_
_pdbx_validate_torsion.id 
_pdbx_validate_torsion.PDB_model_num 
_pdbx_validate_torsion.auth_comp_id 
_pdbx_validate_torsion.auth_asym_id 
_pdbx_validate_torsion.auth_seq_id 
_pdbx_validate_torsion.PDB_ins_code 
_pdbx_validate_torsion.label_alt_id 
_pdbx_validate_torsion.phi 
_pdbx_validate_torsion.psi 
1 1 MET A 16 ? ? 61.30 83.78 
2 1 ASN A 61 ? ? 76.50 -0.79 
# 
loop_
_chem_comp_atom.comp_id 
_chem_comp_atom.atom_id 
_chem_comp_atom.type_symbol 
_chem_comp_atom.pdbx_aromatic_flag 
_chem_comp_atom.pdbx_stereo_config 
_chem_comp_atom.pdbx_ordinal 
ALA N    N  N N 1   
ALA CA   C  N S 2   
ALA C    C  N N 3   
ALA O    O  N N 4   
ALA CB   C  N N 5   
ALA OXT  O  N N 6   
ALA H    H  N N 7   
ALA H2   H  N N 8   
ALA HA   H  N N 9   
ALA HB1  H  N N 10  
ALA HB2  H  N N 11  
ALA HB3  H  N N 12  
ALA HXT  H  N N 13  
ARG N    N  N N 14  
ARG CA   C  N S 15  
ARG C    C  N N 16  
ARG O    O  N N 17  
ARG CB   C  N N 18  
ARG CG   C  N N 19  
ARG CD   C  N N 20  
ARG NE   N  N N 21  
ARG CZ   C  N N 22  
ARG NH1  N  N N 23  
ARG NH2  N  N N 24  
ARG OXT  O  N N 25  
ARG H    H  N N 26  
ARG H2   H  N N 27  
ARG HA   H  N N 28  
ARG HB2  H  N N 29  
ARG HB3  H  N N 30  
ARG HG2  H  N N 31  
ARG HG3  H  N N 32  
ARG HD2  H  N N 33  
ARG HD3  H  N N 34  
ARG HE   H  N N 35  
ARG HH11 H  N N 36  
ARG HH12 H  N N 37  
ARG HH21 H  N N 38  
ARG HH22 H  N N 39  
ARG HXT  H  N N 40  
ASN N    N  N N 41  
ASN CA   C  N S 42  
ASN C    C  N N 43  
ASN O    O  N N 44  
ASN CB   C  N N 45  
ASN CG   C  N N 46  
ASN OD1  O  N N 47  
ASN ND2  N  N N 48  
ASN OXT  O  N N 49  
ASN H    H  N N 50  
ASN H2   H  N N 51  
ASN HA   H  N N 52  
ASN HB2  H  N N 53  
ASN HB3  H  N N 54  
ASN HD21 H  N N 55  
ASN HD22 H  N N 56  
ASN HXT  H  N N 57  
ASP N    N  N N 58  
ASP CA   C  N S 59  
ASP C    C  N N 60  
ASP O    O  N N 61  
ASP CB   C  N N 62  
ASP CG   C  N N 63  
ASP OD1  O  N N 64  
ASP OD2  O  N N 65  
ASP OXT  O  N N 66  
ASP H    H  N N 67  
ASP H2   H  N N 68  
ASP HA   H  N N 69  
ASP HB2  H  N N 70  
ASP HB3  H  N N 71  
ASP HD2  H  N N 72  
ASP HXT  H  N N 73  
CL  CL   CL N N 74  
CU  CU   CU N N 75  
CYS N    N  N N 76  
CYS CA   C  N R 77  
CYS C    C  N N 78  
CYS O    O  N N 79  
CYS CB   C  N N 80  
CYS SG   S  N N 81  
CYS OXT  O  N N 82  
CYS H    H  N N 83  
CYS H2   H  N N 84  
CYS HA   H  N N 85  
CYS HB2  H  N N 86  
CYS HB3  H  N N 87  
CYS HG   H  N N 88  
CYS HXT  H  N N 89  
GLN N    N  N N 90  
GLN CA   C  N S 91  
GLN C    C  N N 92  
GLN O    O  N N 93  
GLN CB   C  N N 94  
GLN CG   C  N N 95  
GLN CD   C  N N 96  
GLN OE1  O  N N 97  
GLN NE2  N  N N 98  
GLN OXT  O  N N 99  
GLN H    H  N N 100 
GLN H2   H  N N 101 
GLN HA   H  N N 102 
GLN HB2  H  N N 103 
GLN HB3  H  N N 104 
GLN HG2  H  N N 105 
GLN HG3  H  N N 106 
GLN HE21 H  N N 107 
GLN HE22 H  N N 108 
GLN HXT  H  N N 109 
GLU N    N  N N 110 
GLU CA   C  N S 111 
GLU C    C  N N 112 
GLU O    O  N N 113 
GLU CB   C  N N 114 
GLU CG   C  N N 115 
GLU CD   C  N N 116 
GLU OE1  O  N N 117 
GLU OE2  O  N N 118 
GLU OXT  O  N N 119 
GLU H    H  N N 120 
GLU H2   H  N N 121 
GLU HA   H  N N 122 
GLU HB2  H  N N 123 
GLU HB3  H  N N 124 
GLU HG2  H  N N 125 
GLU HG3  H  N N 126 
GLU HE2  H  N N 127 
GLU HXT  H  N N 128 
GLY N    N  N N 129 
GLY CA   C  N N 130 
GLY C    C  N N 131 
GLY O    O  N N 132 
GLY OXT  O  N N 133 
GLY H    H  N N 134 
GLY H2   H  N N 135 
GLY HA2  H  N N 136 
GLY HA3  H  N N 137 
GLY HXT  H  N N 138 
GOL C1   C  N N 139 
GOL O1   O  N N 140 
GOL C2   C  N N 141 
GOL O2   O  N N 142 
GOL C3   C  N N 143 
GOL O3   O  N N 144 
GOL H11  H  N N 145 
GOL H12  H  N N 146 
GOL HO1  H  N N 147 
GOL H2   H  N N 148 
GOL HO2  H  N N 149 
GOL H31  H  N N 150 
GOL H32  H  N N 151 
GOL HO3  H  N N 152 
HIS N    N  N N 153 
HIS CA   C  N S 154 
HIS C    C  N N 155 
HIS O    O  N N 156 
HIS CB   C  N N 157 
HIS CG   C  Y N 158 
HIS ND1  N  Y N 159 
HIS CD2  C  Y N 160 
HIS CE1  C  Y N 161 
HIS NE2  N  Y N 162 
HIS OXT  O  N N 163 
HIS H    H  N N 164 
HIS H2   H  N N 165 
HIS HA   H  N N 166 
HIS HB2  H  N N 167 
HIS HB3  H  N N 168 
HIS HD1  H  N N 169 
HIS HD2  H  N N 170 
HIS HE1  H  N N 171 
HIS HE2  H  N N 172 
HIS HXT  H  N N 173 
HOH O    O  N N 174 
HOH H1   H  N N 175 
HOH H2   H  N N 176 
ILE N    N  N N 177 
ILE CA   C  N S 178 
ILE C    C  N N 179 
ILE O    O  N N 180 
ILE CB   C  N S 181 
ILE CG1  C  N N 182 
ILE CG2  C  N N 183 
ILE CD1  C  N N 184 
ILE OXT  O  N N 185 
ILE H    H  N N 186 
ILE H2   H  N N 187 
ILE HA   H  N N 188 
ILE HB   H  N N 189 
ILE HG12 H  N N 190 
ILE HG13 H  N N 191 
ILE HG21 H  N N 192 
ILE HG22 H  N N 193 
ILE HG23 H  N N 194 
ILE HD11 H  N N 195 
ILE HD12 H  N N 196 
ILE HD13 H  N N 197 
ILE HXT  H  N N 198 
LEU N    N  N N 199 
LEU CA   C  N S 200 
LEU C    C  N N 201 
LEU O    O  N N 202 
LEU CB   C  N N 203 
LEU CG   C  N N 204 
LEU CD1  C  N N 205 
LEU CD2  C  N N 206 
LEU OXT  O  N N 207 
LEU H    H  N N 208 
LEU H2   H  N N 209 
LEU HA   H  N N 210 
LEU HB2  H  N N 211 
LEU HB3  H  N N 212 
LEU HG   H  N N 213 
LEU HD11 H  N N 214 
LEU HD12 H  N N 215 
LEU HD13 H  N N 216 
LEU HD21 H  N N 217 
LEU HD22 H  N N 218 
LEU HD23 H  N N 219 
LEU HXT  H  N N 220 
LYS N    N  N N 221 
LYS CA   C  N S 222 
LYS C    C  N N 223 
LYS O    O  N N 224 
LYS CB   C  N N 225 
LYS CG   C  N N 226 
LYS CD   C  N N 227 
LYS CE   C  N N 228 
LYS NZ   N  N N 229 
LYS OXT  O  N N 230 
LYS H    H  N N 231 
LYS H2   H  N N 232 
LYS HA   H  N N 233 
LYS HB2  H  N N 234 
LYS HB3  H  N N 235 
LYS HG2  H  N N 236 
LYS HG3  H  N N 237 
LYS HD2  H  N N 238 
LYS HD3  H  N N 239 
LYS HE2  H  N N 240 
LYS HE3  H  N N 241 
LYS HZ1  H  N N 242 
LYS HZ2  H  N N 243 
LYS HZ3  H  N N 244 
LYS HXT  H  N N 245 
MET N    N  N N 246 
MET CA   C  N S 247 
MET C    C  N N 248 
MET O    O  N N 249 
MET CB   C  N N 250 
MET CG   C  N N 251 
MET SD   S  N N 252 
MET CE   C  N N 253 
MET OXT  O  N N 254 
MET H    H  N N 255 
MET H2   H  N N 256 
MET HA   H  N N 257 
MET HB2  H  N N 258 
MET HB3  H  N N 259 
MET HG2  H  N N 260 
MET HG3  H  N N 261 
MET HE1  H  N N 262 
MET HE2  H  N N 263 
MET HE3  H  N N 264 
MET HXT  H  N N 265 
PHE N    N  N N 266 
PHE CA   C  N S 267 
PHE C    C  N N 268 
PHE O    O  N N 269 
PHE CB   C  N N 270 
PHE CG   C  Y N 271 
PHE CD1  C  Y N 272 
PHE CD2  C  Y N 273 
PHE CE1  C  Y N 274 
PHE CE2  C  Y N 275 
PHE CZ   C  Y N 276 
PHE OXT  O  N N 277 
PHE H    H  N N 278 
PHE H2   H  N N 279 
PHE HA   H  N N 280 
PHE HB2  H  N N 281 
PHE HB3  H  N N 282 
PHE HD1  H  N N 283 
PHE HD2  H  N N 284 
PHE HE1  H  N N 285 
PHE HE2  H  N N 286 
PHE HZ   H  N N 287 
PHE HXT  H  N N 288 
PRO N    N  N N 289 
PRO CA   C  N S 290 
PRO C    C  N N 291 
PRO O    O  N N 292 
PRO CB   C  N N 293 
PRO CG   C  N N 294 
PRO CD   C  N N 295 
PRO OXT  O  N N 296 
PRO H    H  N N 297 
PRO HA   H  N N 298 
PRO HB2  H  N N 299 
PRO HB3  H  N N 300 
PRO HG2  H  N N 301 
PRO HG3  H  N N 302 
PRO HD2  H  N N 303 
PRO HD3  H  N N 304 
PRO HXT  H  N N 305 
SER N    N  N N 306 
SER CA   C  N S 307 
SER C    C  N N 308 
SER O    O  N N 309 
SER CB   C  N N 310 
SER OG   O  N N 311 
SER OXT  O  N N 312 
SER H    H  N N 313 
SER H2   H  N N 314 
SER HA   H  N N 315 
SER HB2  H  N N 316 
SER HB3  H  N N 317 
SER HG   H  N N 318 
SER HXT  H  N N 319 
THR N    N  N N 320 
THR CA   C  N S 321 
THR C    C  N N 322 
THR O    O  N N 323 
THR CB   C  N R 324 
THR OG1  O  N N 325 
THR CG2  C  N N 326 
THR OXT  O  N N 327 
THR H    H  N N 328 
THR H2   H  N N 329 
THR HA   H  N N 330 
THR HB   H  N N 331 
THR HG1  H  N N 332 
THR HG21 H  N N 333 
THR HG22 H  N N 334 
THR HG23 H  N N 335 
THR HXT  H  N N 336 
TYR N    N  N N 337 
TYR CA   C  N S 338 
TYR C    C  N N 339 
TYR O    O  N N 340 
TYR CB   C  N N 341 
TYR CG   C  Y N 342 
TYR CD1  C  Y N 343 
TYR CD2  C  Y N 344 
TYR CE1  C  Y N 345 
TYR CE2  C  Y N 346 
TYR CZ   C  Y N 347 
TYR OH   O  N N 348 
TYR OXT  O  N N 349 
TYR H    H  N N 350 
TYR H2   H  N N 351 
TYR HA   H  N N 352 
TYR HB2  H  N N 353 
TYR HB3  H  N N 354 
TYR HD1  H  N N 355 
TYR HD2  H  N N 356 
TYR HE1  H  N N 357 
TYR HE2  H  N N 358 
TYR HH   H  N N 359 
TYR HXT  H  N N 360 
VAL N    N  N N 361 
VAL CA   C  N S 362 
VAL C    C  N N 363 
VAL O    O  N N 364 
VAL CB   C  N N 365 
VAL CG1  C  N N 366 
VAL CG2  C  N N 367 
VAL OXT  O  N N 368 
VAL H    H  N N 369 
VAL H2   H  N N 370 
VAL HA   H  N N 371 
VAL HB   H  N N 372 
VAL HG11 H  N N 373 
VAL HG12 H  N N 374 
VAL HG13 H  N N 375 
VAL HG21 H  N N 376 
VAL HG22 H  N N 377 
VAL HG23 H  N N 378 
VAL HXT  H  N N 379 
# 
loop_
_chem_comp_bond.comp_id 
_chem_comp_bond.atom_id_1 
_chem_comp_bond.atom_id_2 
_chem_comp_bond.value_order 
_chem_comp_bond.pdbx_aromatic_flag 
_chem_comp_bond.pdbx_stereo_config 
_chem_comp_bond.pdbx_ordinal 
ALA N   CA   sing N N 1   
ALA N   H    sing N N 2   
ALA N   H2   sing N N 3   
ALA CA  C    sing N N 4   
ALA CA  CB   sing N N 5   
ALA CA  HA   sing N N 6   
ALA C   O    doub N N 7   
ALA C   OXT  sing N N 8   
ALA CB  HB1  sing N N 9   
ALA CB  HB2  sing N N 10  
ALA CB  HB3  sing N N 11  
ALA OXT HXT  sing N N 12  
ARG N   CA   sing N N 13  
ARG N   H    sing N N 14  
ARG N   H2   sing N N 15  
ARG CA  C    sing N N 16  
ARG CA  CB   sing N N 17  
ARG CA  HA   sing N N 18  
ARG C   O    doub N N 19  
ARG C   OXT  sing N N 20  
ARG CB  CG   sing N N 21  
ARG CB  HB2  sing N N 22  
ARG CB  HB3  sing N N 23  
ARG CG  CD   sing N N 24  
ARG CG  HG2  sing N N 25  
ARG CG  HG3  sing N N 26  
ARG CD  NE   sing N N 27  
ARG CD  HD2  sing N N 28  
ARG CD  HD3  sing N N 29  
ARG NE  CZ   sing N N 30  
ARG NE  HE   sing N N 31  
ARG CZ  NH1  sing N N 32  
ARG CZ  NH2  doub N N 33  
ARG NH1 HH11 sing N N 34  
ARG NH1 HH12 sing N N 35  
ARG NH2 HH21 sing N N 36  
ARG NH2 HH22 sing N N 37  
ARG OXT HXT  sing N N 38  
ASN N   CA   sing N N 39  
ASN N   H    sing N N 40  
ASN N   H2   sing N N 41  
ASN CA  C    sing N N 42  
ASN CA  CB   sing N N 43  
ASN CA  HA   sing N N 44  
ASN C   O    doub N N 45  
ASN C   OXT  sing N N 46  
ASN CB  CG   sing N N 47  
ASN CB  HB2  sing N N 48  
ASN CB  HB3  sing N N 49  
ASN CG  OD1  doub N N 50  
ASN CG  ND2  sing N N 51  
ASN ND2 HD21 sing N N 52  
ASN ND2 HD22 sing N N 53  
ASN OXT HXT  sing N N 54  
ASP N   CA   sing N N 55  
ASP N   H    sing N N 56  
ASP N   H2   sing N N 57  
ASP CA  C    sing N N 58  
ASP CA  CB   sing N N 59  
ASP CA  HA   sing N N 60  
ASP C   O    doub N N 61  
ASP C   OXT  sing N N 62  
ASP CB  CG   sing N N 63  
ASP CB  HB2  sing N N 64  
ASP CB  HB3  sing N N 65  
ASP CG  OD1  doub N N 66  
ASP CG  OD2  sing N N 67  
ASP OD2 HD2  sing N N 68  
ASP OXT HXT  sing N N 69  
CYS N   CA   sing N N 70  
CYS N   H    sing N N 71  
CYS N   H2   sing N N 72  
CYS CA  C    sing N N 73  
CYS CA  CB   sing N N 74  
CYS CA  HA   sing N N 75  
CYS C   O    doub N N 76  
CYS C   OXT  sing N N 77  
CYS CB  SG   sing N N 78  
CYS CB  HB2  sing N N 79  
CYS CB  HB3  sing N N 80  
CYS SG  HG   sing N N 81  
CYS OXT HXT  sing N N 82  
GLN N   CA   sing N N 83  
GLN N   H    sing N N 84  
GLN N   H2   sing N N 85  
GLN CA  C    sing N N 86  
GLN CA  CB   sing N N 87  
GLN CA  HA   sing N N 88  
GLN C   O    doub N N 89  
GLN C   OXT  sing N N 90  
GLN CB  CG   sing N N 91  
GLN CB  HB2  sing N N 92  
GLN CB  HB3  sing N N 93  
GLN CG  CD   sing N N 94  
GLN CG  HG2  sing N N 95  
GLN CG  HG3  sing N N 96  
GLN CD  OE1  doub N N 97  
GLN CD  NE2  sing N N 98  
GLN NE2 HE21 sing N N 99  
GLN NE2 HE22 sing N N 100 
GLN OXT HXT  sing N N 101 
GLU N   CA   sing N N 102 
GLU N   H    sing N N 103 
GLU N   H2   sing N N 104 
GLU CA  C    sing N N 105 
GLU CA  CB   sing N N 106 
GLU CA  HA   sing N N 107 
GLU C   O    doub N N 108 
GLU C   OXT  sing N N 109 
GLU CB  CG   sing N N 110 
GLU CB  HB2  sing N N 111 
GLU CB  HB3  sing N N 112 
GLU CG  CD   sing N N 113 
GLU CG  HG2  sing N N 114 
GLU CG  HG3  sing N N 115 
GLU CD  OE1  doub N N 116 
GLU CD  OE2  sing N N 117 
GLU OE2 HE2  sing N N 118 
GLU OXT HXT  sing N N 119 
GLY N   CA   sing N N 120 
GLY N   H    sing N N 121 
GLY N   H2   sing N N 122 
GLY CA  C    sing N N 123 
GLY CA  HA2  sing N N 124 
GLY CA  HA3  sing N N 125 
GLY C   O    doub N N 126 
GLY C   OXT  sing N N 127 
GLY OXT HXT  sing N N 128 
GOL C1  O1   sing N N 129 
GOL C1  C2   sing N N 130 
GOL C1  H11  sing N N 131 
GOL C1  H12  sing N N 132 
GOL O1  HO1  sing N N 133 
GOL C2  O2   sing N N 134 
GOL C2  C3   sing N N 135 
GOL C2  H2   sing N N 136 
GOL O2  HO2  sing N N 137 
GOL C3  O3   sing N N 138 
GOL C3  H31  sing N N 139 
GOL C3  H32  sing N N 140 
GOL O3  HO3  sing N N 141 
HIS N   CA   sing N N 142 
HIS N   H    sing N N 143 
HIS N   H2   sing N N 144 
HIS CA  C    sing N N 145 
HIS CA  CB   sing N N 146 
HIS CA  HA   sing N N 147 
HIS C   O    doub N N 148 
HIS C   OXT  sing N N 149 
HIS CB  CG   sing N N 150 
HIS CB  HB2  sing N N 151 
HIS CB  HB3  sing N N 152 
HIS CG  ND1  sing Y N 153 
HIS CG  CD2  doub Y N 154 
HIS ND1 CE1  doub Y N 155 
HIS ND1 HD1  sing N N 156 
HIS CD2 NE2  sing Y N 157 
HIS CD2 HD2  sing N N 158 
HIS CE1 NE2  sing Y N 159 
HIS CE1 HE1  sing N N 160 
HIS NE2 HE2  sing N N 161 
HIS OXT HXT  sing N N 162 
HOH O   H1   sing N N 163 
HOH O   H2   sing N N 164 
ILE N   CA   sing N N 165 
ILE N   H    sing N N 166 
ILE N   H2   sing N N 167 
ILE CA  C    sing N N 168 
ILE CA  CB   sing N N 169 
ILE CA  HA   sing N N 170 
ILE C   O    doub N N 171 
ILE C   OXT  sing N N 172 
ILE CB  CG1  sing N N 173 
ILE CB  CG2  sing N N 174 
ILE CB  HB   sing N N 175 
ILE CG1 CD1  sing N N 176 
ILE CG1 HG12 sing N N 177 
ILE CG1 HG13 sing N N 178 
ILE CG2 HG21 sing N N 179 
ILE CG2 HG22 sing N N 180 
ILE CG2 HG23 sing N N 181 
ILE CD1 HD11 sing N N 182 
ILE CD1 HD12 sing N N 183 
ILE CD1 HD13 sing N N 184 
ILE OXT HXT  sing N N 185 
LEU N   CA   sing N N 186 
LEU N   H    sing N N 187 
LEU N   H2   sing N N 188 
LEU CA  C    sing N N 189 
LEU CA  CB   sing N N 190 
LEU CA  HA   sing N N 191 
LEU C   O    doub N N 192 
LEU C   OXT  sing N N 193 
LEU CB  CG   sing N N 194 
LEU CB  HB2  sing N N 195 
LEU CB  HB3  sing N N 196 
LEU CG  CD1  sing N N 197 
LEU CG  CD2  sing N N 198 
LEU CG  HG   sing N N 199 
LEU CD1 HD11 sing N N 200 
LEU CD1 HD12 sing N N 201 
LEU CD1 HD13 sing N N 202 
LEU CD2 HD21 sing N N 203 
LEU CD2 HD22 sing N N 204 
LEU CD2 HD23 sing N N 205 
LEU OXT HXT  sing N N 206 
LYS N   CA   sing N N 207 
LYS N   H    sing N N 208 
LYS N   H2   sing N N 209 
LYS CA  C    sing N N 210 
LYS CA  CB   sing N N 211 
LYS CA  HA   sing N N 212 
LYS C   O    doub N N 213 
LYS C   OXT  sing N N 214 
LYS CB  CG   sing N N 215 
LYS CB  HB2  sing N N 216 
LYS CB  HB3  sing N N 217 
LYS CG  CD   sing N N 218 
LYS CG  HG2  sing N N 219 
LYS CG  HG3  sing N N 220 
LYS CD  CE   sing N N 221 
LYS CD  HD2  sing N N 222 
LYS CD  HD3  sing N N 223 
LYS CE  NZ   sing N N 224 
LYS CE  HE2  sing N N 225 
LYS CE  HE3  sing N N 226 
LYS NZ  HZ1  sing N N 227 
LYS NZ  HZ2  sing N N 228 
LYS NZ  HZ3  sing N N 229 
LYS OXT HXT  sing N N 230 
MET N   CA   sing N N 231 
MET N   H    sing N N 232 
MET N   H2   sing N N 233 
MET CA  C    sing N N 234 
MET CA  CB   sing N N 235 
MET CA  HA   sing N N 236 
MET C   O    doub N N 237 
MET C   OXT  sing N N 238 
MET CB  CG   sing N N 239 
MET CB  HB2  sing N N 240 
MET CB  HB3  sing N N 241 
MET CG  SD   sing N N 242 
MET CG  HG2  sing N N 243 
MET CG  HG3  sing N N 244 
MET SD  CE   sing N N 245 
MET CE  HE1  sing N N 246 
MET CE  HE2  sing N N 247 
MET CE  HE3  sing N N 248 
MET OXT HXT  sing N N 249 
PHE N   CA   sing N N 250 
PHE N   H    sing N N 251 
PHE N   H2   sing N N 252 
PHE CA  C    sing N N 253 
PHE CA  CB   sing N N 254 
PHE CA  HA   sing N N 255 
PHE C   O    doub N N 256 
PHE C   OXT  sing N N 257 
PHE CB  CG   sing N N 258 
PHE CB  HB2  sing N N 259 
PHE CB  HB3  sing N N 260 
PHE CG  CD1  doub Y N 261 
PHE CG  CD2  sing Y N 262 
PHE CD1 CE1  sing Y N 263 
PHE CD1 HD1  sing N N 264 
PHE CD2 CE2  doub Y N 265 
PHE CD2 HD2  sing N N 266 
PHE CE1 CZ   doub Y N 267 
PHE CE1 HE1  sing N N 268 
PHE CE2 CZ   sing Y N 269 
PHE CE2 HE2  sing N N 270 
PHE CZ  HZ   sing N N 271 
PHE OXT HXT  sing N N 272 
PRO N   CA   sing N N 273 
PRO N   CD   sing N N 274 
PRO N   H    sing N N 275 
PRO CA  C    sing N N 276 
PRO CA  CB   sing N N 277 
PRO CA  HA   sing N N 278 
PRO C   O    doub N N 279 
PRO C   OXT  sing N N 280 
PRO CB  CG   sing N N 281 
PRO CB  HB2  sing N N 282 
PRO CB  HB3  sing N N 283 
PRO CG  CD   sing N N 284 
PRO CG  HG2  sing N N 285 
PRO CG  HG3  sing N N 286 
PRO CD  HD2  sing N N 287 
PRO CD  HD3  sing N N 288 
PRO OXT HXT  sing N N 289 
SER N   CA   sing N N 290 
SER N   H    sing N N 291 
SER N   H2   sing N N 292 
SER CA  C    sing N N 293 
SER CA  CB   sing N N 294 
SER CA  HA   sing N N 295 
SER C   O    doub N N 296 
SER C   OXT  sing N N 297 
SER CB  OG   sing N N 298 
SER CB  HB2  sing N N 299 
SER CB  HB3  sing N N 300 
SER OG  HG   sing N N 301 
SER OXT HXT  sing N N 302 
THR N   CA   sing N N 303 
THR N   H    sing N N 304 
THR N   H2   sing N N 305 
THR CA  C    sing N N 306 
THR CA  CB   sing N N 307 
THR CA  HA   sing N N 308 
THR C   O    doub N N 309 
THR C   OXT  sing N N 310 
THR CB  OG1  sing N N 311 
THR CB  CG2  sing N N 312 
THR CB  HB   sing N N 313 
THR OG1 HG1  sing N N 314 
THR CG2 HG21 sing N N 315 
THR CG2 HG22 sing N N 316 
THR CG2 HG23 sing N N 317 
THR OXT HXT  sing N N 318 
TYR N   CA   sing N N 319 
TYR N   H    sing N N 320 
TYR N   H2   sing N N 321 
TYR CA  C    sing N N 322 
TYR CA  CB   sing N N 323 
TYR CA  HA   sing N N 324 
TYR C   O    doub N N 325 
TYR C   OXT  sing N N 326 
TYR CB  CG   sing N N 327 
TYR CB  HB2  sing N N 328 
TYR CB  HB3  sing N N 329 
TYR CG  CD1  doub Y N 330 
TYR CG  CD2  sing Y N 331 
TYR CD1 CE1  sing Y N 332 
TYR CD1 HD1  sing N N 333 
TYR CD2 CE2  doub Y N 334 
TYR CD2 HD2  sing N N 335 
TYR CE1 CZ   doub Y N 336 
TYR CE1 HE1  sing N N 337 
TYR CE2 CZ   sing Y N 338 
TYR CE2 HE2  sing N N 339 
TYR CZ  OH   sing N N 340 
TYR OH  HH   sing N N 341 
TYR OXT HXT  sing N N 342 
VAL N   CA   sing N N 343 
VAL N   H    sing N N 344 
VAL N   H2   sing N N 345 
VAL CA  C    sing N N 346 
VAL CA  CB   sing N N 347 
VAL CA  HA   sing N N 348 
VAL C   O    doub N N 349 
VAL C   OXT  sing N N 350 
VAL CB  CG1  sing N N 351 
VAL CB  CG2  sing N N 352 
VAL CB  HB   sing N N 353 
VAL CG1 HG11 sing N N 354 
VAL CG1 HG12 sing N N 355 
VAL CG1 HG13 sing N N 356 
VAL CG2 HG21 sing N N 357 
VAL CG2 HG22 sing N N 358 
VAL CG2 HG23 sing N N 359 
VAL OXT HXT  sing N N 360 
# 
loop_
_pdbx_entity_nonpoly.entity_id 
_pdbx_entity_nonpoly.name 
_pdbx_entity_nonpoly.comp_id 
2 'COPPER (II) ION' CU  
3 GLYCEROL          GOL 
4 'CHLORIDE ION'    CL  
5 water             HOH 
# 
_pdbx_initial_refinement_model.id               1 
_pdbx_initial_refinement_model.entity_id_list   ? 
_pdbx_initial_refinement_model.type             'experimental model' 
_pdbx_initial_refinement_model.source_name      PDB 
_pdbx_initial_refinement_model.accession_code   1BQK 
_pdbx_initial_refinement_model.details          'PDB ENTRY 1BQK' 
# 
